data_2JWH
#
_entry.id   2JWH
#
_entity_poly.entity_id   1
_entity_poly.type   'polypeptide(L)'
_entity_poly.pdbx_seq_one_letter_code
;GTKASKSGVPVTQTQTAGADTTAEKCKGKGEKDCKSPDCKWEGGTCKD
;
_entity_poly.pdbx_strand_id   A
#
# COMPACT_ATOMS: atom_id res chain seq x y z
N GLY A 1 -10.51 20.65 30.97
CA GLY A 1 -10.46 22.04 30.45
C GLY A 1 -9.06 22.62 30.56
N THR A 2 -8.97 23.89 30.94
CA THR A 2 -7.69 24.55 31.10
C THR A 2 -6.94 23.97 32.30
N LYS A 3 -5.73 23.48 32.05
CA LYS A 3 -4.93 22.82 33.07
C LYS A 3 -3.48 22.67 32.60
N ALA A 4 -3.31 22.50 31.30
CA ALA A 4 -1.98 22.35 30.71
C ALA A 4 -1.95 22.91 29.29
N SER A 5 -3.06 22.74 28.58
CA SER A 5 -3.19 23.20 27.20
C SER A 5 -2.13 22.56 26.30
N LYS A 6 -1.85 21.28 26.57
CA LYS A 6 -0.93 20.49 25.76
C LYS A 6 -0.88 19.05 26.24
N SER A 7 -1.02 18.85 27.56
CA SER A 7 -0.98 17.53 28.19
C SER A 7 0.40 16.89 28.12
N GLY A 8 0.84 16.30 29.23
CA GLY A 8 2.13 15.66 29.27
C GLY A 8 2.21 14.51 28.29
N VAL A 9 1.20 13.65 28.33
CA VAL A 9 1.11 12.55 27.36
C VAL A 9 0.36 12.99 26.11
N PRO A 10 0.73 12.44 24.95
CA PRO A 10 0.12 12.81 23.66
C PRO A 10 -1.36 12.47 23.61
N VAL A 11 -1.75 11.40 24.32
CA VAL A 11 -3.14 10.95 24.36
C VAL A 11 -3.62 10.58 22.95
N THR A 12 -2.86 9.73 22.28
CA THR A 12 -3.17 9.31 20.92
C THR A 12 -4.48 8.51 20.89
N GLN A 13 -5.40 8.93 20.05
CA GLN A 13 -6.69 8.27 19.93
C GLN A 13 -6.57 7.02 19.07
N THR A 14 -6.02 7.19 17.86
CA THR A 14 -5.87 6.10 16.91
C THR A 14 -5.03 6.54 15.71
N GLN A 15 -4.18 5.64 15.23
CA GLN A 15 -3.33 5.93 14.08
C GLN A 15 -3.18 4.70 13.20
N THR A 16 -4.31 4.08 12.89
CA THR A 16 -4.39 2.90 12.00
C THR A 16 -3.26 1.89 12.28
N ALA A 17 -3.09 1.57 13.57
CA ALA A 17 -2.05 0.65 14.01
C ALA A 17 -2.31 -0.78 13.53
N GLY A 18 -3.59 -1.12 13.37
CA GLY A 18 -3.95 -2.45 12.93
C GLY A 18 -3.53 -2.72 11.49
N ALA A 19 -3.77 -1.74 10.63
CA ALA A 19 -3.41 -1.85 9.22
C ALA A 19 -1.89 -1.87 9.07
N ASP A 20 -1.41 -2.49 7.99
CA ASP A 20 0.02 -2.55 7.69
C ASP A 20 0.52 -1.23 7.10
N THR A 21 -0.03 -0.12 7.60
CA THR A 21 0.29 1.23 7.13
C THR A 21 -0.24 1.47 5.71
N THR A 22 0.17 0.63 4.77
CA THR A 22 -0.35 0.65 3.43
C THR A 22 -0.20 -0.73 2.80
N ALA A 23 -1.28 -1.47 2.72
CA ALA A 23 -1.26 -2.81 2.18
C ALA A 23 -1.14 -2.77 0.66
N GLU A 24 0.08 -2.66 0.16
CA GLU A 24 0.32 -2.58 -1.28
C GLU A 24 0.17 -3.93 -1.97
N LYS A 25 -0.65 -4.76 -1.36
CA LYS A 25 -1.08 -5.99 -1.98
C LYS A 25 -2.34 -5.72 -2.78
N CYS A 26 -3.05 -4.68 -2.37
CA CYS A 26 -4.23 -4.22 -3.08
C CYS A 26 -3.83 -3.51 -4.35
N LYS A 27 -2.82 -2.66 -4.23
CA LYS A 27 -2.32 -1.88 -5.35
C LYS A 27 -1.81 -2.80 -6.45
N GLY A 28 -2.42 -2.72 -7.62
CA GLY A 28 -2.03 -3.60 -8.71
C GLY A 28 -3.15 -4.54 -9.11
N LYS A 29 -4.04 -4.82 -8.18
CA LYS A 29 -5.17 -5.72 -8.44
C LYS A 29 -6.18 -5.09 -9.39
N GLY A 30 -6.75 -5.93 -10.24
CA GLY A 30 -7.86 -5.49 -11.07
C GLY A 30 -9.14 -5.44 -10.26
N GLU A 31 -10.21 -4.98 -10.90
CA GLU A 31 -11.50 -4.86 -10.21
C GLU A 31 -11.95 -6.20 -9.63
N LYS A 32 -11.80 -7.27 -10.41
CA LYS A 32 -12.19 -8.60 -9.96
C LYS A 32 -11.33 -9.06 -8.79
N ASP A 33 -10.03 -8.77 -8.86
CA ASP A 33 -9.09 -9.20 -7.82
C ASP A 33 -9.35 -8.43 -6.53
N CYS A 34 -9.56 -7.13 -6.68
CA CYS A 34 -9.74 -6.24 -5.54
C CYS A 34 -10.96 -6.66 -4.72
N LYS A 35 -10.72 -7.15 -3.51
CA LYS A 35 -11.80 -7.46 -2.60
C LYS A 35 -12.22 -6.19 -1.88
N SER A 36 -13.50 -5.87 -1.92
CA SER A 36 -14.00 -4.64 -1.31
C SER A 36 -13.76 -4.60 0.21
N PRO A 37 -14.10 -5.67 0.97
CA PRO A 37 -13.85 -5.70 2.42
C PRO A 37 -12.37 -5.53 2.74
N ASP A 38 -11.52 -5.95 1.81
CA ASP A 38 -10.08 -5.89 1.97
C ASP A 38 -9.51 -4.55 1.54
N CYS A 39 -9.95 -4.07 0.38
CA CYS A 39 -9.36 -2.88 -0.23
C CYS A 39 -10.46 -2.02 -0.87
N LYS A 40 -10.26 -0.71 -0.84
CA LYS A 40 -11.22 0.23 -1.40
C LYS A 40 -10.93 0.47 -2.88
N TRP A 41 -11.83 0.01 -3.74
CA TRP A 41 -11.69 0.20 -5.18
C TRP A 41 -12.21 1.57 -5.57
N GLU A 42 -11.31 2.50 -5.90
CA GLU A 42 -11.72 3.86 -6.25
C GLU A 42 -10.92 4.37 -7.44
N GLY A 43 -11.63 4.94 -8.40
CA GLY A 43 -11.01 5.53 -9.56
C GLY A 43 -10.21 4.53 -10.37
N GLY A 44 -10.77 3.33 -10.54
CA GLY A 44 -10.11 2.29 -11.29
C GLY A 44 -8.78 1.89 -10.68
N THR A 45 -8.71 1.89 -9.37
CA THR A 45 -7.48 1.56 -8.67
C THR A 45 -7.79 0.92 -7.32
N CYS A 46 -7.16 -0.21 -7.06
CA CYS A 46 -7.33 -0.91 -5.80
C CYS A 46 -6.33 -0.38 -4.80
N LYS A 47 -6.79 0.05 -3.64
CA LYS A 47 -5.92 0.69 -2.67
C LYS A 47 -6.39 0.48 -1.24
N ASP A 48 -5.42 0.30 -0.36
CA ASP A 48 -5.68 0.18 1.07
C ASP A 48 -5.63 1.55 1.71
N GLY A 1 6.23 22.23 3.34
CA GLY A 1 5.47 21.62 4.45
C GLY A 1 4.81 22.67 5.32
N THR A 2 3.63 22.36 5.82
CA THR A 2 2.89 23.28 6.65
C THR A 2 3.24 23.07 8.14
N LYS A 3 3.41 21.81 8.53
CA LYS A 3 3.73 21.47 9.91
C LYS A 3 5.09 22.00 10.30
N ALA A 4 5.15 22.68 11.43
CA ALA A 4 6.40 23.30 11.90
C ALA A 4 7.22 22.35 12.76
N SER A 5 7.36 21.10 12.31
CA SER A 5 8.19 20.14 13.01
C SER A 5 9.67 20.41 12.71
N LYS A 6 10.41 20.75 13.74
CA LYS A 6 11.80 21.18 13.56
C LYS A 6 12.73 20.00 13.29
N SER A 7 12.60 18.94 14.07
CA SER A 7 13.46 17.78 13.93
C SER A 7 12.96 16.85 12.83
N GLY A 8 12.69 17.42 11.67
CA GLY A 8 12.21 16.63 10.55
C GLY A 8 10.74 16.27 10.69
N VAL A 9 9.98 16.45 9.63
CA VAL A 9 8.57 16.09 9.64
C VAL A 9 8.40 14.59 9.41
N PRO A 10 7.66 13.91 10.31
CA PRO A 10 7.38 12.48 10.21
C PRO A 10 6.35 12.19 9.13
N VAL A 11 6.56 12.75 7.95
CA VAL A 11 5.63 12.65 6.83
C VAL A 11 5.75 11.30 6.12
N THR A 12 5.95 10.25 6.89
CA THR A 12 6.03 8.89 6.35
C THR A 12 4.63 8.36 6.05
N GLN A 13 3.85 9.12 5.28
CA GLN A 13 2.48 8.75 4.94
C GLN A 13 2.12 9.32 3.58
N THR A 14 3.12 9.53 2.74
CA THR A 14 2.92 10.07 1.41
C THR A 14 2.55 8.97 0.43
N GLN A 15 1.57 9.23 -0.41
CA GLN A 15 1.13 8.27 -1.40
C GLN A 15 2.11 8.22 -2.57
N THR A 16 2.52 7.00 -2.93
CA THR A 16 3.46 6.76 -4.03
C THR A 16 4.89 7.21 -3.69
N ALA A 17 5.05 8.49 -3.38
CA ALA A 17 6.36 9.02 -3.02
C ALA A 17 6.78 8.55 -1.63
N GLY A 18 7.70 7.60 -1.59
CA GLY A 18 8.13 7.02 -0.33
C GLY A 18 7.04 6.19 0.30
N ALA A 19 6.40 5.34 -0.51
CA ALA A 19 5.29 4.51 -0.07
C ALA A 19 5.76 3.33 0.78
N ASP A 20 6.72 3.59 1.66
CA ASP A 20 7.17 2.57 2.61
C ASP A 20 6.13 2.34 3.68
N THR A 21 5.37 3.38 3.97
CA THR A 21 4.27 3.30 4.93
C THR A 21 3.19 2.35 4.41
N THR A 22 2.96 2.38 3.11
CA THR A 22 1.95 1.55 2.49
C THR A 22 2.40 0.11 2.38
N ALA A 23 1.59 -0.79 2.92
CA ALA A 23 1.80 -2.22 2.75
C ALA A 23 1.08 -2.66 1.50
N GLU A 24 1.69 -2.41 0.35
CA GLU A 24 1.00 -2.60 -0.90
C GLU A 24 0.67 -4.07 -1.12
N LYS A 25 -0.62 -4.33 -1.25
CA LYS A 25 -1.15 -5.66 -1.45
C LYS A 25 -2.38 -5.54 -2.34
N CYS A 26 -3.15 -4.49 -2.10
CA CYS A 26 -4.27 -4.14 -2.95
C CYS A 26 -3.75 -3.59 -4.27
N LYS A 27 -2.61 -2.90 -4.18
CA LYS A 27 -1.97 -2.29 -5.35
C LYS A 27 -1.76 -3.32 -6.46
N GLY A 28 -2.21 -2.98 -7.66
CA GLY A 28 -2.01 -3.85 -8.80
C GLY A 28 -3.24 -4.66 -9.15
N LYS A 29 -4.12 -4.85 -8.18
CA LYS A 29 -5.31 -5.67 -8.38
C LYS A 29 -6.32 -5.00 -9.30
N GLY A 30 -6.89 -5.80 -10.19
CA GLY A 30 -8.00 -5.33 -10.99
C GLY A 30 -9.27 -5.29 -10.17
N GLU A 31 -10.36 -4.82 -10.76
CA GLU A 31 -11.62 -4.72 -10.03
C GLU A 31 -12.12 -6.10 -9.62
N LYS A 32 -12.03 -7.05 -10.55
CA LYS A 32 -12.42 -8.44 -10.30
C LYS A 32 -11.31 -9.21 -9.59
N ASP A 33 -10.64 -8.52 -8.69
CA ASP A 33 -9.58 -9.11 -7.88
C ASP A 33 -9.48 -8.34 -6.57
N CYS A 34 -9.59 -7.03 -6.68
CA CYS A 34 -9.60 -6.13 -5.54
C CYS A 34 -10.71 -6.53 -4.56
N LYS A 35 -10.31 -7.07 -3.42
CA LYS A 35 -11.25 -7.47 -2.40
C LYS A 35 -11.85 -6.24 -1.73
N SER A 36 -13.17 -6.19 -1.69
CA SER A 36 -13.87 -5.07 -1.08
C SER A 36 -13.66 -5.03 0.44
N PRO A 37 -13.80 -6.16 1.17
CA PRO A 37 -13.56 -6.18 2.61
C PRO A 37 -12.12 -5.81 2.96
N ASP A 38 -11.19 -6.25 2.12
CA ASP A 38 -9.77 -6.00 2.32
C ASP A 38 -9.37 -4.60 1.89
N CYS A 39 -9.92 -4.14 0.77
CA CYS A 39 -9.47 -2.89 0.16
C CYS A 39 -10.66 -2.01 -0.21
N LYS A 40 -10.50 -1.24 -1.27
CA LYS A 40 -11.58 -0.40 -1.79
C LYS A 40 -11.20 0.12 -3.16
N TRP A 41 -12.20 0.33 -4.00
CA TRP A 41 -11.95 0.76 -5.37
C TRP A 41 -12.12 2.26 -5.51
N GLU A 42 -11.17 2.91 -6.16
CA GLU A 42 -11.25 4.33 -6.43
C GLU A 42 -10.75 4.61 -7.84
N GLY A 43 -11.60 5.23 -8.65
CA GLY A 43 -11.25 5.49 -10.04
C GLY A 43 -11.07 4.21 -10.83
N GLY A 44 -9.84 3.74 -10.88
CA GLY A 44 -9.55 2.48 -11.49
C GLY A 44 -8.38 1.79 -10.80
N THR A 45 -8.29 1.97 -9.49
CA THR A 45 -7.21 1.38 -8.71
C THR A 45 -7.68 0.84 -7.37
N CYS A 46 -7.08 -0.26 -6.97
CA CYS A 46 -7.40 -0.89 -5.71
C CYS A 46 -6.65 -0.20 -4.57
N LYS A 47 -7.39 0.52 -3.75
CA LYS A 47 -6.83 1.29 -2.65
C LYS A 47 -6.67 0.42 -1.42
N ASP A 48 -5.55 0.58 -0.72
CA ASP A 48 -5.31 -0.14 0.51
C ASP A 48 -5.96 0.59 1.69
N GLY A 1 20.89 -4.65 1.06
CA GLY A 1 22.03 -3.70 0.92
C GLY A 1 23.02 -3.83 2.04
N THR A 2 24.30 -3.95 1.70
CA THR A 2 25.34 -4.14 2.69
C THR A 2 26.43 -3.08 2.55
N LYS A 3 26.02 -1.83 2.41
CA LYS A 3 26.96 -0.73 2.33
C LYS A 3 27.44 -0.37 3.73
N ALA A 4 28.76 -0.37 3.91
CA ALA A 4 29.35 -0.12 5.22
C ALA A 4 28.98 1.27 5.72
N SER A 5 28.22 1.31 6.80
CA SER A 5 27.74 2.56 7.36
C SER A 5 27.01 2.32 8.66
N LYS A 6 27.27 3.18 9.63
CA LYS A 6 26.59 3.11 10.92
C LYS A 6 25.12 3.47 10.72
N SER A 7 24.89 4.51 9.93
CA SER A 7 23.55 4.96 9.55
C SER A 7 23.67 6.00 8.44
N GLY A 8 22.79 5.93 7.45
CA GLY A 8 22.81 6.92 6.39
C GLY A 8 23.30 6.38 5.06
N VAL A 9 24.35 5.56 5.11
CA VAL A 9 24.99 5.00 3.91
C VAL A 9 25.74 6.10 3.12
N PRO A 10 27.06 5.92 2.91
CA PRO A 10 27.90 6.92 2.24
C PRO A 10 27.40 7.27 0.84
N VAL A 11 27.21 6.27 0.00
CA VAL A 11 26.72 6.49 -1.35
C VAL A 11 25.20 6.56 -1.41
N THR A 12 24.60 6.60 -0.22
CA THR A 12 23.15 6.68 -0.05
C THR A 12 22.43 5.64 -0.93
N GLN A 13 21.29 6.03 -1.53
CA GLN A 13 20.51 5.16 -2.41
C GLN A 13 20.24 3.79 -1.77
N THR A 14 21.09 2.81 -2.10
CA THR A 14 20.98 1.45 -1.57
C THR A 14 19.82 0.68 -2.20
N GLN A 15 18.62 1.23 -2.03
CA GLN A 15 17.41 0.63 -2.56
C GLN A 15 16.27 1.62 -2.47
N THR A 16 15.54 1.79 -3.56
CA THR A 16 14.45 2.76 -3.59
C THR A 16 13.59 2.55 -4.84
N ALA A 17 13.53 1.31 -5.31
CA ALA A 17 12.69 0.96 -6.44
C ALA A 17 11.22 0.97 -6.04
N GLY A 18 10.93 0.30 -4.93
CA GLY A 18 9.60 0.36 -4.36
C GLY A 18 9.45 1.53 -3.42
N ALA A 19 10.52 1.79 -2.67
CA ALA A 19 10.54 2.89 -1.70
C ALA A 19 9.42 2.73 -0.69
N ASP A 20 8.81 3.83 -0.30
CA ASP A 20 7.70 3.79 0.65
C ASP A 20 6.51 4.54 0.08
N THR A 21 6.29 4.37 -1.21
CA THR A 21 5.18 5.03 -1.89
C THR A 21 3.89 4.23 -1.71
N THR A 22 3.59 3.86 -0.47
CA THR A 22 2.43 3.04 -0.16
C THR A 22 2.59 1.64 -0.74
N ALA A 23 3.25 0.76 0.02
CA ALA A 23 3.43 -0.64 -0.41
C ALA A 23 2.16 -1.44 -0.25
N GLU A 24 1.05 -0.84 -0.63
CA GLU A 24 -0.24 -1.47 -0.50
C GLU A 24 -0.32 -2.65 -1.46
N LYS A 25 -0.55 -3.82 -0.90
CA LYS A 25 -0.55 -5.05 -1.68
C LYS A 25 -1.81 -5.17 -2.53
N CYS A 26 -2.89 -4.58 -2.05
CA CYS A 26 -4.14 -4.60 -2.80
C CYS A 26 -4.01 -3.71 -4.03
N LYS A 27 -3.19 -2.67 -3.89
CA LYS A 27 -2.85 -1.80 -5.00
C LYS A 27 -2.12 -2.61 -6.08
N GLY A 28 -2.84 -2.89 -7.15
CA GLY A 28 -2.34 -3.79 -8.16
C GLY A 28 -3.42 -4.76 -8.63
N LYS A 29 -4.30 -5.11 -7.71
CA LYS A 29 -5.43 -5.99 -8.01
C LYS A 29 -6.39 -5.29 -8.97
N GLY A 30 -6.96 -6.06 -9.89
CA GLY A 30 -7.91 -5.50 -10.84
C GLY A 30 -9.23 -5.14 -10.17
N GLU A 31 -10.19 -4.69 -10.96
CA GLU A 31 -11.48 -4.25 -10.43
C GLU A 31 -12.20 -5.40 -9.70
N LYS A 32 -12.20 -6.57 -10.33
CA LYS A 32 -12.82 -7.74 -9.73
C LYS A 32 -12.00 -8.24 -8.55
N ASP A 33 -10.68 -8.26 -8.73
CA ASP A 33 -9.76 -8.72 -7.70
C ASP A 33 -9.78 -7.82 -6.47
N CYS A 34 -10.05 -6.54 -6.70
CA CYS A 34 -10.12 -5.56 -5.62
C CYS A 34 -11.37 -5.82 -4.78
N LYS A 35 -11.22 -6.66 -3.77
CA LYS A 35 -12.33 -7.05 -2.92
C LYS A 35 -12.55 -6.02 -1.83
N SER A 36 -13.79 -5.83 -1.43
CA SER A 36 -14.12 -4.87 -0.39
C SER A 36 -13.44 -5.21 0.95
N PRO A 37 -13.51 -6.48 1.43
CA PRO A 37 -12.82 -6.87 2.66
C PRO A 37 -11.30 -6.77 2.51
N ASP A 38 -10.83 -6.91 1.28
CA ASP A 38 -9.41 -6.90 0.97
C ASP A 38 -8.88 -5.46 0.86
N CYS A 39 -9.66 -4.60 0.21
CA CYS A 39 -9.19 -3.27 -0.12
C CYS A 39 -10.35 -2.34 -0.45
N LYS A 40 -10.07 -1.36 -1.29
CA LYS A 40 -11.07 -0.40 -1.76
C LYS A 40 -10.73 0.02 -3.19
N TRP A 41 -11.71 -0.09 -4.07
CA TRP A 41 -11.51 0.30 -5.46
C TRP A 41 -11.84 1.78 -5.63
N GLU A 42 -10.86 2.57 -6.04
CA GLU A 42 -11.07 3.99 -6.24
C GLU A 42 -11.85 4.22 -7.53
N GLY A 43 -11.17 4.02 -8.65
CA GLY A 43 -11.81 4.17 -9.95
C GLY A 43 -10.84 3.84 -11.06
N GLY A 44 -10.05 2.80 -10.85
CA GLY A 44 -9.03 2.42 -11.81
C GLY A 44 -7.93 1.66 -11.12
N THR A 45 -7.67 1.99 -9.88
CA THR A 45 -6.62 1.36 -9.10
C THR A 45 -7.15 0.96 -7.72
N CYS A 46 -6.79 -0.23 -7.29
CA CYS A 46 -7.13 -0.73 -5.97
C CYS A 46 -6.23 -0.03 -4.95
N LYS A 47 -6.75 0.27 -3.76
CA LYS A 47 -6.00 1.01 -2.76
C LYS A 47 -6.79 1.17 -1.47
N ASP A 48 -6.17 0.78 -0.37
CA ASP A 48 -6.82 0.83 0.94
C ASP A 48 -6.29 2.02 1.71
N GLY A 1 9.98 11.06 -8.11
CA GLY A 1 9.67 11.10 -6.66
C GLY A 1 9.35 12.50 -6.20
N THR A 2 9.85 12.87 -5.03
CA THR A 2 9.63 14.21 -4.49
C THR A 2 10.94 14.84 -4.08
N LYS A 3 10.92 15.61 -2.99
CA LYS A 3 12.12 16.27 -2.50
C LYS A 3 13.06 15.27 -1.83
N ALA A 4 12.47 14.29 -1.14
CA ALA A 4 13.21 13.32 -0.34
C ALA A 4 13.95 14.05 0.77
N SER A 5 13.29 15.05 1.34
CA SER A 5 13.86 15.88 2.38
C SER A 5 13.94 15.12 3.69
N LYS A 6 15.09 15.22 4.34
CA LYS A 6 15.31 14.59 5.64
C LYS A 6 14.44 15.27 6.69
N SER A 7 14.31 16.59 6.55
CA SER A 7 13.48 17.39 7.45
C SER A 7 13.95 17.24 8.89
N GLY A 8 15.28 17.24 9.07
CA GLY A 8 15.86 17.02 10.37
C GLY A 8 15.80 15.56 10.79
N VAL A 9 14.60 15.02 10.87
CA VAL A 9 14.39 13.62 11.17
C VAL A 9 13.26 13.06 10.32
N PRO A 10 13.55 12.02 9.53
CA PRO A 10 12.56 11.41 8.64
C PRO A 10 11.46 10.70 9.43
N VAL A 11 10.23 10.91 9.01
CA VAL A 11 9.08 10.31 9.66
C VAL A 11 7.96 10.09 8.62
N THR A 12 8.31 9.33 7.59
CA THR A 12 7.43 9.05 6.46
C THR A 12 7.32 10.28 5.54
N GLN A 13 7.33 10.05 4.23
CA GLN A 13 7.33 11.13 3.24
C GLN A 13 5.99 11.85 3.17
N THR A 14 5.51 12.31 4.31
CA THR A 14 4.29 13.11 4.35
C THR A 14 4.67 14.60 4.40
N GLN A 15 5.52 15.01 3.49
CA GLN A 15 5.97 16.39 3.40
C GLN A 15 4.92 17.23 2.66
N THR A 16 5.35 17.89 1.59
CA THR A 16 4.44 18.64 0.74
C THR A 16 3.43 17.69 0.10
N ALA A 17 3.94 16.62 -0.50
CA ALA A 17 3.11 15.57 -1.04
C ALA A 17 2.72 14.58 0.06
N GLY A 18 1.52 14.02 -0.05
CA GLY A 18 1.04 13.08 0.94
C GLY A 18 1.89 11.82 1.00
N ALA A 19 2.02 11.26 2.20
CA ALA A 19 2.78 10.03 2.40
C ALA A 19 2.16 8.86 1.66
N ASP A 20 3.01 7.99 1.11
CA ASP A 20 2.55 6.82 0.38
C ASP A 20 2.04 5.74 1.34
N THR A 21 0.94 6.05 2.01
CA THR A 21 0.37 5.17 3.01
C THR A 21 -0.22 3.91 2.37
N THR A 22 -0.70 4.06 1.13
CA THR A 22 -1.35 2.98 0.42
C THR A 22 -0.46 1.75 0.32
N ALA A 23 -0.95 0.63 0.83
CA ALA A 23 -0.24 -0.63 0.71
C ALA A 23 -0.44 -1.20 -0.68
N GLU A 24 0.63 -1.64 -1.31
CA GLU A 24 0.57 -2.11 -2.68
C GLU A 24 0.48 -3.63 -2.74
N LYS A 25 -0.23 -4.19 -1.78
CA LYS A 25 -0.59 -5.59 -1.85
C LYS A 25 -1.85 -5.72 -2.68
N CYS A 26 -2.76 -4.79 -2.46
CA CYS A 26 -3.98 -4.68 -3.25
C CYS A 26 -3.79 -3.71 -4.42
N LYS A 27 -3.00 -2.66 -4.22
CA LYS A 27 -2.73 -1.71 -5.29
C LYS A 27 -2.11 -2.42 -6.49
N GLY A 28 -2.81 -2.40 -7.61
CA GLY A 28 -2.37 -3.12 -8.77
C GLY A 28 -3.40 -4.14 -9.23
N LYS A 29 -4.18 -4.64 -8.29
CA LYS A 29 -5.20 -5.63 -8.61
C LYS A 29 -6.37 -5.01 -9.34
N GLY A 30 -6.97 -5.77 -10.24
CA GLY A 30 -8.18 -5.35 -10.90
C GLY A 30 -9.40 -5.60 -10.03
N GLU A 31 -10.54 -5.13 -10.49
CA GLU A 31 -11.81 -5.33 -9.79
C GLU A 31 -12.16 -6.81 -9.71
N LYS A 32 -11.79 -7.56 -10.75
CA LYS A 32 -12.01 -8.99 -10.77
C LYS A 32 -10.90 -9.73 -10.02
N ASP A 33 -10.42 -9.13 -8.94
CA ASP A 33 -9.39 -9.73 -8.11
C ASP A 33 -9.37 -9.08 -6.74
N CYS A 34 -9.31 -7.76 -6.72
CA CYS A 34 -9.21 -7.01 -5.47
C CYS A 34 -10.52 -7.04 -4.71
N LYS A 35 -10.48 -7.57 -3.50
CA LYS A 35 -11.66 -7.62 -2.65
C LYS A 35 -11.96 -6.24 -2.08
N SER A 36 -13.16 -5.76 -2.35
CA SER A 36 -13.55 -4.40 -2.00
C SER A 36 -13.72 -4.18 -0.48
N PRO A 37 -14.38 -5.09 0.27
CA PRO A 37 -14.56 -4.91 1.71
C PRO A 37 -13.21 -4.75 2.43
N ASP A 38 -12.23 -5.56 2.00
CA ASP A 38 -10.91 -5.52 2.60
C ASP A 38 -10.07 -4.38 2.04
N CYS A 39 -10.11 -4.17 0.73
CA CYS A 39 -9.30 -3.14 0.11
C CYS A 39 -10.16 -2.14 -0.65
N LYS A 40 -9.87 -0.86 -0.45
CA LYS A 40 -10.65 0.22 -1.03
C LYS A 40 -10.56 0.21 -2.55
N TRP A 41 -11.69 0.45 -3.19
CA TRP A 41 -11.74 0.57 -4.63
C TRP A 41 -12.24 1.95 -5.01
N GLU A 42 -11.51 2.62 -5.89
CA GLU A 42 -11.86 3.98 -6.29
C GLU A 42 -11.00 4.42 -7.48
N GLY A 43 -11.66 4.98 -8.49
CA GLY A 43 -10.97 5.50 -9.66
C GLY A 43 -10.22 4.42 -10.44
N GLY A 44 -10.83 3.24 -10.51
CA GLY A 44 -10.23 2.14 -11.28
C GLY A 44 -8.87 1.73 -10.77
N THR A 45 -8.72 1.71 -9.44
CA THR A 45 -7.47 1.31 -8.83
C THR A 45 -7.72 0.95 -7.37
N CYS A 46 -7.05 -0.10 -6.92
CA CYS A 46 -7.24 -0.62 -5.58
C CYS A 46 -6.25 0.03 -4.62
N LYS A 47 -6.67 0.28 -3.40
CA LYS A 47 -5.81 0.93 -2.42
C LYS A 47 -6.16 0.46 -1.00
N ASP A 48 -5.15 0.39 -0.14
CA ASP A 48 -5.37 -0.04 1.23
C ASP A 48 -4.61 0.88 2.17
N GLY A 1 24.44 17.77 16.80
CA GLY A 1 23.33 16.88 17.22
C GLY A 1 23.10 16.96 18.72
N THR A 2 21.84 16.99 19.11
CA THR A 2 21.48 17.15 20.52
C THR A 2 20.03 16.74 20.75
N LYS A 3 19.78 16.12 21.92
CA LYS A 3 18.47 15.63 22.32
C LYS A 3 18.07 14.38 21.54
N ALA A 4 18.16 14.43 20.22
CA ALA A 4 17.84 13.30 19.35
C ALA A 4 16.42 12.80 19.60
N SER A 5 15.44 13.67 19.38
CA SER A 5 14.04 13.34 19.58
C SER A 5 13.64 12.18 18.68
N LYS A 6 12.87 11.25 19.23
CA LYS A 6 12.38 10.09 18.48
C LYS A 6 11.19 10.47 17.62
N SER A 7 11.39 11.47 16.77
CA SER A 7 10.36 11.98 15.89
C SER A 7 11.02 12.71 14.73
N GLY A 8 10.48 12.53 13.53
CA GLY A 8 11.08 13.15 12.36
C GLY A 8 10.08 13.25 11.23
N VAL A 9 8.88 13.70 11.55
CA VAL A 9 7.81 13.82 10.56
C VAL A 9 8.08 14.95 9.56
N PRO A 10 8.28 16.18 10.04
CA PRO A 10 8.49 17.36 9.22
C PRO A 10 9.97 17.73 9.09
N VAL A 11 10.25 19.05 9.06
CA VAL A 11 11.61 19.57 8.97
C VAL A 11 12.31 19.00 7.73
N THR A 12 11.68 19.21 6.57
CA THR A 12 12.17 18.69 5.30
C THR A 12 11.94 17.18 5.22
N GLN A 13 11.35 16.74 4.11
CA GLN A 13 10.98 15.34 3.94
C GLN A 13 12.20 14.45 3.69
N THR A 14 13.16 14.50 4.60
CA THR A 14 14.32 13.63 4.52
C THR A 14 13.98 12.25 5.08
N GLN A 15 13.51 12.24 6.32
CA GLN A 15 13.04 11.01 6.96
C GLN A 15 11.56 10.78 6.63
N THR A 16 10.79 11.87 6.72
CA THR A 16 9.37 11.84 6.39
C THR A 16 8.62 10.89 7.33
N ALA A 17 8.97 10.94 8.61
CA ALA A 17 8.39 10.07 9.66
C ALA A 17 8.82 8.62 9.51
N GLY A 18 8.74 8.09 8.31
CA GLY A 18 9.10 6.71 8.06
C GLY A 18 7.93 5.87 7.63
N ALA A 19 8.11 5.12 6.55
CA ALA A 19 7.08 4.25 5.98
C ALA A 19 5.93 5.05 5.36
N ASP A 20 5.58 4.70 4.13
CA ASP A 20 4.47 5.35 3.43
C ASP A 20 3.15 4.74 3.88
N THR A 21 2.12 5.55 3.98
CA THR A 21 0.79 5.07 4.33
C THR A 21 0.31 4.03 3.32
N THR A 22 0.62 4.26 2.05
CA THR A 22 0.28 3.33 1.00
C THR A 22 1.25 2.13 1.00
N ALA A 23 0.72 0.97 1.32
CA ALA A 23 1.52 -0.24 1.39
C ALA A 23 0.77 -1.42 0.79
N GLU A 24 -0.55 -1.35 0.89
CA GLU A 24 -1.43 -2.46 0.53
C GLU A 24 -1.01 -3.16 -0.75
N LYS A 25 -1.00 -4.48 -0.68
CA LYS A 25 -0.64 -5.34 -1.79
C LYS A 25 -1.81 -5.43 -2.77
N CYS A 26 -2.83 -4.63 -2.52
CA CYS A 26 -3.98 -4.53 -3.40
C CYS A 26 -3.59 -3.83 -4.68
N LYS A 27 -2.71 -2.84 -4.55
CA LYS A 27 -2.24 -2.06 -5.70
C LYS A 27 -1.71 -2.97 -6.80
N GLY A 28 -2.39 -2.94 -7.93
CA GLY A 28 -2.04 -3.82 -9.03
C GLY A 28 -3.21 -4.69 -9.44
N LYS A 29 -4.08 -4.98 -8.49
CA LYS A 29 -5.25 -5.80 -8.75
C LYS A 29 -6.37 -5.00 -9.40
N GLY A 30 -7.03 -5.60 -10.39
CA GLY A 30 -8.16 -4.97 -11.04
C GLY A 30 -9.41 -5.04 -10.18
N GLU A 31 -10.55 -4.68 -10.75
CA GLU A 31 -11.81 -4.67 -10.02
C GLU A 31 -12.19 -6.08 -9.55
N LYS A 32 -12.07 -7.05 -10.44
CA LYS A 32 -12.43 -8.43 -10.13
C LYS A 32 -11.52 -8.99 -9.04
N ASP A 33 -10.26 -8.58 -9.05
CA ASP A 33 -9.30 -9.03 -8.06
C ASP A 33 -9.46 -8.26 -6.75
N CYS A 34 -9.71 -6.96 -6.86
CA CYS A 34 -9.84 -6.10 -5.70
C CYS A 34 -10.97 -6.56 -4.79
N LYS A 35 -10.62 -6.99 -3.60
CA LYS A 35 -11.60 -7.41 -2.62
C LYS A 35 -12.06 -6.21 -1.81
N SER A 36 -13.36 -5.98 -1.78
CA SER A 36 -13.91 -4.82 -1.09
C SER A 36 -13.59 -4.81 0.41
N PRO A 37 -13.81 -5.93 1.15
CA PRO A 37 -13.50 -5.98 2.58
C PRO A 37 -12.02 -5.72 2.88
N ASP A 38 -11.19 -6.03 1.90
CA ASP A 38 -9.74 -5.86 2.05
C ASP A 38 -9.32 -4.45 1.65
N CYS A 39 -9.82 -3.98 0.52
CA CYS A 39 -9.43 -2.68 -0.01
C CYS A 39 -10.59 -1.98 -0.72
N LYS A 40 -10.54 -0.66 -0.73
CA LYS A 40 -11.56 0.15 -1.39
C LYS A 40 -11.17 0.39 -2.84
N TRP A 41 -12.10 0.17 -3.76
CA TRP A 41 -11.85 0.49 -5.14
C TRP A 41 -12.01 1.99 -5.36
N GLU A 42 -10.91 2.66 -5.68
CA GLU A 42 -10.92 4.10 -5.84
C GLU A 42 -11.60 4.49 -7.16
N GLY A 43 -11.20 3.82 -8.22
CA GLY A 43 -11.74 4.10 -9.53
C GLY A 43 -10.99 3.35 -10.60
N GLY A 44 -9.67 3.39 -10.53
CA GLY A 44 -8.85 2.66 -11.47
C GLY A 44 -7.64 2.04 -10.78
N THR A 45 -7.83 1.68 -9.51
CA THR A 45 -6.79 1.04 -8.74
C THR A 45 -7.36 0.54 -7.41
N CYS A 46 -6.84 -0.58 -6.95
CA CYS A 46 -7.24 -1.15 -5.68
C CYS A 46 -6.38 -0.54 -4.58
N LYS A 47 -6.98 -0.08 -3.50
CA LYS A 47 -6.25 0.67 -2.49
C LYS A 47 -6.95 0.64 -1.14
N ASP A 48 -6.18 0.78 -0.07
CA ASP A 48 -6.73 0.79 1.28
C ASP A 48 -7.52 2.06 1.54
N GLY A 1 10.80 -13.31 6.92
CA GLY A 1 9.50 -13.48 6.24
C GLY A 1 9.51 -14.64 5.28
N THR A 2 8.43 -15.40 5.27
CA THR A 2 8.33 -16.56 4.40
C THR A 2 6.86 -16.82 4.07
N LYS A 3 6.09 -15.73 4.00
CA LYS A 3 4.66 -15.79 3.69
C LYS A 3 3.93 -16.66 4.72
N ALA A 4 4.35 -16.57 5.97
CA ALA A 4 3.71 -17.31 7.05
C ALA A 4 2.43 -16.60 7.48
N SER A 5 2.59 -15.34 7.88
CA SER A 5 1.45 -14.50 8.20
C SER A 5 1.24 -13.50 7.05
N LYS A 6 0.70 -12.33 7.36
CA LYS A 6 0.59 -11.28 6.36
C LYS A 6 1.97 -10.70 6.09
N SER A 7 2.54 -11.02 4.94
CA SER A 7 3.89 -10.61 4.61
C SER A 7 4.17 -10.85 3.14
N GLY A 8 4.68 -9.84 2.46
CA GLY A 8 4.94 -9.93 1.04
C GLY A 8 6.16 -10.78 0.72
N VAL A 9 6.98 -10.28 -0.19
CA VAL A 9 8.16 -11.01 -0.65
C VAL A 9 9.18 -10.03 -1.21
N PRO A 10 10.48 -10.21 -0.88
CA PRO A 10 11.55 -9.32 -1.34
C PRO A 10 11.55 -9.18 -2.86
N VAL A 11 11.39 -10.32 -3.54
CA VAL A 11 11.26 -10.40 -5.00
C VAL A 11 12.28 -9.50 -5.74
N THR A 12 13.54 -9.64 -5.36
CA THR A 12 14.63 -8.90 -6.00
C THR A 12 14.42 -7.39 -5.86
N GLN A 13 13.86 -7.00 -4.72
CA GLN A 13 13.56 -5.61 -4.43
C GLN A 13 13.51 -5.43 -2.92
N THR A 14 14.51 -5.98 -2.25
CA THR A 14 14.59 -5.95 -0.80
C THR A 14 15.10 -4.60 -0.29
N GLN A 15 14.29 -3.57 -0.48
CA GLN A 15 14.66 -2.22 -0.09
C GLN A 15 14.84 -2.13 1.42
N THR A 16 13.84 -2.60 2.15
CA THR A 16 13.89 -2.63 3.61
C THR A 16 14.14 -1.22 4.18
N ALA A 17 13.44 -0.26 3.60
CA ALA A 17 13.57 1.13 4.00
C ALA A 17 12.68 1.44 5.20
N GLY A 18 11.45 0.94 5.14
CA GLY A 18 10.48 1.26 6.17
C GLY A 18 9.94 2.66 5.99
N ALA A 19 9.71 3.02 4.74
CA ALA A 19 9.21 4.34 4.40
C ALA A 19 8.44 4.29 3.10
N ASP A 20 7.68 3.23 2.92
CA ASP A 20 6.88 3.03 1.72
C ASP A 20 5.57 2.33 2.08
N THR A 21 4.88 2.86 3.09
CA THR A 21 3.61 2.31 3.52
C THR A 21 2.64 2.25 2.35
N THR A 22 2.62 3.32 1.56
CA THR A 22 1.87 3.38 0.32
C THR A 22 0.36 3.46 0.54
N ALA A 23 -0.15 2.60 1.42
CA ALA A 23 -1.59 2.52 1.72
C ALA A 23 -2.37 2.15 0.47
N GLU A 24 -1.69 1.45 -0.42
CA GLU A 24 -2.28 0.90 -1.61
C GLU A 24 -1.37 -0.18 -2.14
N LYS A 25 -0.88 -1.00 -1.21
CA LYS A 25 -0.08 -2.17 -1.56
C LYS A 25 -0.93 -3.16 -2.37
N CYS A 26 -2.23 -3.10 -2.14
CA CYS A 26 -3.19 -3.95 -2.83
C CYS A 26 -3.32 -3.52 -4.29
N LYS A 27 -2.70 -2.39 -4.64
CA LYS A 27 -2.70 -1.88 -6.00
C LYS A 27 -2.08 -2.89 -6.95
N GLY A 28 -2.78 -3.19 -8.02
CA GLY A 28 -2.32 -4.19 -8.94
C GLY A 28 -3.42 -5.16 -9.29
N LYS A 29 -4.27 -5.45 -8.31
CA LYS A 29 -5.41 -6.31 -8.53
C LYS A 29 -6.50 -5.58 -9.27
N GLY A 30 -7.13 -6.27 -10.21
CA GLY A 30 -8.25 -5.71 -10.93
C GLY A 30 -9.44 -5.48 -10.03
N GLU A 31 -10.47 -4.86 -10.55
CA GLU A 31 -11.66 -4.54 -9.77
C GLU A 31 -12.30 -5.79 -9.16
N LYS A 32 -12.28 -6.89 -9.90
CA LYS A 32 -12.83 -8.15 -9.41
C LYS A 32 -11.97 -8.71 -8.28
N ASP A 33 -10.66 -8.65 -8.47
CA ASP A 33 -9.71 -9.18 -7.48
C ASP A 33 -9.66 -8.27 -6.26
N CYS A 34 -9.69 -6.97 -6.51
CA CYS A 34 -9.72 -5.97 -5.45
C CYS A 34 -11.10 -5.94 -4.79
N LYS A 35 -11.40 -7.00 -4.03
CA LYS A 35 -12.69 -7.15 -3.39
C LYS A 35 -12.87 -6.03 -2.36
N SER A 36 -14.04 -5.42 -2.33
CA SER A 36 -14.27 -4.24 -1.48
C SER A 36 -13.93 -4.49 -0.02
N PRO A 37 -14.44 -5.55 0.64
CA PRO A 37 -14.12 -5.83 2.04
C PRO A 37 -12.62 -6.07 2.23
N ASP A 38 -12.00 -6.65 1.22
CA ASP A 38 -10.57 -6.95 1.25
C ASP A 38 -9.72 -5.71 1.01
N CYS A 39 -10.10 -4.91 0.01
CA CYS A 39 -9.32 -3.74 -0.38
C CYS A 39 -10.23 -2.65 -0.94
N LYS A 40 -9.85 -1.40 -0.72
CA LYS A 40 -10.62 -0.27 -1.22
C LYS A 40 -10.35 -0.04 -2.69
N TRP A 41 -11.40 0.07 -3.49
CA TRP A 41 -11.25 0.31 -4.92
C TRP A 41 -11.67 1.75 -5.25
N GLU A 42 -10.78 2.48 -5.91
CA GLU A 42 -11.08 3.84 -6.32
C GLU A 42 -11.79 3.83 -7.69
N GLY A 43 -11.33 4.66 -8.62
CA GLY A 43 -11.88 4.64 -9.96
C GLY A 43 -11.27 3.53 -10.80
N GLY A 44 -9.96 3.37 -10.66
CA GLY A 44 -9.25 2.36 -11.40
C GLY A 44 -7.93 2.01 -10.74
N THR A 45 -7.98 1.83 -9.42
CA THR A 45 -6.80 1.50 -8.65
C THR A 45 -7.18 0.95 -7.28
N CYS A 46 -6.50 -0.11 -6.87
CA CYS A 46 -6.77 -0.75 -5.60
C CYS A 46 -5.93 -0.12 -4.50
N LYS A 47 -6.46 -0.05 -3.29
CA LYS A 47 -5.72 0.51 -2.17
C LYS A 47 -6.07 -0.22 -0.89
N ASP A 48 -5.21 -0.09 0.11
CA ASP A 48 -5.39 -0.80 1.37
C ASP A 48 -6.47 -0.13 2.21
N GLY A 1 5.01 1.85 -10.45
CA GLY A 1 4.92 0.46 -10.95
C GLY A 1 5.17 0.39 -12.45
N THR A 2 5.95 -0.60 -12.87
CA THR A 2 6.31 -0.78 -14.27
C THR A 2 7.20 0.38 -14.72
N LYS A 3 8.45 0.34 -14.28
CA LYS A 3 9.41 1.40 -14.58
C LYS A 3 9.75 1.42 -16.06
N ALA A 4 9.35 2.49 -16.73
CA ALA A 4 9.63 2.67 -18.15
C ALA A 4 9.35 4.11 -18.56
N SER A 5 8.16 4.37 -19.07
CA SER A 5 7.75 5.73 -19.42
C SER A 5 7.61 6.58 -18.15
N LYS A 6 7.05 5.98 -17.12
CA LYS A 6 6.91 6.66 -15.84
C LYS A 6 7.99 6.19 -14.88
N SER A 7 8.69 7.13 -14.27
CA SER A 7 9.77 6.83 -13.34
C SER A 7 9.97 8.00 -12.39
N GLY A 8 10.28 7.68 -11.14
CA GLY A 8 10.44 8.69 -10.12
C GLY A 8 10.63 8.09 -8.75
N VAL A 9 9.77 8.51 -7.81
CA VAL A 9 9.76 8.02 -6.41
C VAL A 9 11.15 7.91 -5.79
N PRO A 10 11.47 8.82 -4.86
CA PRO A 10 12.74 8.82 -4.12
C PRO A 10 12.77 7.74 -3.04
N VAL A 11 12.46 6.51 -3.43
CA VAL A 11 12.44 5.40 -2.49
C VAL A 11 13.77 4.65 -2.52
N THR A 12 14.82 5.37 -2.85
CA THR A 12 16.16 4.79 -2.87
C THR A 12 16.67 4.65 -1.44
N GLN A 13 16.53 5.73 -0.68
CA GLN A 13 16.91 5.73 0.72
C GLN A 13 16.18 6.86 1.43
N THR A 14 14.86 6.89 1.22
CA THR A 14 14.00 7.90 1.82
C THR A 14 12.58 7.37 1.93
N GLN A 15 12.22 6.93 3.13
CA GLN A 15 10.92 6.31 3.36
C GLN A 15 10.23 6.97 4.54
N THR A 16 8.90 6.93 4.54
CA THR A 16 8.10 7.60 5.58
C THR A 16 8.53 7.14 6.98
N ALA A 17 8.37 5.86 7.26
CA ALA A 17 8.77 5.29 8.55
C ALA A 17 8.85 3.78 8.45
N GLY A 18 9.20 3.30 7.27
CA GLY A 18 9.29 1.86 7.05
C GLY A 18 9.25 1.53 5.57
N ALA A 19 8.39 2.23 4.84
CA ALA A 19 8.25 2.05 3.41
C ALA A 19 7.59 3.27 2.80
N ASP A 20 8.17 3.79 1.72
CA ASP A 20 7.61 4.96 1.05
C ASP A 20 6.58 4.52 0.02
N THR A 21 6.92 3.48 -0.72
CA THR A 21 5.98 2.86 -1.63
C THR A 21 5.09 1.89 -0.87
N THR A 22 3.80 2.14 -0.89
CA THR A 22 2.87 1.34 -0.13
C THR A 22 2.76 -0.06 -0.70
N ALA A 23 3.14 -1.05 0.10
CA ALA A 23 3.05 -2.45 -0.30
C ALA A 23 1.64 -2.97 -0.16
N GLU A 24 0.68 -2.22 -0.69
CA GLU A 24 -0.71 -2.65 -0.66
C GLU A 24 -0.87 -3.99 -1.35
N LYS A 25 -1.37 -4.95 -0.63
CA LYS A 25 -1.71 -6.25 -1.21
C LYS A 25 -2.72 -6.04 -2.33
N CYS A 26 -3.54 -5.01 -2.16
CA CYS A 26 -4.57 -4.66 -3.12
C CYS A 26 -3.99 -3.91 -4.32
N LYS A 27 -2.83 -3.30 -4.11
CA LYS A 27 -2.20 -2.45 -5.13
C LYS A 27 -2.06 -3.15 -6.48
N GLY A 28 -2.45 -2.44 -7.53
CA GLY A 28 -2.22 -2.89 -8.89
C GLY A 28 -3.01 -4.11 -9.29
N LYS A 29 -4.22 -4.25 -8.77
CA LYS A 29 -5.07 -5.37 -9.16
C LYS A 29 -6.36 -4.87 -9.79
N GLY A 30 -6.88 -5.63 -10.74
CA GLY A 30 -8.14 -5.28 -11.38
C GLY A 30 -9.30 -5.45 -10.43
N GLU A 31 -10.39 -4.72 -10.67
CA GLU A 31 -11.56 -4.76 -9.79
C GLU A 31 -12.09 -6.18 -9.63
N LYS A 32 -11.98 -6.97 -10.69
CA LYS A 32 -12.44 -8.35 -10.66
C LYS A 32 -11.75 -9.12 -9.55
N ASP A 33 -10.46 -8.88 -9.38
CA ASP A 33 -9.71 -9.53 -8.32
C ASP A 33 -9.71 -8.70 -7.05
N CYS A 34 -9.39 -7.41 -7.18
CA CYS A 34 -9.31 -6.51 -6.04
C CYS A 34 -10.70 -6.17 -5.49
N LYS A 35 -11.12 -6.96 -4.52
CA LYS A 35 -12.30 -6.69 -3.73
C LYS A 35 -12.11 -7.33 -2.39
N SER A 36 -12.43 -6.60 -1.36
CA SER A 36 -12.16 -7.02 -0.02
C SER A 36 -12.91 -6.14 0.96
N PRO A 37 -13.28 -6.68 2.13
CA PRO A 37 -13.87 -5.90 3.20
C PRO A 37 -12.80 -5.05 3.87
N ASP A 38 -11.76 -4.76 3.09
CA ASP A 38 -10.63 -3.98 3.55
C ASP A 38 -10.00 -3.22 2.39
N CYS A 39 -9.83 -3.88 1.24
CA CYS A 39 -9.30 -3.17 0.05
C CYS A 39 -10.34 -2.21 -0.50
N LYS A 40 -9.91 -1.02 -0.91
CA LYS A 40 -10.82 -0.03 -1.42
C LYS A 40 -10.56 0.23 -2.89
N TRP A 41 -11.63 0.34 -3.66
CA TRP A 41 -11.53 0.63 -5.08
C TRP A 41 -11.70 2.12 -5.31
N GLU A 42 -10.71 2.76 -5.91
CA GLU A 42 -10.77 4.19 -6.14
C GLU A 42 -11.58 4.51 -7.39
N GLY A 43 -11.42 3.67 -8.41
CA GLY A 43 -12.11 3.89 -9.66
C GLY A 43 -11.37 3.22 -10.81
N GLY A 44 -10.08 3.49 -10.88
CA GLY A 44 -9.23 2.83 -11.85
C GLY A 44 -7.96 2.36 -11.19
N THR A 45 -8.05 2.06 -9.91
CA THR A 45 -6.92 1.60 -9.12
C THR A 45 -7.38 1.22 -7.72
N CYS A 46 -6.75 0.20 -7.17
CA CYS A 46 -7.16 -0.37 -5.89
C CYS A 46 -6.11 -0.10 -4.83
N LYS A 47 -6.53 0.36 -3.65
CA LYS A 47 -5.60 0.69 -2.58
C LYS A 47 -6.30 1.16 -1.32
N ASP A 48 -5.75 0.75 -0.19
CA ASP A 48 -6.23 1.16 1.13
C ASP A 48 -7.73 0.94 1.26
N GLY A 1 17.25 0.98 40.11
CA GLY A 1 16.90 1.11 38.67
C GLY A 1 16.47 2.51 38.32
N THR A 2 16.91 2.98 37.16
CA THR A 2 16.57 4.32 36.70
C THR A 2 16.64 4.38 35.18
N LYS A 3 15.65 5.03 34.58
CA LYS A 3 15.58 5.11 33.12
C LYS A 3 16.63 6.06 32.58
N ALA A 4 17.36 5.61 31.57
CA ALA A 4 18.34 6.45 30.90
C ALA A 4 17.66 7.30 29.83
N SER A 5 18.33 8.35 29.39
CA SER A 5 17.78 9.28 28.41
C SER A 5 17.79 8.69 26.99
N LYS A 6 17.54 7.39 26.88
CA LYS A 6 17.45 6.71 25.61
C LYS A 6 17.19 5.22 25.82
N SER A 7 17.97 4.63 26.72
CA SER A 7 17.89 3.21 27.00
C SER A 7 16.50 2.83 27.51
N GLY A 8 16.01 1.70 27.02
CA GLY A 8 14.66 1.28 27.32
C GLY A 8 13.91 1.01 26.04
N VAL A 9 13.91 2.01 25.16
CA VAL A 9 13.36 1.90 23.81
C VAL A 9 11.89 1.45 23.81
N PRO A 10 10.97 2.40 23.66
CA PRO A 10 9.55 2.09 23.53
C PRO A 10 9.29 1.40 22.21
N VAL A 11 8.71 0.20 22.28
CA VAL A 11 8.49 -0.59 21.08
C VAL A 11 7.38 0.03 20.25
N THR A 12 7.74 0.56 19.11
CA THR A 12 6.80 1.25 18.25
C THR A 12 6.06 0.28 17.33
N GLN A 13 6.81 -0.63 16.71
CA GLN A 13 6.23 -1.59 15.78
C GLN A 13 5.35 -2.60 16.49
N THR A 14 5.89 -3.25 17.53
CA THR A 14 5.18 -4.32 18.25
C THR A 14 4.63 -5.36 17.27
N GLN A 15 5.54 -6.00 16.55
CA GLN A 15 5.20 -6.95 15.49
C GLN A 15 4.46 -6.24 14.36
N THR A 16 3.35 -6.79 13.92
CA THR A 16 2.56 -6.21 12.84
C THR A 16 1.89 -4.92 13.28
N ALA A 17 2.54 -3.80 13.00
CA ALA A 17 2.03 -2.49 13.41
C ALA A 17 0.86 -2.08 12.54
N GLY A 18 -0.16 -1.52 13.18
CA GLY A 18 -1.34 -1.08 12.46
C GLY A 18 -2.07 -2.23 11.79
N ALA A 19 -2.25 -2.10 10.49
CA ALA A 19 -2.90 -3.14 9.70
C ALA A 19 -2.47 -3.02 8.24
N ASP A 20 -3.44 -3.14 7.32
CA ASP A 20 -3.21 -3.07 5.86
C ASP A 20 -1.97 -3.83 5.42
N THR A 21 -1.71 -4.95 6.07
CA THR A 21 -0.62 -5.82 5.66
C THR A 21 -1.11 -6.85 4.66
N THR A 22 -0.41 -6.96 3.54
CA THR A 22 -0.80 -7.85 2.47
C THR A 22 0.34 -7.93 1.44
N ALA A 23 0.01 -8.19 0.18
CA ALA A 23 1.02 -8.30 -0.86
C ALA A 23 1.67 -6.94 -1.11
N GLU A 24 0.84 -5.94 -1.38
CA GLU A 24 1.33 -4.58 -1.61
C GLU A 24 0.20 -3.55 -1.62
N LYS A 25 -0.67 -3.64 -0.60
CA LYS A 25 -1.77 -2.71 -0.42
C LYS A 25 -2.78 -2.86 -1.54
N CYS A 26 -2.86 -4.08 -2.06
CA CYS A 26 -3.83 -4.45 -3.08
C CYS A 26 -3.59 -3.69 -4.36
N LYS A 27 -2.39 -3.19 -4.49
CA LYS A 27 -2.02 -2.39 -5.63
C LYS A 27 -1.74 -3.26 -6.84
N GLY A 28 -2.27 -2.85 -7.98
CA GLY A 28 -2.09 -3.60 -9.21
C GLY A 28 -3.03 -4.78 -9.30
N LYS A 29 -4.21 -4.66 -8.73
CA LYS A 29 -5.22 -5.70 -8.83
C LYS A 29 -6.39 -5.22 -9.66
N GLY A 30 -6.96 -6.13 -10.44
CA GLY A 30 -8.10 -5.80 -11.26
C GLY A 30 -9.34 -5.59 -10.42
N GLU A 31 -10.37 -4.99 -11.00
CA GLU A 31 -11.62 -4.72 -10.29
C GLU A 31 -12.20 -5.99 -9.69
N LYS A 32 -12.13 -7.08 -10.45
CA LYS A 32 -12.67 -8.36 -10.00
C LYS A 32 -11.77 -8.99 -8.93
N ASP A 33 -10.47 -8.78 -9.05
CA ASP A 33 -9.52 -9.29 -8.07
C ASP A 33 -9.63 -8.49 -6.78
N CYS A 34 -9.69 -7.17 -6.92
CA CYS A 34 -9.86 -6.26 -5.79
C CYS A 34 -11.18 -6.56 -5.08
N LYS A 35 -11.14 -6.64 -3.76
CA LYS A 35 -12.34 -6.88 -2.96
C LYS A 35 -12.46 -5.84 -1.86
N SER A 36 -13.66 -5.29 -1.70
CA SER A 36 -13.90 -4.18 -0.77
C SER A 36 -13.45 -4.47 0.67
N PRO A 37 -13.84 -5.63 1.26
CA PRO A 37 -13.43 -5.96 2.64
C PRO A 37 -11.91 -6.04 2.75
N ASP A 38 -11.28 -6.38 1.64
CA ASP A 38 -9.82 -6.46 1.57
C ASP A 38 -9.22 -5.07 1.37
N CYS A 39 -9.67 -4.37 0.33
CA CYS A 39 -9.19 -3.04 0.01
C CYS A 39 -10.25 -2.28 -0.80
N LYS A 40 -10.16 -0.96 -0.80
CA LYS A 40 -11.15 -0.14 -1.48
C LYS A 40 -10.76 0.11 -2.94
N TRP A 41 -11.74 0.02 -3.83
CA TRP A 41 -11.53 0.35 -5.24
C TRP A 41 -11.80 1.83 -5.47
N GLU A 42 -10.79 2.56 -5.90
CA GLU A 42 -10.95 3.98 -6.17
C GLU A 42 -10.66 4.30 -7.63
N GLY A 43 -11.69 4.79 -8.33
CA GLY A 43 -11.57 5.17 -9.73
C GLY A 43 -11.27 4.01 -10.66
N GLY A 44 -10.10 3.43 -10.51
CA GLY A 44 -9.70 2.30 -11.31
C GLY A 44 -8.43 1.69 -10.78
N THR A 45 -8.32 1.64 -9.47
CA THR A 45 -7.14 1.12 -8.82
C THR A 45 -7.47 0.73 -7.37
N CYS A 46 -6.91 -0.39 -6.93
CA CYS A 46 -7.23 -0.95 -5.63
C CYS A 46 -6.21 -0.49 -4.59
N LYS A 47 -6.69 -0.17 -3.39
CA LYS A 47 -5.82 0.34 -2.34
C LYS A 47 -6.42 0.08 -0.96
N ASP A 48 -5.55 -0.05 0.03
CA ASP A 48 -5.96 -0.32 1.40
C ASP A 48 -6.93 0.74 1.92
N GLY A 1 32.73 19.99 0.02
CA GLY A 1 34.00 20.12 -0.75
C GLY A 1 35.06 19.15 -0.28
N THR A 2 35.15 18.97 1.03
CA THR A 2 36.14 18.09 1.62
C THR A 2 35.59 17.47 2.90
N LYS A 3 36.43 16.72 3.62
CA LYS A 3 36.04 16.03 4.85
C LYS A 3 35.13 14.83 4.55
N ALA A 4 35.33 13.76 5.30
CA ALA A 4 34.57 12.53 5.11
C ALA A 4 33.07 12.79 5.23
N SER A 5 32.30 12.12 4.38
CA SER A 5 30.86 12.29 4.36
C SER A 5 30.24 11.91 5.69
N LYS A 6 29.42 12.81 6.23
CA LYS A 6 28.78 12.63 7.52
C LYS A 6 27.81 13.79 7.78
N SER A 7 28.28 15.00 7.51
CA SER A 7 27.50 16.20 7.74
C SER A 7 26.28 16.26 6.82
N GLY A 8 26.45 15.77 5.60
CA GLY A 8 25.39 15.86 4.63
C GLY A 8 25.37 17.21 3.94
N VAL A 9 24.23 17.86 3.93
CA VAL A 9 24.10 19.18 3.33
C VAL A 9 22.99 19.98 4.02
N PRO A 10 23.32 21.19 4.50
CA PRO A 10 22.36 22.05 5.20
C PRO A 10 21.23 22.50 4.28
N VAL A 11 21.59 22.82 3.04
CA VAL A 11 20.62 23.18 2.03
C VAL A 11 19.77 21.98 1.66
N THR A 12 18.46 22.18 1.65
CA THR A 12 17.52 21.11 1.36
C THR A 12 17.76 20.55 -0.04
N GLN A 13 17.98 19.24 -0.12
CA GLN A 13 18.29 18.61 -1.39
C GLN A 13 17.95 17.12 -1.37
N THR A 14 18.53 16.40 -0.43
CA THR A 14 18.36 14.96 -0.36
C THR A 14 17.10 14.59 0.42
N GLN A 15 17.11 14.84 1.72
CA GLN A 15 15.99 14.54 2.63
C GLN A 15 15.76 13.04 2.77
N THR A 16 15.40 12.38 1.66
CA THR A 16 15.10 10.95 1.63
C THR A 16 14.09 10.57 2.73
N ALA A 17 14.30 9.42 3.40
CA ALA A 17 13.41 8.96 4.47
C ALA A 17 12.01 8.63 3.97
N GLY A 18 11.29 7.80 4.71
CA GLY A 18 9.96 7.43 4.32
C GLY A 18 9.31 6.47 5.29
N ALA A 19 8.05 6.73 5.61
CA ALA A 19 7.27 5.87 6.48
C ALA A 19 6.27 5.08 5.65
N ASP A 20 6.76 4.51 4.54
CA ASP A 20 5.94 3.76 3.59
C ASP A 20 5.03 4.67 2.78
N THR A 21 5.21 4.65 1.47
CA THR A 21 4.38 5.44 0.59
C THR A 21 2.99 4.81 0.45
N THR A 22 2.96 3.56 0.03
CA THR A 22 1.72 2.81 -0.10
C THR A 22 2.02 1.30 -0.19
N ALA A 23 1.59 0.55 0.80
CA ALA A 23 1.77 -0.89 0.77
C ALA A 23 0.73 -1.52 -0.14
N GLU A 24 1.17 -2.33 -1.07
CA GLU A 24 0.28 -2.94 -2.05
C GLU A 24 -0.47 -4.13 -1.45
N LYS A 25 -1.36 -3.84 -0.50
CA LYS A 25 -2.21 -4.84 0.14
C LYS A 25 -3.23 -5.36 -0.85
N CYS A 26 -3.37 -4.62 -1.95
CA CYS A 26 -4.37 -4.88 -2.95
C CYS A 26 -4.05 -4.06 -4.19
N LYS A 27 -3.47 -2.91 -3.94
CA LYS A 27 -3.06 -1.96 -4.98
C LYS A 27 -2.39 -2.68 -6.15
N GLY A 28 -2.97 -2.54 -7.33
CA GLY A 28 -2.45 -3.21 -8.51
C GLY A 28 -3.44 -4.20 -9.08
N LYS A 29 -4.22 -4.82 -8.20
CA LYS A 29 -5.21 -5.83 -8.61
C LYS A 29 -6.26 -5.24 -9.54
N GLY A 30 -6.82 -6.10 -10.38
CA GLY A 30 -7.87 -5.68 -11.29
C GLY A 30 -9.18 -5.44 -10.58
N GLU A 31 -10.12 -4.80 -11.27
CA GLU A 31 -11.41 -4.44 -10.68
C GLU A 31 -12.12 -5.67 -10.10
N LYS A 32 -12.24 -6.72 -10.90
CA LYS A 32 -12.93 -7.91 -10.47
C LYS A 32 -12.21 -8.56 -9.30
N ASP A 33 -10.89 -8.62 -9.39
CA ASP A 33 -10.07 -9.24 -8.35
C ASP A 33 -10.12 -8.41 -7.07
N CYS A 34 -10.04 -7.10 -7.23
CA CYS A 34 -10.11 -6.17 -6.10
C CYS A 34 -11.45 -6.30 -5.38
N LYS A 35 -11.41 -6.93 -4.22
CA LYS A 35 -12.58 -7.11 -3.36
C LYS A 35 -12.12 -7.52 -1.99
N SER A 36 -11.11 -6.86 -1.54
CA SER A 36 -10.62 -7.06 -0.21
C SER A 36 -11.61 -6.46 0.78
N PRO A 37 -11.93 -7.20 1.86
CA PRO A 37 -12.80 -6.70 2.93
C PRO A 37 -12.04 -5.69 3.76
N ASP A 38 -11.07 -5.11 3.09
CA ASP A 38 -10.14 -4.16 3.68
C ASP A 38 -9.72 -3.17 2.60
N CYS A 39 -9.73 -3.61 1.33
CA CYS A 39 -9.38 -2.71 0.23
C CYS A 39 -10.60 -1.96 -0.27
N LYS A 40 -10.38 -1.21 -1.32
CA LYS A 40 -11.41 -0.38 -1.94
C LYS A 40 -11.05 -0.06 -3.38
N TRP A 41 -12.02 -0.19 -4.27
CA TRP A 41 -11.82 0.19 -5.65
C TRP A 41 -12.10 1.67 -5.82
N GLU A 42 -11.12 2.42 -6.29
CA GLU A 42 -11.29 3.87 -6.44
C GLU A 42 -10.34 4.42 -7.48
N GLY A 43 -10.89 5.20 -8.40
CA GLY A 43 -10.08 5.80 -9.46
C GLY A 43 -9.50 4.77 -10.40
N GLY A 44 -10.28 3.72 -10.67
CA GLY A 44 -9.85 2.68 -11.57
C GLY A 44 -8.59 1.98 -11.09
N THR A 45 -8.45 1.84 -9.78
CA THR A 45 -7.29 1.19 -9.21
C THR A 45 -7.58 0.69 -7.80
N CYS A 46 -7.03 -0.47 -7.49
CA CYS A 46 -7.21 -1.10 -6.20
C CYS A 46 -6.26 -0.43 -5.20
N LYS A 47 -6.70 -0.22 -3.96
CA LYS A 47 -5.87 0.46 -2.96
C LYS A 47 -6.61 0.60 -1.64
N ASP A 48 -5.90 0.37 -0.55
CA ASP A 48 -6.45 0.57 0.79
C ASP A 48 -6.33 2.04 1.16
N GLY A 1 8.11 -21.00 30.06
CA GLY A 1 7.18 -19.95 30.53
C GLY A 1 6.16 -19.59 29.47
N THR A 2 4.90 -19.48 29.85
CA THR A 2 3.85 -19.16 28.91
C THR A 2 3.90 -17.69 28.51
N LYS A 3 3.88 -17.45 27.20
CA LYS A 3 3.93 -16.11 26.59
C LYS A 3 5.30 -15.46 26.74
N ALA A 4 5.81 -15.38 27.96
CA ALA A 4 7.10 -14.75 28.22
C ALA A 4 8.24 -15.74 28.06
N SER A 5 9.42 -15.37 28.59
CA SER A 5 10.60 -16.21 28.55
C SER A 5 10.99 -16.52 27.11
N LYS A 6 10.84 -15.52 26.24
CA LYS A 6 11.17 -15.68 24.83
C LYS A 6 12.58 -15.19 24.54
N SER A 7 13.27 -15.90 23.65
CA SER A 7 14.61 -15.53 23.23
C SER A 7 14.95 -16.25 21.92
N GLY A 8 13.97 -16.30 21.04
CA GLY A 8 14.14 -16.99 19.78
C GLY A 8 12.82 -17.21 19.07
N VAL A 9 12.84 -17.20 17.74
CA VAL A 9 11.64 -17.40 16.93
C VAL A 9 10.68 -16.21 17.03
N PRO A 10 10.51 -15.46 15.93
CA PRO A 10 9.68 -14.25 15.91
C PRO A 10 8.19 -14.55 15.73
N VAL A 11 7.67 -15.53 16.45
CA VAL A 11 6.25 -15.85 16.38
C VAL A 11 5.43 -14.83 17.17
N THR A 12 4.39 -14.31 16.52
CA THR A 12 3.52 -13.29 17.12
C THR A 12 2.47 -12.84 16.12
N GLN A 13 2.82 -12.87 14.82
CA GLN A 13 1.94 -12.46 13.72
C GLN A 13 1.80 -10.93 13.67
N THR A 14 1.33 -10.35 14.76
CA THR A 14 1.21 -8.91 14.89
C THR A 14 2.55 -8.29 15.29
N GLN A 15 3.55 -8.50 14.45
CA GLN A 15 4.91 -8.05 14.73
C GLN A 15 4.99 -6.53 14.84
N THR A 16 4.43 -5.84 13.86
CA THR A 16 4.45 -4.38 13.83
C THR A 16 3.53 -3.80 14.89
N ALA A 17 2.28 -4.26 14.90
CA ALA A 17 1.26 -3.81 15.86
C ALA A 17 0.82 -2.38 15.61
N GLY A 18 1.78 -1.47 15.57
CA GLY A 18 1.48 -0.07 15.28
C GLY A 18 1.74 0.28 13.84
N ALA A 19 1.38 -0.63 12.93
CA ALA A 19 1.57 -0.42 11.50
C ALA A 19 0.86 -1.52 10.73
N ASP A 20 -0.03 -1.12 9.83
CA ASP A 20 -0.78 -2.07 9.02
C ASP A 20 0.13 -2.68 7.97
N THR A 21 1.07 -1.87 7.50
CA THR A 21 2.10 -2.28 6.54
C THR A 21 1.50 -2.99 5.32
N THR A 22 0.46 -2.42 4.76
CA THR A 22 -0.12 -2.93 3.53
C THR A 22 0.68 -2.44 2.33
N ALA A 23 1.16 -1.19 2.44
CA ALA A 23 1.94 -0.56 1.39
C ALA A 23 1.14 -0.53 0.07
N GLU A 24 1.64 -1.22 -0.95
CA GLU A 24 0.95 -1.28 -2.22
C GLU A 24 0.57 -2.71 -2.56
N LYS A 25 0.06 -3.42 -1.56
CA LYS A 25 -0.39 -4.78 -1.73
C LYS A 25 -1.70 -4.79 -2.52
N CYS A 26 -2.53 -3.78 -2.29
CA CYS A 26 -3.81 -3.69 -2.99
C CYS A 26 -3.59 -3.24 -4.43
N LYS A 27 -2.71 -2.26 -4.60
CA LYS A 27 -2.38 -1.74 -5.91
C LYS A 27 -1.84 -2.85 -6.79
N GLY A 28 -2.43 -3.02 -7.96
CA GLY A 28 -2.03 -4.08 -8.86
C GLY A 28 -3.18 -5.02 -9.15
N LYS A 29 -4.07 -5.18 -8.18
CA LYS A 29 -5.23 -6.03 -8.35
C LYS A 29 -6.23 -5.42 -9.34
N GLY A 30 -6.79 -6.28 -10.16
CA GLY A 30 -7.85 -5.86 -11.06
C GLY A 30 -9.14 -5.62 -10.28
N GLU A 31 -10.10 -4.95 -10.91
CA GLU A 31 -11.36 -4.61 -10.23
C GLU A 31 -12.04 -5.83 -9.64
N LYS A 32 -12.15 -6.89 -10.44
CA LYS A 32 -12.79 -8.11 -9.99
C LYS A 32 -11.96 -8.81 -8.91
N ASP A 33 -10.65 -8.70 -9.01
CA ASP A 33 -9.75 -9.35 -8.05
C ASP A 33 -9.75 -8.59 -6.73
N CYS A 34 -9.68 -7.27 -6.81
CA CYS A 34 -9.70 -6.41 -5.62
C CYS A 34 -10.94 -6.70 -4.78
N LYS A 35 -10.72 -7.13 -3.54
CA LYS A 35 -11.81 -7.43 -2.63
C LYS A 35 -12.17 -6.18 -1.85
N SER A 36 -13.43 -5.76 -1.93
CA SER A 36 -13.86 -4.52 -1.32
C SER A 36 -13.58 -4.47 0.19
N PRO A 37 -13.95 -5.51 0.97
CA PRO A 37 -13.68 -5.53 2.42
C PRO A 37 -12.19 -5.45 2.72
N ASP A 38 -11.39 -5.99 1.80
CA ASP A 38 -9.93 -5.99 1.95
C ASP A 38 -9.34 -4.64 1.49
N CYS A 39 -9.75 -4.19 0.31
CA CYS A 39 -9.25 -2.95 -0.25
C CYS A 39 -10.39 -2.21 -0.93
N LYS A 40 -10.47 -0.90 -0.71
CA LYS A 40 -11.50 -0.09 -1.33
C LYS A 40 -11.09 0.26 -2.76
N TRP A 41 -11.95 -0.10 -3.71
CA TRP A 41 -11.70 0.21 -5.11
C TRP A 41 -12.20 1.63 -5.42
N GLU A 42 -11.32 2.46 -5.98
CA GLU A 42 -11.70 3.81 -6.34
C GLU A 42 -10.78 4.35 -7.43
N GLY A 43 -11.38 4.96 -8.44
CA GLY A 43 -10.62 5.54 -9.53
C GLY A 43 -9.85 4.51 -10.34
N GLY A 44 -10.46 3.33 -10.48
CA GLY A 44 -9.84 2.28 -11.26
C GLY A 44 -8.53 1.80 -10.67
N THR A 45 -8.46 1.75 -9.35
CA THR A 45 -7.25 1.26 -8.69
C THR A 45 -7.60 0.74 -7.30
N CYS A 46 -6.94 -0.35 -6.92
CA CYS A 46 -7.20 -1.02 -5.65
C CYS A 46 -6.33 -0.42 -4.56
N LYS A 47 -6.95 0.00 -3.46
CA LYS A 47 -6.22 0.63 -2.37
C LYS A 47 -6.84 0.24 -1.03
N ASP A 48 -5.99 -0.02 -0.05
CA ASP A 48 -6.45 -0.43 1.27
C ASP A 48 -7.11 0.73 1.99
N GLY A 1 38.70 -19.02 8.90
CA GLY A 1 37.26 -18.66 8.94
C GLY A 1 37.02 -17.41 9.75
N THR A 2 35.92 -17.40 10.50
CA THR A 2 35.54 -16.25 11.31
C THR A 2 36.37 -16.16 12.59
N LYS A 3 37.69 -16.05 12.41
CA LYS A 3 38.60 -15.92 13.54
C LYS A 3 39.41 -14.64 13.40
N ALA A 4 38.76 -13.61 12.85
CA ALA A 4 39.39 -12.31 12.65
C ALA A 4 38.34 -11.26 12.28
N SER A 5 37.27 -11.22 13.05
CA SER A 5 36.17 -10.30 12.80
C SER A 5 36.66 -8.85 12.85
N LYS A 6 36.30 -8.09 11.83
CA LYS A 6 36.69 -6.69 11.74
C LYS A 6 36.01 -5.87 12.84
N SER A 7 34.68 -6.03 12.93
CA SER A 7 33.86 -5.37 13.94
C SER A 7 34.19 -3.88 14.05
N GLY A 8 34.43 -3.24 12.91
CA GLY A 8 34.72 -1.83 12.89
C GLY A 8 33.45 -1.01 12.79
N VAL A 9 32.56 -1.43 11.90
CA VAL A 9 31.29 -0.76 11.72
C VAL A 9 30.33 -1.69 10.96
N PRO A 10 29.16 -1.97 11.55
CA PRO A 10 28.20 -2.92 10.98
C PRO A 10 27.56 -2.40 9.69
N VAL A 11 27.60 -3.22 8.65
CA VAL A 11 26.97 -2.88 7.38
C VAL A 11 25.50 -3.27 7.40
N THR A 12 25.12 -3.92 8.48
CA THR A 12 23.75 -4.36 8.68
C THR A 12 22.83 -3.18 8.98
N GLN A 13 21.67 -3.17 8.35
CA GLN A 13 20.70 -2.10 8.54
C GLN A 13 20.25 -2.07 10.00
N THR A 14 20.26 -0.88 10.59
CA THR A 14 19.86 -0.72 11.98
C THR A 14 18.43 -1.22 12.20
N GLN A 15 17.53 -0.80 11.32
CA GLN A 15 16.16 -1.30 11.33
C GLN A 15 15.48 -0.92 10.02
N THR A 16 14.91 -1.91 9.35
CA THR A 16 14.22 -1.68 8.09
C THR A 16 12.98 -0.81 8.31
N ALA A 17 12.91 0.29 7.57
CA ALA A 17 11.82 1.25 7.72
C ALA A 17 11.82 2.26 6.58
N GLY A 18 10.63 2.64 6.15
CA GLY A 18 10.51 3.62 5.09
C GLY A 18 10.74 3.01 3.71
N ALA A 19 10.19 1.84 3.49
CA ALA A 19 10.28 1.18 2.19
C ALA A 19 9.49 1.95 1.14
N ASP A 20 8.38 2.54 1.58
CA ASP A 20 7.49 3.28 0.70
C ASP A 20 6.91 2.35 -0.37
N THR A 21 6.35 1.25 0.07
CA THR A 21 5.80 0.24 -0.83
C THR A 21 4.72 -0.57 -0.13
N THR A 22 3.52 -0.53 -0.69
CA THR A 22 2.39 -1.23 -0.13
C THR A 22 2.44 -2.72 -0.45
N ALA A 23 2.50 -3.55 0.60
CA ALA A 23 2.52 -5.00 0.44
C ALA A 23 1.14 -5.52 0.08
N GLU A 24 0.12 -4.78 0.52
CA GLU A 24 -1.26 -5.20 0.39
C GLU A 24 -1.56 -5.73 -0.99
N LYS A 25 -2.09 -6.95 -1.00
CA LYS A 25 -2.42 -7.67 -2.23
C LYS A 25 -3.66 -7.07 -2.87
N CYS A 26 -3.72 -5.76 -2.88
CA CYS A 26 -4.83 -5.03 -3.46
C CYS A 26 -4.33 -3.74 -4.07
N LYS A 27 -3.01 -3.56 -4.07
CA LYS A 27 -2.44 -2.33 -4.62
C LYS A 27 -2.41 -2.37 -6.15
N GLY A 28 -3.31 -1.58 -6.75
CA GLY A 28 -3.31 -1.40 -8.18
C GLY A 28 -3.49 -2.67 -8.97
N LYS A 29 -4.46 -3.50 -8.60
CA LYS A 29 -4.76 -4.69 -9.37
C LYS A 29 -6.07 -4.52 -10.13
N GLY A 30 -6.58 -5.61 -10.70
CA GLY A 30 -7.88 -5.58 -11.34
C GLY A 30 -8.99 -5.69 -10.33
N GLU A 31 -10.17 -5.17 -10.66
CA GLU A 31 -11.32 -5.21 -9.77
C GLU A 31 -11.70 -6.65 -9.45
N LYS A 32 -11.54 -7.52 -10.42
CA LYS A 32 -11.81 -8.95 -10.23
C LYS A 32 -10.95 -9.51 -9.11
N ASP A 33 -9.66 -9.20 -9.14
CA ASP A 33 -8.73 -9.60 -8.09
C ASP A 33 -9.02 -8.85 -6.80
N CYS A 34 -9.03 -7.53 -6.91
CA CYS A 34 -9.16 -6.64 -5.79
C CYS A 34 -10.55 -6.66 -5.19
N LYS A 35 -10.72 -7.45 -4.13
CA LYS A 35 -11.93 -7.46 -3.35
C LYS A 35 -11.59 -7.73 -1.91
N SER A 36 -12.30 -7.07 -1.02
CA SER A 36 -12.10 -7.18 0.41
C SER A 36 -13.00 -6.19 1.13
N PRO A 37 -13.44 -6.52 2.35
CA PRO A 37 -14.16 -5.57 3.19
C PRO A 37 -13.18 -4.56 3.77
N ASP A 38 -12.11 -4.33 3.03
CA ASP A 38 -11.03 -3.44 3.43
C ASP A 38 -10.37 -2.83 2.20
N CYS A 39 -10.12 -3.66 1.19
CA CYS A 39 -9.60 -3.15 -0.08
C CYS A 39 -10.68 -2.31 -0.76
N LYS A 40 -10.30 -1.14 -1.27
CA LYS A 40 -11.29 -0.24 -1.84
C LYS A 40 -10.93 0.16 -3.26
N TRP A 41 -11.97 0.41 -4.04
CA TRP A 41 -11.83 0.80 -5.44
C TRP A 41 -12.01 2.30 -5.57
N GLU A 42 -11.10 2.96 -6.27
CA GLU A 42 -11.18 4.40 -6.46
C GLU A 42 -10.37 4.84 -7.67
N GLY A 43 -11.03 5.48 -8.62
CA GLY A 43 -10.37 5.97 -9.81
C GLY A 43 -9.82 4.85 -10.65
N GLY A 44 -10.59 3.78 -10.79
CA GLY A 44 -10.18 2.66 -11.61
C GLY A 44 -8.92 1.99 -11.10
N THR A 45 -8.85 1.80 -9.79
CA THR A 45 -7.71 1.13 -9.18
C THR A 45 -7.99 0.86 -7.70
N CYS A 46 -7.44 -0.23 -7.21
CA CYS A 46 -7.60 -0.63 -5.83
C CYS A 46 -6.43 -0.14 -4.99
N LYS A 47 -6.68 0.24 -3.75
CA LYS A 47 -5.65 0.80 -2.91
C LYS A 47 -5.96 0.64 -1.43
N ASP A 48 -4.91 0.51 -0.63
CA ASP A 48 -5.06 0.46 0.81
C ASP A 48 -5.05 1.89 1.37
N GLY A 1 -0.91 5.03 24.83
CA GLY A 1 -0.65 4.69 23.42
C GLY A 1 -0.04 3.30 23.27
N THR A 2 0.90 3.17 22.36
CA THR A 2 1.58 1.90 22.11
C THR A 2 0.58 0.82 21.69
N LYS A 3 -0.28 1.16 20.74
CA LYS A 3 -1.25 0.20 20.19
C LYS A 3 -1.83 0.74 18.90
N ALA A 4 -2.10 -0.14 17.96
CA ALA A 4 -2.67 0.26 16.69
C ALA A 4 -3.53 -0.85 16.10
N SER A 5 -2.90 -1.98 15.78
CA SER A 5 -3.61 -3.11 15.19
C SER A 5 -2.76 -4.37 15.13
N LYS A 6 -1.59 -4.28 14.49
CA LYS A 6 -0.77 -5.45 14.24
C LYS A 6 0.05 -5.87 15.46
N SER A 7 0.66 -4.91 16.15
CA SER A 7 1.53 -5.23 17.28
C SER A 7 1.95 -3.97 18.03
N GLY A 8 0.99 -3.35 18.71
CA GLY A 8 1.28 -2.16 19.48
C GLY A 8 1.66 -0.99 18.60
N VAL A 9 2.79 -0.37 18.88
CA VAL A 9 3.29 0.72 18.07
C VAL A 9 3.65 0.21 16.67
N PRO A 10 3.07 0.82 15.63
CA PRO A 10 3.26 0.37 14.25
C PRO A 10 4.57 0.86 13.65
N VAL A 11 5.35 1.58 14.48
CA VAL A 11 6.65 2.15 14.10
C VAL A 11 6.60 2.82 12.72
N THR A 12 5.52 3.53 12.47
CA THR A 12 5.30 4.20 11.19
C THR A 12 6.32 5.31 10.97
N GLN A 13 6.85 5.38 9.76
CA GLN A 13 7.83 6.40 9.42
C GLN A 13 7.77 6.74 7.93
N THR A 14 7.60 5.72 7.10
CA THR A 14 7.50 5.93 5.66
C THR A 14 6.10 6.36 5.24
N GLN A 15 5.47 7.18 6.06
CA GLN A 15 4.17 7.75 5.74
C GLN A 15 4.14 9.21 6.17
N THR A 16 4.53 10.09 5.27
CA THR A 16 4.64 11.51 5.57
C THR A 16 4.07 12.35 4.42
N ALA A 17 3.38 13.42 4.79
CA ALA A 17 2.75 14.33 3.82
C ALA A 17 1.65 13.63 3.02
N GLY A 18 0.81 12.89 3.73
CA GLY A 18 -0.32 12.22 3.10
C GLY A 18 0.11 11.16 2.10
N ALA A 19 1.02 10.30 2.52
CA ALA A 19 1.50 9.22 1.67
C ALA A 19 0.39 8.19 1.46
N ASP A 20 0.18 7.80 0.20
CA ASP A 20 -0.87 6.84 -0.13
C ASP A 20 -0.60 5.49 0.51
N THR A 21 -1.48 5.10 1.42
CA THR A 21 -1.34 3.83 2.11
C THR A 21 -1.78 2.68 1.22
N THR A 22 -0.89 1.71 1.01
CA THR A 22 -1.21 0.55 0.20
C THR A 22 -0.22 -0.59 0.49
N ALA A 23 1.07 -0.28 0.42
CA ALA A 23 2.13 -1.27 0.66
C ALA A 23 1.99 -2.47 -0.28
N GLU A 24 1.54 -2.19 -1.49
CA GLU A 24 1.31 -3.22 -2.52
C GLU A 24 0.42 -4.34 -2.00
N LYS A 25 -0.53 -3.98 -1.15
CA LYS A 25 -1.52 -4.93 -0.66
C LYS A 25 -2.56 -5.17 -1.75
N CYS A 26 -2.81 -4.12 -2.53
CA CYS A 26 -3.80 -4.17 -3.59
C CYS A 26 -3.40 -3.24 -4.73
N LYS A 27 -2.13 -2.86 -4.75
CA LYS A 27 -1.61 -1.99 -5.80
C LYS A 27 -1.53 -2.74 -7.12
N GLY A 28 -2.26 -2.25 -8.11
CA GLY A 28 -2.28 -2.88 -9.41
C GLY A 28 -3.19 -4.10 -9.46
N LYS A 29 -4.16 -4.16 -8.56
CA LYS A 29 -5.11 -5.23 -8.54
C LYS A 29 -6.30 -4.86 -9.40
N GLY A 30 -6.80 -5.82 -10.17
CA GLY A 30 -7.94 -5.57 -11.04
C GLY A 30 -9.22 -5.40 -10.25
N GLU A 31 -10.26 -4.86 -10.89
CA GLU A 31 -11.52 -4.60 -10.20
C GLU A 31 -12.13 -5.89 -9.63
N LYS A 32 -12.00 -7.00 -10.36
CA LYS A 32 -12.57 -8.26 -9.90
C LYS A 32 -11.74 -8.84 -8.77
N ASP A 33 -10.43 -8.73 -8.89
CA ASP A 33 -9.51 -9.24 -7.86
C ASP A 33 -9.63 -8.37 -6.61
N CYS A 34 -9.73 -7.06 -6.82
CA CYS A 34 -9.94 -6.11 -5.73
C CYS A 34 -11.26 -6.43 -5.03
N LYS A 35 -11.23 -6.61 -3.73
CA LYS A 35 -12.46 -6.87 -2.99
C LYS A 35 -12.64 -5.87 -1.87
N SER A 36 -13.83 -5.31 -1.78
CA SER A 36 -14.13 -4.20 -0.88
C SER A 36 -13.73 -4.45 0.59
N PRO A 37 -14.08 -5.62 1.18
CA PRO A 37 -13.72 -5.90 2.58
C PRO A 37 -12.21 -5.88 2.79
N ASP A 38 -11.47 -6.14 1.72
CA ASP A 38 -10.02 -6.20 1.79
C ASP A 38 -9.40 -4.84 1.43
N CYS A 39 -9.87 -4.23 0.35
CA CYS A 39 -9.33 -2.96 -0.11
C CYS A 39 -10.42 -2.11 -0.76
N LYS A 40 -10.21 -0.80 -0.77
CA LYS A 40 -11.16 0.13 -1.35
C LYS A 40 -10.86 0.36 -2.83
N TRP A 41 -11.82 0.04 -3.69
CA TRP A 41 -11.66 0.30 -5.11
C TRP A 41 -12.00 1.77 -5.40
N GLU A 42 -11.02 2.51 -5.88
CA GLU A 42 -11.20 3.93 -6.13
C GLU A 42 -11.85 4.15 -7.51
N GLY A 43 -11.45 3.33 -8.47
CA GLY A 43 -12.00 3.41 -9.81
C GLY A 43 -11.18 2.62 -10.79
N GLY A 44 -9.88 2.78 -10.70
CA GLY A 44 -8.96 2.03 -11.52
C GLY A 44 -7.85 1.44 -10.69
N THR A 45 -7.77 1.87 -9.44
CA THR A 45 -6.74 1.41 -8.53
C THR A 45 -7.35 0.97 -7.21
N CYS A 46 -6.89 -0.17 -6.71
CA CYS A 46 -7.38 -0.74 -5.47
C CYS A 46 -6.50 -0.26 -4.31
N LYS A 47 -7.10 0.43 -3.35
CA LYS A 47 -6.35 1.03 -2.25
C LYS A 47 -6.53 0.22 -0.96
N ASP A 48 -5.43 -0.06 -0.29
CA ASP A 48 -5.48 -0.79 0.98
C ASP A 48 -5.91 0.11 2.12
N GLY A 1 -9.02 20.77 17.59
CA GLY A 1 -7.70 20.96 16.96
C GLY A 1 -7.73 22.03 15.90
N THR A 2 -6.69 22.86 15.86
CA THR A 2 -6.60 23.93 14.89
C THR A 2 -6.39 23.37 13.49
N LYS A 3 -5.65 22.29 13.41
CA LYS A 3 -5.40 21.60 12.16
C LYS A 3 -6.08 20.24 12.16
N ALA A 4 -7.36 20.23 12.54
CA ALA A 4 -8.12 18.99 12.62
C ALA A 4 -9.61 19.30 12.62
N SER A 5 -10.35 18.52 11.85
CA SER A 5 -11.79 18.70 11.73
C SER A 5 -12.37 17.55 10.92
N LYS A 6 -13.23 17.87 9.96
CA LYS A 6 -13.77 16.85 9.05
C LYS A 6 -12.63 16.28 8.21
N SER A 7 -11.79 17.18 7.71
CA SER A 7 -10.60 16.81 6.97
C SER A 7 -9.51 16.36 7.93
N GLY A 8 -8.70 15.40 7.49
CA GLY A 8 -7.59 14.93 8.28
C GLY A 8 -6.47 14.45 7.38
N VAL A 9 -6.77 13.43 6.59
CA VAL A 9 -5.86 13.00 5.55
C VAL A 9 -6.35 13.54 4.20
N PRO A 10 -5.60 14.48 3.60
CA PRO A 10 -6.00 15.12 2.35
C PRO A 10 -5.89 14.17 1.17
N VAL A 11 -7.01 13.92 0.50
CA VAL A 11 -7.03 13.08 -0.69
C VAL A 11 -6.69 13.89 -1.94
N THR A 12 -5.79 14.84 -1.77
CA THR A 12 -5.32 15.67 -2.86
C THR A 12 -4.56 14.84 -3.89
N GLN A 13 -4.82 15.11 -5.17
CA GLN A 13 -4.15 14.42 -6.26
C GLN A 13 -2.69 14.89 -6.38
N THR A 14 -1.95 14.74 -5.31
CA THR A 14 -0.57 15.17 -5.24
C THR A 14 0.14 14.44 -4.09
N GLN A 15 -0.52 14.39 -2.94
CA GLN A 15 0.02 13.73 -1.77
C GLN A 15 -0.29 12.24 -1.80
N THR A 16 -0.12 11.62 -2.96
CA THR A 16 -0.36 10.20 -3.13
C THR A 16 0.94 9.47 -3.43
N ALA A 17 2.00 9.89 -2.74
CA ALA A 17 3.32 9.30 -2.93
C ALA A 17 3.40 7.92 -2.29
N GLY A 18 4.12 7.02 -2.93
CA GLY A 18 4.31 5.69 -2.37
C GLY A 18 5.52 5.64 -1.44
N ALA A 19 5.59 6.61 -0.54
CA ALA A 19 6.71 6.71 0.39
C ALA A 19 6.50 5.83 1.62
N ASP A 20 6.29 4.53 1.39
CA ASP A 20 6.02 3.57 2.45
C ASP A 20 4.75 3.94 3.22
N THR A 21 3.75 4.36 2.47
CA THR A 21 2.46 4.67 3.07
C THR A 21 1.75 3.38 3.46
N THR A 22 1.90 2.38 2.59
CA THR A 22 1.34 1.05 2.84
C THR A 22 2.20 0.01 2.13
N ALA A 23 2.14 -1.25 2.57
CA ALA A 23 2.88 -2.33 1.92
C ALA A 23 2.42 -2.49 0.48
N GLU A 24 1.16 -2.14 0.24
CA GLU A 24 0.56 -2.14 -1.09
C GLU A 24 0.40 -3.55 -1.63
N LYS A 25 -0.40 -4.34 -0.94
CA LYS A 25 -0.78 -5.66 -1.43
C LYS A 25 -1.98 -5.52 -2.34
N CYS A 26 -2.78 -4.49 -2.07
CA CYS A 26 -3.98 -4.22 -2.83
C CYS A 26 -3.64 -3.52 -4.13
N LYS A 27 -2.63 -2.67 -4.07
CA LYS A 27 -2.26 -1.83 -5.20
C LYS A 27 -2.16 -2.63 -6.50
N GLY A 28 -2.94 -2.21 -7.49
CA GLY A 28 -2.90 -2.81 -8.81
C GLY A 28 -3.26 -4.29 -8.83
N LYS A 29 -4.17 -4.69 -7.96
CA LYS A 29 -4.57 -6.10 -7.90
C LYS A 29 -5.68 -6.40 -8.92
N GLY A 30 -6.36 -5.35 -9.36
CA GLY A 30 -7.38 -5.50 -10.39
C GLY A 30 -8.79 -5.45 -9.84
N GLU A 31 -9.71 -4.98 -10.66
CA GLU A 31 -11.10 -4.79 -10.25
C GLU A 31 -11.77 -6.11 -9.87
N LYS A 32 -11.52 -7.15 -10.67
CA LYS A 32 -12.05 -8.48 -10.38
C LYS A 32 -11.14 -9.21 -9.41
N ASP A 33 -10.69 -8.48 -8.41
CA ASP A 33 -9.79 -9.01 -7.39
C ASP A 33 -9.84 -8.13 -6.15
N CYS A 34 -9.93 -6.82 -6.39
CA CYS A 34 -9.98 -5.82 -5.34
C CYS A 34 -11.35 -5.82 -4.65
N LYS A 35 -11.60 -6.84 -3.83
CA LYS A 35 -12.86 -6.94 -3.11
C LYS A 35 -12.94 -5.84 -2.06
N SER A 36 -14.09 -5.16 -2.01
CA SER A 36 -14.25 -3.97 -1.17
C SER A 36 -13.81 -4.15 0.28
N PRO A 37 -14.26 -5.21 0.99
CA PRO A 37 -13.86 -5.43 2.39
C PRO A 37 -12.36 -5.62 2.54
N ASP A 38 -11.77 -6.19 1.51
CA ASP A 38 -10.34 -6.47 1.50
C ASP A 38 -9.54 -5.24 1.07
N CYS A 39 -10.00 -4.56 0.04
CA CYS A 39 -9.26 -3.44 -0.53
C CYS A 39 -10.21 -2.43 -1.14
N LYS A 40 -9.87 -1.15 -1.07
CA LYS A 40 -10.72 -0.12 -1.64
C LYS A 40 -10.40 0.08 -3.12
N TRP A 41 -11.43 0.03 -3.94
CA TRP A 41 -11.29 0.33 -5.36
C TRP A 41 -11.67 1.78 -5.60
N GLU A 42 -10.67 2.59 -5.95
CA GLU A 42 -10.89 4.02 -6.13
C GLU A 42 -11.43 4.32 -7.54
N GLY A 43 -12.44 3.55 -7.94
CA GLY A 43 -13.06 3.75 -9.24
C GLY A 43 -12.08 3.61 -10.38
N GLY A 44 -11.14 2.68 -10.26
CA GLY A 44 -10.15 2.49 -11.28
C GLY A 44 -8.86 1.91 -10.73
N THR A 45 -8.50 2.36 -9.54
CA THR A 45 -7.26 1.95 -8.91
C THR A 45 -7.52 1.31 -7.54
N CYS A 46 -6.97 0.14 -7.30
CA CYS A 46 -7.09 -0.53 -6.01
C CYS A 46 -6.05 0.04 -5.06
N LYS A 47 -6.45 0.28 -3.83
CA LYS A 47 -5.55 0.82 -2.83
C LYS A 47 -5.80 0.19 -1.46
N ASP A 48 -4.72 -0.06 -0.75
CA ASP A 48 -4.79 -0.69 0.56
C ASP A 48 -5.43 0.27 1.56
N GLY A 1 43.67 25.76 7.16
CA GLY A 1 42.27 25.85 6.68
C GLY A 1 41.32 25.06 7.54
N THR A 2 40.13 25.59 7.76
CA THR A 2 39.12 24.93 8.57
C THR A 2 38.66 23.63 7.89
N LYS A 3 38.43 22.60 8.69
CA LYS A 3 38.04 21.31 8.18
C LYS A 3 37.25 20.55 9.25
N ALA A 4 36.31 21.25 9.85
CA ALA A 4 35.48 20.69 10.90
C ALA A 4 34.47 19.71 10.33
N SER A 5 34.48 18.49 10.86
CA SER A 5 33.54 17.46 10.42
C SER A 5 32.14 17.72 10.98
N LYS A 6 31.18 17.89 10.08
CA LYS A 6 29.80 18.13 10.49
C LYS A 6 29.20 16.85 11.05
N SER A 7 29.55 15.73 10.43
CA SER A 7 29.11 14.40 10.85
C SER A 7 27.60 14.21 10.64
N GLY A 8 27.26 13.18 9.89
CA GLY A 8 25.88 12.86 9.65
C GLY A 8 25.74 11.65 8.77
N VAL A 9 25.00 10.66 9.25
CA VAL A 9 24.81 9.43 8.50
C VAL A 9 23.86 9.64 7.33
N PRO A 10 24.20 9.11 6.15
CA PRO A 10 23.38 9.26 4.94
C PRO A 10 22.09 8.44 5.02
N VAL A 11 21.01 9.00 4.49
CA VAL A 11 19.72 8.33 4.51
C VAL A 11 18.75 9.03 3.56
N THR A 12 17.97 8.24 2.84
CA THR A 12 17.06 8.78 1.83
C THR A 12 15.96 9.62 2.49
N GLN A 13 15.40 9.10 3.58
CA GLN A 13 14.42 9.85 4.37
C GLN A 13 14.90 9.93 5.82
N THR A 14 15.03 11.15 6.33
CA THR A 14 15.43 11.34 7.71
C THR A 14 14.26 11.01 8.64
N GLN A 15 14.57 10.36 9.75
CA GLN A 15 13.57 9.88 10.70
C GLN A 15 12.77 8.72 10.12
N THR A 16 12.77 7.61 10.82
CA THR A 16 11.97 6.46 10.44
C THR A 16 10.65 6.47 11.17
N ALA A 17 9.55 6.61 10.43
CA ALA A 17 8.23 6.68 11.01
C ALA A 17 7.17 6.38 9.96
N GLY A 18 6.27 5.47 10.28
CA GLY A 18 5.24 5.07 9.35
C GLY A 18 4.38 3.96 9.92
N ALA A 19 3.10 3.98 9.58
CA ALA A 19 2.17 2.97 10.08
C ALA A 19 2.57 1.58 9.58
N ASP A 20 2.98 1.52 8.31
CA ASP A 20 3.42 0.27 7.68
C ASP A 20 2.29 -0.76 7.72
N THR A 21 1.11 -0.32 7.33
CA THR A 21 -0.08 -1.15 7.35
C THR A 21 0.03 -2.30 6.36
N THR A 22 0.57 -2.00 5.18
CA THR A 22 0.76 -2.99 4.13
C THR A 22 1.60 -2.41 3.01
N ALA A 23 2.38 -3.26 2.36
CA ALA A 23 3.17 -2.87 1.20
C ALA A 23 2.29 -2.84 -0.04
N GLU A 24 1.08 -2.34 0.12
CA GLU A 24 0.09 -2.32 -0.94
C GLU A 24 -0.24 -3.72 -1.44
N LYS A 25 -0.87 -4.49 -0.57
CA LYS A 25 -1.40 -5.80 -0.90
C LYS A 25 -2.36 -5.69 -2.09
N CYS A 26 -3.07 -4.58 -2.12
CA CYS A 26 -4.05 -4.30 -3.15
C CYS A 26 -3.37 -3.85 -4.45
N LYS A 27 -2.63 -2.75 -4.34
CA LYS A 27 -1.82 -2.17 -5.42
C LYS A 27 -2.41 -2.37 -6.82
N GLY A 28 -3.43 -1.58 -7.10
CA GLY A 28 -3.97 -1.48 -8.45
C GLY A 28 -4.25 -2.80 -9.15
N LYS A 29 -4.68 -3.81 -8.41
CA LYS A 29 -5.10 -5.04 -9.05
C LYS A 29 -6.57 -4.92 -9.44
N GLY A 30 -6.95 -5.60 -10.52
CA GLY A 30 -8.30 -5.47 -11.05
C GLY A 30 -9.38 -5.78 -10.03
N GLU A 31 -10.54 -5.15 -10.19
CA GLU A 31 -11.65 -5.28 -9.26
C GLU A 31 -12.08 -6.75 -9.08
N LYS A 32 -11.95 -7.53 -10.14
CA LYS A 32 -12.30 -8.95 -10.07
C LYS A 32 -11.41 -9.65 -9.06
N ASP A 33 -10.14 -9.25 -9.02
CA ASP A 33 -9.20 -9.77 -8.03
C ASP A 33 -9.37 -9.05 -6.70
N CYS A 34 -9.41 -7.73 -6.77
CA CYS A 34 -9.43 -6.90 -5.57
C CYS A 34 -10.85 -6.75 -5.03
N LYS A 35 -11.07 -7.24 -3.82
CA LYS A 35 -12.37 -7.15 -3.17
C LYS A 35 -12.48 -5.87 -2.36
N SER A 36 -13.65 -5.25 -2.43
CA SER A 36 -13.91 -4.01 -1.71
C SER A 36 -13.72 -4.17 -0.18
N PRO A 37 -14.29 -5.22 0.45
CA PRO A 37 -14.12 -5.44 1.90
C PRO A 37 -12.65 -5.59 2.28
N ASP A 38 -11.86 -6.12 1.35
CA ASP A 38 -10.44 -6.34 1.58
C ASP A 38 -9.63 -5.06 1.31
N CYS A 39 -9.98 -4.37 0.23
CA CYS A 39 -9.20 -3.23 -0.23
C CYS A 39 -10.11 -2.12 -0.75
N LYS A 40 -9.67 -0.88 -0.61
CA LYS A 40 -10.44 0.25 -1.11
C LYS A 40 -10.26 0.39 -2.61
N TRP A 41 -11.37 0.64 -3.30
CA TRP A 41 -11.37 0.80 -4.74
C TRP A 41 -11.58 2.27 -5.08
N GLU A 42 -10.76 2.80 -5.98
CA GLU A 42 -10.89 4.20 -6.37
C GLU A 42 -10.91 4.34 -7.90
N GLY A 43 -12.09 4.09 -8.48
CA GLY A 43 -12.27 4.26 -9.91
C GLY A 43 -11.66 3.13 -10.73
N GLY A 44 -10.35 2.99 -10.66
CA GLY A 44 -9.67 1.96 -11.42
C GLY A 44 -8.33 1.62 -10.82
N THR A 45 -8.25 1.63 -9.51
CA THR A 45 -7.05 1.28 -8.80
C THR A 45 -7.39 0.86 -7.37
N CYS A 46 -6.67 -0.14 -6.89
CA CYS A 46 -6.92 -0.67 -5.56
C CYS A 46 -5.83 -0.21 -4.62
N LYS A 47 -6.18 0.02 -3.35
CA LYS A 47 -5.21 0.49 -2.38
C LYS A 47 -5.71 0.31 -0.96
N ASP A 48 -4.77 0.29 -0.02
CA ASP A 48 -5.09 0.20 1.39
C ASP A 48 -5.83 1.46 1.84
N GLY A 1 12.22 5.93 18.06
CA GLY A 1 12.81 7.20 17.58
C GLY A 1 13.55 7.00 16.27
N THR A 2 14.61 7.77 16.07
CA THR A 2 15.40 7.69 14.84
C THR A 2 16.19 6.38 14.79
N LYS A 3 16.23 5.80 13.60
CA LYS A 3 16.95 4.55 13.39
C LYS A 3 17.22 4.37 11.90
N ALA A 4 18.47 4.06 11.56
CA ALA A 4 18.88 3.97 10.17
C ALA A 4 18.24 2.78 9.46
N SER A 5 18.32 1.62 10.09
CA SER A 5 17.77 0.41 9.49
C SER A 5 17.46 -0.60 10.60
N LYS A 6 17.81 -1.87 10.38
CA LYS A 6 17.56 -2.94 11.34
C LYS A 6 16.07 -3.05 11.68
N SER A 7 15.23 -2.84 10.66
CA SER A 7 13.78 -2.96 10.80
C SER A 7 13.17 -3.09 9.40
N GLY A 8 13.61 -2.23 8.52
CA GLY A 8 13.17 -2.25 7.15
C GLY A 8 14.10 -1.45 6.27
N VAL A 9 13.56 -0.54 5.48
CA VAL A 9 14.38 0.34 4.68
C VAL A 9 13.62 1.62 4.34
N PRO A 10 14.16 2.77 4.74
CA PRO A 10 13.52 4.07 4.51
C PRO A 10 13.44 4.38 3.02
N VAL A 11 12.26 4.16 2.45
CA VAL A 11 12.05 4.34 1.02
C VAL A 11 12.28 5.80 0.63
N THR A 12 13.35 6.03 -0.11
CA THR A 12 13.77 7.37 -0.51
C THR A 12 14.07 8.24 0.71
N GLN A 13 14.42 7.57 1.81
CA GLN A 13 14.73 8.21 3.11
C GLN A 13 13.51 8.91 3.70
N THR A 14 13.00 9.92 3.01
CA THR A 14 11.81 10.62 3.45
C THR A 14 10.56 9.83 3.06
N GLN A 15 9.74 9.49 4.05
CA GLN A 15 8.53 8.71 3.81
C GLN A 15 7.46 9.55 3.15
N THR A 16 6.77 8.96 2.17
CA THR A 16 5.70 9.63 1.46
C THR A 16 4.88 8.61 0.67
N ALA A 17 3.57 8.75 0.73
CA ALA A 17 2.64 7.81 0.11
C ALA A 17 2.80 6.40 0.67
N GLY A 18 2.98 6.32 1.99
CA GLY A 18 3.14 5.03 2.64
C GLY A 18 3.13 5.13 4.15
N ALA A 19 2.23 5.95 4.68
CA ALA A 19 2.07 6.11 6.12
C ALA A 19 1.19 5.00 6.69
N ASP A 20 0.14 4.68 5.94
CA ASP A 20 -0.78 3.62 6.36
C ASP A 20 -0.13 2.25 6.20
N THR A 21 -0.31 1.41 7.21
CA THR A 21 0.34 0.10 7.24
C THR A 21 -0.35 -0.91 6.31
N THR A 22 -0.57 -0.52 5.07
CA THR A 22 -1.18 -1.40 4.09
C THR A 22 -0.10 -2.06 3.22
N ALA A 23 1.06 -1.38 3.12
CA ALA A 23 2.19 -1.84 2.32
C ALA A 23 1.83 -1.97 0.84
N GLU A 24 0.83 -1.17 0.43
CA GLU A 24 0.40 -1.11 -0.96
C GLU A 24 0.14 -2.51 -1.54
N LYS A 25 -0.47 -3.36 -0.72
CA LYS A 25 -0.76 -4.73 -1.13
C LYS A 25 -2.01 -4.79 -1.98
N CYS A 26 -2.88 -3.80 -1.81
CA CYS A 26 -4.12 -3.73 -2.56
C CYS A 26 -3.85 -3.33 -4.00
N LYS A 27 -2.86 -2.46 -4.19
CA LYS A 27 -2.49 -2.00 -5.52
C LYS A 27 -1.96 -3.16 -6.35
N GLY A 28 -2.67 -3.46 -7.43
CA GLY A 28 -2.32 -4.60 -8.24
C GLY A 28 -3.55 -5.34 -8.69
N LYS A 29 -4.55 -5.38 -7.81
CA LYS A 29 -5.83 -6.02 -8.11
C LYS A 29 -6.60 -5.23 -9.16
N GLY A 30 -7.19 -5.94 -10.10
CA GLY A 30 -8.12 -5.31 -11.01
C GLY A 30 -9.48 -5.17 -10.36
N GLU A 31 -10.49 -4.80 -11.14
CA GLU A 31 -11.83 -4.60 -10.61
C GLU A 31 -12.44 -5.92 -10.14
N LYS A 32 -12.12 -7.00 -10.86
CA LYS A 32 -12.60 -8.32 -10.49
C LYS A 32 -11.82 -8.85 -9.31
N ASP A 33 -10.51 -8.60 -9.30
CA ASP A 33 -9.63 -9.05 -8.22
C ASP A 33 -9.98 -8.34 -6.92
N CYS A 34 -10.10 -7.01 -7.00
CA CYS A 34 -10.49 -6.21 -5.85
C CYS A 34 -11.90 -6.61 -5.41
N LYS A 35 -12.05 -6.99 -4.15
CA LYS A 35 -13.34 -7.44 -3.63
C LYS A 35 -13.54 -6.96 -2.22
N SER A 36 -12.99 -5.81 -2.01
CA SER A 36 -13.08 -5.10 -0.73
C SER A 36 -12.81 -6.01 0.48
N PRO A 37 -11.69 -6.80 0.49
CA PRO A 37 -11.33 -7.62 1.64
C PRO A 37 -10.78 -6.73 2.75
N ASP A 38 -9.92 -5.83 2.33
CA ASP A 38 -9.36 -4.79 3.18
C ASP A 38 -8.83 -3.72 2.24
N CYS A 39 -9.57 -3.53 1.16
CA CYS A 39 -9.16 -2.69 0.03
C CYS A 39 -10.39 -2.05 -0.60
N LYS A 40 -10.24 -0.82 -1.07
CA LYS A 40 -11.33 -0.12 -1.74
C LYS A 40 -11.00 0.11 -3.22
N TRP A 41 -11.98 -0.12 -4.08
CA TRP A 41 -11.83 0.18 -5.49
C TRP A 41 -12.07 1.66 -5.72
N GLU A 42 -11.06 2.37 -6.22
CA GLU A 42 -11.16 3.81 -6.38
C GLU A 42 -10.21 4.29 -7.47
N GLY A 43 -10.73 5.13 -8.36
CA GLY A 43 -9.93 5.67 -9.46
C GLY A 43 -9.33 4.58 -10.34
N GLY A 44 -10.10 3.51 -10.53
CA GLY A 44 -9.63 2.40 -11.32
C GLY A 44 -8.42 1.74 -10.70
N THR A 45 -8.43 1.62 -9.39
CA THR A 45 -7.30 1.11 -8.64
C THR A 45 -7.74 0.58 -7.29
N CYS A 46 -7.26 -0.60 -6.93
CA CYS A 46 -7.57 -1.20 -5.65
C CYS A 46 -6.58 -0.69 -4.62
N LYS A 47 -7.07 -0.02 -3.59
CA LYS A 47 -6.20 0.64 -2.63
C LYS A 47 -6.93 0.86 -1.31
N ASP A 48 -6.17 0.95 -0.24
CA ASP A 48 -6.73 1.09 1.11
C ASP A 48 -7.48 2.41 1.26
N GLY A 1 4.25 -4.05 6.93
CA GLY A 1 5.33 -4.25 5.93
C GLY A 1 6.51 -3.35 6.20
N THR A 2 7.70 -3.78 5.77
CA THR A 2 8.91 -3.00 5.95
C THR A 2 8.83 -1.70 5.14
N LYS A 3 8.39 -1.84 3.89
CA LYS A 3 8.23 -0.73 2.95
C LYS A 3 9.58 -0.16 2.53
N ALA A 4 10.30 0.45 3.46
CA ALA A 4 11.63 0.96 3.18
C ALA A 4 12.69 -0.05 3.60
N SER A 5 13.47 -0.51 2.64
CA SER A 5 14.52 -1.48 2.91
C SER A 5 15.70 -0.80 3.59
N LYS A 6 16.03 0.41 3.12
CA LYS A 6 17.12 1.22 3.67
C LYS A 6 18.44 0.47 3.61
N SER A 7 18.66 -0.22 2.50
CA SER A 7 19.89 -0.95 2.27
C SER A 7 20.99 0.00 1.82
N GLY A 8 20.61 0.97 1.03
CA GLY A 8 21.54 1.94 0.49
C GLY A 8 20.82 3.03 -0.26
N VAL A 9 21.10 3.16 -1.54
CA VAL A 9 20.34 4.06 -2.39
C VAL A 9 19.00 3.43 -2.72
N PRO A 10 17.89 4.16 -2.51
CA PRO A 10 16.54 3.63 -2.74
C PRO A 10 16.33 3.21 -4.19
N VAL A 11 16.19 1.90 -4.41
CA VAL A 11 16.04 1.37 -5.75
C VAL A 11 14.57 1.29 -6.14
N THR A 12 13.82 2.36 -5.86
CA THR A 12 12.38 2.44 -6.12
C THR A 12 11.64 1.21 -5.59
N GLN A 13 12.06 0.74 -4.43
CA GLN A 13 11.43 -0.41 -3.79
C GLN A 13 10.44 0.05 -2.74
N THR A 14 10.63 1.25 -2.23
CA THR A 14 9.77 1.80 -1.22
C THR A 14 8.35 1.97 -1.75
N GLN A 15 8.21 2.74 -2.85
CA GLN A 15 6.94 2.91 -3.53
C GLN A 15 5.84 3.33 -2.56
N THR A 16 6.13 4.33 -1.74
CA THR A 16 5.18 4.82 -0.74
C THR A 16 4.18 5.77 -1.37
N ALA A 17 2.93 5.72 -0.91
CA ALA A 17 1.88 6.57 -1.44
C ALA A 17 0.77 6.76 -0.42
N GLY A 18 0.34 5.66 0.19
CA GLY A 18 -0.69 5.74 1.20
C GLY A 18 -0.13 5.93 2.59
N ALA A 19 0.99 5.25 2.86
CA ALA A 19 1.69 5.30 4.16
C ALA A 19 0.91 4.58 5.26
N ASP A 20 -0.35 4.94 5.45
CA ASP A 20 -1.19 4.31 6.46
C ASP A 20 -1.51 2.88 6.08
N THR A 21 -1.26 1.96 7.01
CA THR A 21 -1.49 0.53 6.82
C THR A 21 -0.47 -0.06 5.83
N THR A 22 -0.57 0.37 4.57
CA THR A 22 0.39 0.01 3.55
C THR A 22 -0.03 0.59 2.20
N ALA A 23 -1.35 0.70 2.01
CA ALA A 23 -1.95 1.23 0.79
C ALA A 23 -1.76 0.27 -0.39
N GLU A 24 -0.52 -0.06 -0.69
CA GLU A 24 -0.21 -0.97 -1.78
C GLU A 24 -0.44 -2.42 -1.38
N LYS A 25 -1.49 -2.65 -0.61
CA LYS A 25 -1.90 -3.99 -0.25
C LYS A 25 -2.54 -4.66 -1.45
N CYS A 26 -3.22 -3.86 -2.26
CA CYS A 26 -3.99 -4.38 -3.37
C CYS A 26 -3.71 -3.60 -4.64
N LYS A 27 -2.80 -2.64 -4.55
CA LYS A 27 -2.50 -1.80 -5.70
C LYS A 27 -1.92 -2.63 -6.83
N GLY A 28 -2.59 -2.60 -7.96
CA GLY A 28 -2.18 -3.42 -9.09
C GLY A 28 -3.22 -4.46 -9.44
N LYS A 29 -4.14 -4.74 -8.52
CA LYS A 29 -5.16 -5.74 -8.76
C LYS A 29 -6.31 -5.15 -9.58
N GLY A 30 -6.84 -5.97 -10.48
CA GLY A 30 -8.01 -5.57 -11.23
C GLY A 30 -9.25 -5.54 -10.35
N GLU A 31 -10.31 -4.95 -10.85
CA GLU A 31 -11.55 -4.80 -10.08
C GLU A 31 -12.08 -6.15 -9.60
N LYS A 32 -11.96 -7.17 -10.44
CA LYS A 32 -12.45 -8.49 -10.08
C LYS A 32 -11.59 -9.13 -8.98
N ASP A 33 -10.31 -8.78 -8.98
CA ASP A 33 -9.40 -9.31 -7.96
C ASP A 33 -9.53 -8.50 -6.68
N CYS A 34 -9.71 -7.20 -6.85
CA CYS A 34 -9.96 -6.28 -5.74
C CYS A 34 -11.25 -6.67 -5.01
N LYS A 35 -11.29 -6.48 -3.70
CA LYS A 35 -12.50 -6.70 -2.91
C LYS A 35 -12.66 -5.57 -1.91
N SER A 36 -13.90 -5.23 -1.58
CA SER A 36 -14.17 -4.16 -0.62
C SER A 36 -13.64 -4.49 0.78
N PRO A 37 -13.88 -5.70 1.33
CA PRO A 37 -13.33 -6.07 2.63
C PRO A 37 -11.80 -6.15 2.58
N ASP A 38 -11.31 -6.50 1.39
CA ASP A 38 -9.87 -6.64 1.16
C ASP A 38 -9.18 -5.28 1.05
N CYS A 39 -9.75 -4.38 0.25
CA CYS A 39 -9.21 -3.04 0.08
C CYS A 39 -10.30 -2.09 -0.43
N LYS A 40 -9.92 -0.95 -0.96
CA LYS A 40 -10.88 -0.02 -1.50
C LYS A 40 -10.59 0.24 -2.98
N TRP A 41 -11.65 0.27 -3.78
CA TRP A 41 -11.53 0.49 -5.21
C TRP A 41 -11.95 1.93 -5.53
N GLU A 42 -11.06 2.67 -6.19
CA GLU A 42 -11.34 4.06 -6.51
C GLU A 42 -10.94 4.37 -7.94
N GLY A 43 -11.96 4.60 -8.78
CA GLY A 43 -11.74 4.91 -10.18
C GLY A 43 -11.24 3.72 -10.99
N GLY A 44 -10.04 3.28 -10.69
CA GLY A 44 -9.45 2.14 -11.36
C GLY A 44 -8.19 1.69 -10.67
N THR A 45 -8.23 1.65 -9.35
CA THR A 45 -7.09 1.24 -8.56
C THR A 45 -7.55 0.76 -7.18
N CYS A 46 -6.95 -0.32 -6.73
CA CYS A 46 -7.33 -0.94 -5.47
C CYS A 46 -6.24 -0.66 -4.43
N LYS A 47 -6.62 -0.19 -3.26
CA LYS A 47 -5.64 0.17 -2.25
C LYS A 47 -6.24 0.24 -0.85
N ASP A 48 -5.42 -0.03 0.15
CA ASP A 48 -5.82 0.00 1.54
C ASP A 48 -4.60 -0.09 2.43
N GLY A 1 12.68 32.90 25.26
CA GLY A 1 12.32 31.58 24.67
C GLY A 1 11.44 30.77 25.60
N THR A 2 10.45 31.42 26.19
CA THR A 2 9.51 30.78 27.08
C THR A 2 8.50 31.79 27.59
N LYS A 3 7.25 31.35 27.76
CA LYS A 3 6.16 32.21 28.19
C LYS A 3 5.93 33.31 27.14
N ALA A 4 6.06 32.94 25.89
CA ALA A 4 5.87 33.88 24.78
C ALA A 4 4.41 33.88 24.33
N SER A 5 3.91 35.05 23.99
CA SER A 5 2.55 35.19 23.48
C SER A 5 2.51 34.73 22.02
N LYS A 6 2.20 33.46 21.81
CA LYS A 6 2.19 32.89 20.48
C LYS A 6 0.92 33.27 19.72
N SER A 7 0.61 34.56 19.72
CA SER A 7 -0.52 35.07 18.98
C SER A 7 -0.06 35.55 17.61
N GLY A 8 -0.71 35.04 16.58
CA GLY A 8 -0.35 35.38 15.22
C GLY A 8 -0.82 34.35 14.24
N VAL A 9 -0.51 33.09 14.52
CA VAL A 9 -0.92 31.99 13.66
C VAL A 9 -0.78 30.65 14.38
N PRO A 10 -1.86 29.86 14.44
CA PRO A 10 -1.86 28.55 15.07
C PRO A 10 -0.99 27.57 14.30
N VAL A 11 -0.11 26.87 14.99
CA VAL A 11 0.76 25.91 14.34
C VAL A 11 0.03 24.56 14.21
N THR A 12 -1.20 24.63 13.74
CA THR A 12 -2.03 23.45 13.59
C THR A 12 -1.79 22.79 12.24
N GLN A 13 -1.52 21.50 12.24
CA GLN A 13 -1.28 20.75 11.02
C GLN A 13 -2.54 20.05 10.57
N THR A 14 -2.90 20.21 9.30
CA THR A 14 -4.09 19.58 8.75
C THR A 14 -3.84 18.11 8.45
N GLN A 15 -2.65 17.80 7.93
CA GLN A 15 -2.27 16.44 7.58
C GLN A 15 -0.80 16.40 7.20
N THR A 16 -0.14 15.31 7.58
CA THR A 16 1.27 15.12 7.30
C THR A 16 1.52 14.89 5.81
N ALA A 17 1.57 15.99 5.04
CA ALA A 17 1.70 15.93 3.60
C ALA A 17 0.51 15.19 2.98
N GLY A 18 0.75 14.43 1.93
CA GLY A 18 -0.31 13.68 1.31
C GLY A 18 0.20 12.66 0.33
N ALA A 19 -0.28 11.44 0.46
CA ALA A 19 0.11 10.34 -0.41
C ALA A 19 -0.75 9.13 -0.11
N ASP A 20 -1.37 8.56 -1.15
CA ASP A 20 -2.20 7.38 -1.00
C ASP A 20 -1.32 6.13 -1.00
N THR A 21 -0.34 6.11 -0.12
CA THR A 21 0.61 5.02 -0.04
C THR A 21 -0.08 3.72 0.39
N THR A 22 0.24 2.65 -0.29
CA THR A 22 -0.38 1.35 -0.04
C THR A 22 0.53 0.22 -0.51
N ALA A 23 1.47 0.56 -1.39
CA ALA A 23 2.39 -0.41 -1.96
C ALA A 23 1.64 -1.48 -2.74
N GLU A 24 2.21 -2.67 -2.85
CA GLU A 24 1.54 -3.74 -3.54
C GLU A 24 0.70 -4.59 -2.59
N LYS A 25 0.05 -3.91 -1.66
CA LYS A 25 -0.92 -4.55 -0.78
C LYS A 25 -2.15 -4.91 -1.60
N CYS A 26 -2.49 -4.02 -2.52
CA CYS A 26 -3.62 -4.24 -3.40
C CYS A 26 -3.41 -3.53 -4.73
N LYS A 27 -2.21 -3.05 -4.97
CA LYS A 27 -1.92 -2.32 -6.19
C LYS A 27 -1.85 -3.27 -7.39
N GLY A 28 -2.54 -2.89 -8.46
CA GLY A 28 -2.47 -3.65 -9.70
C GLY A 28 -3.15 -5.00 -9.64
N LYS A 29 -4.25 -5.08 -8.89
CA LYS A 29 -5.02 -6.31 -8.83
C LYS A 29 -6.07 -6.34 -9.93
N GLY A 30 -6.83 -5.25 -10.02
CA GLY A 30 -7.97 -5.23 -10.91
C GLY A 30 -9.24 -5.33 -10.11
N GLU A 31 -10.32 -4.75 -10.62
CA GLU A 31 -11.56 -4.62 -9.85
C GLU A 31 -12.12 -5.98 -9.44
N LYS A 32 -12.08 -6.96 -10.34
CA LYS A 32 -12.60 -8.29 -10.03
C LYS A 32 -11.74 -8.98 -8.97
N ASP A 33 -10.43 -8.79 -9.08
CA ASP A 33 -9.50 -9.37 -8.11
C ASP A 33 -9.60 -8.63 -6.78
N CYS A 34 -9.66 -7.31 -6.85
CA CYS A 34 -9.77 -6.46 -5.68
C CYS A 34 -10.95 -6.88 -4.80
N LYS A 35 -10.66 -7.25 -3.56
CA LYS A 35 -11.70 -7.55 -2.61
C LYS A 35 -12.09 -6.29 -1.87
N SER A 36 -13.37 -5.95 -1.93
CA SER A 36 -13.86 -4.69 -1.37
C SER A 36 -13.58 -4.56 0.13
N PRO A 37 -13.93 -5.56 0.97
CA PRO A 37 -13.66 -5.48 2.41
C PRO A 37 -12.16 -5.39 2.70
N ASP A 38 -11.35 -5.98 1.83
CA ASP A 38 -9.90 -5.96 1.97
C ASP A 38 -9.33 -4.62 1.52
N CYS A 39 -9.77 -4.13 0.38
CA CYS A 39 -9.26 -2.87 -0.16
C CYS A 39 -10.34 -2.15 -0.95
N LYS A 40 -10.35 -0.82 -0.85
CA LYS A 40 -11.33 0.00 -1.53
C LYS A 40 -10.96 0.18 -3.00
N TRP A 41 -11.94 0.52 -3.81
CA TRP A 41 -11.69 0.83 -5.21
C TRP A 41 -11.69 2.33 -5.41
N GLU A 42 -10.60 2.85 -5.95
CA GLU A 42 -10.44 4.28 -6.14
C GLU A 42 -10.58 4.64 -7.63
N GLY A 43 -11.74 4.32 -8.19
CA GLY A 43 -11.97 4.57 -9.61
C GLY A 43 -11.32 3.52 -10.50
N GLY A 44 -10.02 3.34 -10.32
CA GLY A 44 -9.30 2.33 -11.07
C GLY A 44 -8.05 1.91 -10.34
N THR A 45 -8.12 1.94 -9.02
CA THR A 45 -7.01 1.56 -8.17
C THR A 45 -7.51 0.84 -6.92
N CYS A 46 -6.94 -0.32 -6.64
CA CYS A 46 -7.31 -1.07 -5.46
C CYS A 46 -6.40 -0.69 -4.30
N LYS A 47 -6.99 -0.14 -3.25
CA LYS A 47 -6.23 0.29 -2.08
C LYS A 47 -7.18 0.64 -0.94
N ASP A 48 -6.89 0.17 0.26
CA ASP A 48 -7.73 0.46 1.40
C ASP A 48 -7.32 1.78 2.05
N GLY A 1 -20.49 11.38 -0.47
CA GLY A 1 -20.10 12.81 -0.57
C GLY A 1 -18.59 12.99 -0.52
N THR A 2 -18.15 14.01 0.20
CA THR A 2 -16.73 14.28 0.34
C THR A 2 -16.13 13.49 1.52
N LYS A 3 -15.16 14.09 2.20
CA LYS A 3 -14.48 13.43 3.31
C LYS A 3 -15.42 13.30 4.51
N ALA A 4 -16.29 14.29 4.69
CA ALA A 4 -17.21 14.29 5.81
C ALA A 4 -18.52 14.97 5.44
N SER A 5 -19.62 14.27 5.68
CA SER A 5 -20.94 14.83 5.43
C SER A 5 -21.49 15.47 6.71
N LYS A 6 -20.62 16.18 7.42
CA LYS A 6 -20.95 16.87 8.67
C LYS A 6 -21.27 15.88 9.79
N SER A 7 -20.46 15.94 10.84
CA SER A 7 -20.58 15.06 12.02
C SER A 7 -20.70 13.59 11.61
N GLY A 8 -19.82 13.17 10.72
CA GLY A 8 -19.80 11.79 10.26
C GLY A 8 -18.82 11.61 9.12
N VAL A 9 -18.00 10.58 9.20
CA VAL A 9 -16.98 10.34 8.18
C VAL A 9 -16.98 8.88 7.71
N PRO A 10 -17.10 8.67 6.39
CA PRO A 10 -17.03 7.35 5.77
C PRO A 10 -15.60 6.98 5.43
N VAL A 11 -14.70 7.23 6.36
CA VAL A 11 -13.27 7.06 6.11
C VAL A 11 -12.82 5.63 6.28
N THR A 12 -13.73 4.81 6.77
CA THR A 12 -13.52 3.38 6.99
C THR A 12 -12.53 3.10 8.13
N GLN A 13 -11.26 3.45 7.94
CA GLN A 13 -10.25 3.26 8.97
C GLN A 13 -9.24 4.39 8.97
N THR A 14 -8.73 4.73 7.79
CA THR A 14 -7.71 5.77 7.64
C THR A 14 -6.43 5.39 8.39
N GLN A 15 -5.90 4.21 8.08
CA GLN A 15 -4.66 3.75 8.68
C GLN A 15 -3.48 4.32 7.89
N THR A 16 -2.41 4.65 8.61
CA THR A 16 -1.24 5.34 8.03
C THR A 16 -1.67 6.57 7.23
N ALA A 17 -2.42 7.44 7.91
CA ALA A 17 -3.04 8.60 7.27
C ALA A 17 -2.01 9.58 6.75
N GLY A 18 -1.02 9.92 7.57
CA GLY A 18 -0.01 10.89 7.18
C GLY A 18 0.79 10.42 5.98
N ALA A 19 1.12 9.15 5.99
CA ALA A 19 1.84 8.53 4.88
C ALA A 19 1.75 7.02 5.01
N ASP A 20 1.30 6.37 3.94
CA ASP A 20 1.15 4.93 3.93
C ASP A 20 2.51 4.27 3.87
N THR A 21 2.78 3.38 4.81
CA THR A 21 4.05 2.66 4.83
C THR A 21 4.07 1.62 3.72
N THR A 22 2.93 0.97 3.54
CA THR A 22 2.76 0.02 2.45
C THR A 22 2.46 0.74 1.14
N ALA A 23 3.26 0.47 0.11
CA ALA A 23 3.03 1.05 -1.21
C ALA A 23 1.93 0.29 -1.92
N GLU A 24 2.05 -1.03 -1.93
CA GLU A 24 1.03 -1.89 -2.51
C GLU A 24 -0.10 -2.15 -1.52
N LYS A 25 -0.92 -1.13 -1.28
CA LYS A 25 -2.08 -1.25 -0.39
C LYS A 25 -3.18 -2.06 -1.06
N CYS A 26 -2.81 -3.26 -1.52
CA CYS A 26 -3.67 -4.13 -2.31
C CYS A 26 -3.77 -3.58 -3.72
N LYS A 27 -2.85 -2.70 -4.03
CA LYS A 27 -2.73 -2.10 -5.35
C LYS A 27 -2.23 -3.15 -6.34
N GLY A 28 -2.96 -3.31 -7.42
CA GLY A 28 -2.59 -4.30 -8.40
C GLY A 28 -3.74 -5.18 -8.81
N LYS A 29 -4.67 -5.40 -7.89
CA LYS A 29 -5.80 -6.26 -8.17
C LYS A 29 -6.82 -5.56 -9.05
N GLY A 30 -7.32 -6.30 -10.03
CA GLY A 30 -8.31 -5.78 -10.93
C GLY A 30 -9.68 -5.78 -10.30
N GLU A 31 -10.62 -5.02 -10.85
CA GLU A 31 -11.96 -4.94 -10.29
C GLU A 31 -12.62 -6.31 -10.29
N LYS A 32 -12.34 -7.10 -11.32
CA LYS A 32 -12.83 -8.47 -11.40
C LYS A 32 -11.91 -9.41 -10.63
N ASP A 33 -11.45 -8.95 -9.47
CA ASP A 33 -10.53 -9.70 -8.65
C ASP A 33 -10.50 -9.12 -7.24
N CYS A 34 -10.30 -7.81 -7.18
CA CYS A 34 -10.38 -7.07 -5.93
C CYS A 34 -11.86 -6.92 -5.55
N LYS A 35 -12.20 -7.19 -4.29
CA LYS A 35 -13.59 -7.24 -3.89
C LYS A 35 -13.76 -6.72 -2.48
N SER A 36 -13.12 -5.60 -2.24
CA SER A 36 -13.21 -4.87 -0.97
C SER A 36 -13.10 -5.77 0.27
N PRO A 37 -12.17 -6.75 0.33
CA PRO A 37 -11.98 -7.57 1.53
C PRO A 37 -11.11 -6.83 2.54
N ASP A 38 -10.01 -6.31 2.02
CA ASP A 38 -9.10 -5.45 2.77
C ASP A 38 -8.50 -4.47 1.77
N CYS A 39 -9.35 -4.06 0.85
CA CYS A 39 -8.92 -3.25 -0.27
C CYS A 39 -10.04 -2.31 -0.69
N LYS A 40 -9.71 -1.05 -0.89
CA LYS A 40 -10.71 -0.09 -1.34
C LYS A 40 -10.48 0.26 -2.80
N TRP A 41 -11.55 0.30 -3.57
CA TRP A 41 -11.45 0.65 -4.97
C TRP A 41 -11.48 2.16 -5.15
N GLU A 42 -10.48 2.70 -5.84
CA GLU A 42 -10.40 4.13 -6.08
C GLU A 42 -9.76 4.41 -7.42
N GLY A 43 -10.48 5.10 -8.28
CA GLY A 43 -9.96 5.50 -9.58
C GLY A 43 -9.44 4.32 -10.39
N GLY A 44 -10.22 3.25 -10.44
CA GLY A 44 -9.83 2.06 -11.18
C GLY A 44 -8.55 1.45 -10.64
N THR A 45 -8.38 1.49 -9.33
CA THR A 45 -7.21 0.95 -8.69
C THR A 45 -7.52 0.59 -7.24
N CYS A 46 -7.10 -0.58 -6.81
CA CYS A 46 -7.34 -1.00 -5.44
C CYS A 46 -6.24 -0.46 -4.53
N LYS A 47 -6.64 0.16 -3.42
CA LYS A 47 -5.70 0.74 -2.49
C LYS A 47 -6.42 1.12 -1.19
N ASP A 48 -5.83 0.76 -0.07
CA ASP A 48 -6.43 1.06 1.22
C ASP A 48 -6.02 2.47 1.66
N GLY A 1 -4.95 -2.82 -17.58
CA GLY A 1 -3.93 -3.60 -18.32
C GLY A 1 -4.16 -5.09 -18.19
N THR A 2 -4.10 -5.80 -19.32
CA THR A 2 -4.33 -7.23 -19.32
C THR A 2 -3.23 -7.97 -18.58
N LYS A 3 -3.59 -8.62 -17.48
CA LYS A 3 -2.64 -9.40 -16.70
C LYS A 3 -2.42 -10.75 -17.38
N ALA A 4 -3.54 -11.37 -17.77
CA ALA A 4 -3.53 -12.65 -18.47
C ALA A 4 -2.81 -13.73 -17.67
N SER A 5 -2.29 -14.75 -18.37
CA SER A 5 -1.62 -15.88 -17.75
C SER A 5 -2.57 -16.69 -16.88
N LYS A 6 -2.09 -17.79 -16.32
CA LYS A 6 -2.88 -18.61 -15.40
C LYS A 6 -2.84 -18.01 -14.00
N SER A 7 -3.02 -16.70 -13.92
CA SER A 7 -2.92 -15.99 -12.67
C SER A 7 -4.09 -16.32 -11.74
N GLY A 8 -3.78 -16.62 -10.50
CA GLY A 8 -4.81 -16.88 -9.51
C GLY A 8 -5.34 -15.60 -8.90
N VAL A 9 -5.73 -15.67 -7.64
CA VAL A 9 -6.19 -14.49 -6.92
C VAL A 9 -5.03 -13.88 -6.14
N PRO A 10 -4.66 -12.64 -6.48
CA PRO A 10 -3.50 -11.97 -5.88
C PRO A 10 -3.77 -11.45 -4.46
N VAL A 11 -4.13 -12.36 -3.56
CA VAL A 11 -4.33 -12.01 -2.15
C VAL A 11 -2.98 -11.96 -1.44
N THR A 12 -2.04 -11.23 -2.04
CA THR A 12 -0.65 -11.16 -1.58
C THR A 12 0.04 -12.52 -1.75
N GLN A 13 -0.29 -13.47 -0.88
CA GLN A 13 0.16 -14.86 -0.98
C GLN A 13 1.67 -14.98 -1.13
N THR A 14 2.12 -16.09 -1.72
CA THR A 14 3.53 -16.38 -1.88
C THR A 14 4.20 -15.38 -2.83
N GLN A 15 3.51 -15.09 -3.92
CA GLN A 15 4.02 -14.16 -4.93
C GLN A 15 4.31 -12.79 -4.33
N THR A 16 3.57 -12.44 -3.28
CA THR A 16 3.69 -11.14 -2.64
C THR A 16 3.27 -10.05 -3.62
N ALA A 17 2.09 -10.23 -4.21
CA ALA A 17 1.58 -9.36 -5.26
C ALA A 17 1.22 -7.97 -4.73
N GLY A 18 2.25 -7.21 -4.37
CA GLY A 18 2.06 -5.87 -3.88
C GLY A 18 3.38 -5.23 -3.49
N ALA A 19 4.41 -5.53 -4.26
CA ALA A 19 5.73 -4.99 -3.98
C ALA A 19 5.98 -3.70 -4.75
N ASP A 20 4.92 -2.91 -4.93
CA ASP A 20 5.03 -1.63 -5.60
C ASP A 20 5.70 -0.62 -4.67
N THR A 21 6.30 0.42 -5.24
CA THR A 21 6.95 1.46 -4.47
C THR A 21 5.93 2.19 -3.59
N THR A 22 4.67 2.12 -4.00
CA THR A 22 3.57 2.71 -3.26
C THR A 22 3.27 1.90 -1.98
N ALA A 23 3.88 0.70 -1.89
CA ALA A 23 3.74 -0.21 -0.75
C ALA A 23 2.39 -0.91 -0.74
N GLU A 24 1.36 -0.23 -1.22
CA GLU A 24 0.01 -0.75 -1.17
C GLU A 24 -0.08 -2.08 -1.91
N LYS A 25 -0.39 -3.13 -1.17
CA LYS A 25 -0.50 -4.46 -1.73
C LYS A 25 -1.72 -4.59 -2.62
N CYS A 26 -2.76 -3.84 -2.27
CA CYS A 26 -4.01 -3.88 -3.00
C CYS A 26 -3.85 -3.18 -4.35
N LYS A 27 -3.00 -2.16 -4.39
CA LYS A 27 -2.80 -1.38 -5.60
C LYS A 27 -2.36 -2.25 -6.77
N GLY A 28 -3.00 -2.04 -7.92
CA GLY A 28 -2.65 -2.79 -9.10
C GLY A 28 -3.64 -3.90 -9.40
N LYS A 29 -4.27 -4.43 -8.36
CA LYS A 29 -5.21 -5.53 -8.53
C LYS A 29 -6.43 -5.11 -9.33
N GLY A 30 -6.92 -6.06 -10.13
CA GLY A 30 -8.09 -5.82 -10.94
C GLY A 30 -9.36 -5.79 -10.10
N GLU A 31 -10.43 -5.25 -10.65
CA GLU A 31 -11.68 -5.10 -9.89
C GLU A 31 -12.21 -6.46 -9.43
N LYS A 32 -12.15 -7.44 -10.32
CA LYS A 32 -12.57 -8.80 -10.00
C LYS A 32 -11.67 -9.42 -8.94
N ASP A 33 -10.38 -9.10 -9.01
CA ASP A 33 -9.41 -9.62 -8.06
C ASP A 33 -9.52 -8.91 -6.73
N CYS A 34 -9.62 -7.59 -6.79
CA CYS A 34 -9.71 -6.74 -5.60
C CYS A 34 -10.89 -7.14 -4.72
N LYS A 35 -10.58 -7.53 -3.49
CA LYS A 35 -11.59 -7.80 -2.50
C LYS A 35 -12.05 -6.48 -1.90
N SER A 36 -13.27 -6.08 -2.22
CA SER A 36 -13.76 -4.74 -1.85
C SER A 36 -13.77 -4.49 -0.34
N PRO A 37 -14.32 -5.41 0.48
CA PRO A 37 -14.34 -5.21 1.93
C PRO A 37 -12.92 -5.03 2.49
N ASP A 38 -11.98 -5.79 1.94
CA ASP A 38 -10.59 -5.76 2.38
C ASP A 38 -9.87 -4.53 1.82
N CYS A 39 -10.01 -4.28 0.52
CA CYS A 39 -9.40 -3.12 -0.10
C CYS A 39 -10.46 -2.33 -0.87
N LYS A 40 -10.47 -1.03 -0.66
CA LYS A 40 -11.48 -0.19 -1.27
C LYS A 40 -11.14 0.11 -2.73
N TRP A 41 -12.11 -0.09 -3.61
CA TRP A 41 -11.92 0.20 -5.03
C TRP A 41 -12.13 1.69 -5.28
N GLU A 42 -11.13 2.35 -5.83
CA GLU A 42 -11.21 3.79 -6.07
C GLU A 42 -10.10 4.23 -7.00
N GLY A 43 -10.44 5.10 -7.94
CA GLY A 43 -9.45 5.62 -8.88
C GLY A 43 -8.99 4.56 -9.86
N GLY A 44 -9.91 3.70 -10.27
CA GLY A 44 -9.59 2.66 -11.23
C GLY A 44 -8.49 1.74 -10.75
N THR A 45 -8.45 1.50 -9.45
CA THR A 45 -7.45 0.63 -8.86
C THR A 45 -7.83 0.29 -7.43
N CYS A 46 -7.29 -0.81 -6.94
CA CYS A 46 -7.61 -1.31 -5.62
C CYS A 46 -6.75 -0.57 -4.58
N LYS A 47 -7.39 0.10 -3.63
CA LYS A 47 -6.68 0.92 -2.66
C LYS A 47 -6.33 0.12 -1.42
N ASP A 48 -5.20 0.44 -0.82
CA ASP A 48 -4.76 -0.22 0.41
C ASP A 48 -4.56 0.85 1.49
N GLY A 1 30.39 20.89 -4.11
CA GLY A 1 31.20 19.69 -4.47
C GLY A 1 30.95 18.54 -3.54
N THR A 2 31.18 18.76 -2.24
CA THR A 2 30.93 17.74 -1.24
C THR A 2 29.44 17.45 -1.13
N LYS A 3 29.08 16.17 -1.21
CA LYS A 3 27.67 15.77 -1.14
C LYS A 3 27.11 16.01 0.25
N ALA A 4 27.91 15.70 1.27
CA ALA A 4 27.51 15.85 2.66
C ALA A 4 26.33 14.95 3.01
N SER A 5 25.49 15.40 3.94
CA SER A 5 24.36 14.61 4.43
C SER A 5 24.85 13.28 4.98
N LYS A 6 25.98 13.32 5.68
CA LYS A 6 26.60 12.13 6.22
C LYS A 6 25.84 11.64 7.44
N SER A 7 25.57 10.35 7.48
CA SER A 7 24.82 9.72 8.56
C SER A 7 23.43 10.34 8.69
N GLY A 8 22.84 10.71 7.56
CA GLY A 8 21.53 11.33 7.58
C GLY A 8 21.07 11.78 6.22
N VAL A 9 21.26 10.94 5.22
CA VAL A 9 20.79 11.24 3.88
C VAL A 9 19.26 11.22 3.83
N PRO A 10 18.64 12.25 3.24
CA PRO A 10 17.17 12.38 3.20
C PRO A 10 16.51 11.15 2.58
N VAL A 11 16.97 10.77 1.39
CA VAL A 11 16.51 9.56 0.74
C VAL A 11 17.31 8.36 1.26
N THR A 12 17.17 8.10 2.54
CA THR A 12 17.93 7.04 3.20
C THR A 12 17.46 5.66 2.75
N GLN A 13 16.16 5.54 2.49
CA GLN A 13 15.59 4.29 2.03
C GLN A 13 15.35 4.32 0.53
N THR A 14 15.40 3.16 -0.09
CA THR A 14 15.13 3.04 -1.51
C THR A 14 13.62 3.00 -1.75
N GLN A 15 13.18 3.64 -2.84
CA GLN A 15 11.76 3.67 -3.18
C GLN A 15 11.23 2.27 -3.43
N THR A 16 12.05 1.44 -4.05
CA THR A 16 11.72 0.04 -4.26
C THR A 16 12.15 -0.78 -3.05
N ALA A 17 11.29 -1.73 -2.65
CA ALA A 17 11.52 -2.54 -1.46
C ALA A 17 11.47 -1.69 -0.20
N GLY A 18 10.51 -0.77 -0.17
CA GLY A 18 10.33 0.08 0.98
C GLY A 18 9.50 -0.59 2.05
N ALA A 19 8.39 -1.22 1.63
CA ALA A 19 7.47 -1.94 2.51
C ALA A 19 6.67 -1.00 3.42
N ASP A 20 7.27 0.10 3.83
CA ASP A 20 6.62 1.07 4.71
C ASP A 20 5.32 1.58 4.12
N THR A 21 4.30 1.68 4.96
CA THR A 21 2.98 2.12 4.54
C THR A 21 2.41 1.17 3.49
N THR A 22 2.67 -0.13 3.70
CA THR A 22 2.24 -1.19 2.79
C THR A 22 2.99 -1.13 1.46
N ALA A 23 3.55 -2.25 1.06
CA ALA A 23 4.29 -2.34 -0.19
C ALA A 23 3.34 -2.55 -1.38
N GLU A 24 2.28 -1.75 -1.41
CA GLU A 24 1.30 -1.78 -2.52
C GLU A 24 0.72 -3.18 -2.71
N LYS A 25 0.16 -3.72 -1.64
CA LYS A 25 -0.45 -5.04 -1.68
C LYS A 25 -1.78 -4.99 -2.40
N CYS A 26 -2.58 -3.97 -2.09
CA CYS A 26 -3.86 -3.80 -2.73
C CYS A 26 -3.70 -3.15 -4.10
N LYS A 27 -2.86 -2.12 -4.15
CA LYS A 27 -2.60 -1.38 -5.39
C LYS A 27 -2.04 -2.31 -6.45
N GLY A 28 -2.79 -2.53 -7.51
CA GLY A 28 -2.33 -3.39 -8.57
C GLY A 28 -3.32 -4.49 -8.91
N LYS A 29 -4.15 -4.86 -7.94
CA LYS A 29 -5.11 -5.94 -8.15
C LYS A 29 -6.27 -5.47 -9.01
N GLY A 30 -6.72 -6.36 -9.88
CA GLY A 30 -7.83 -6.04 -10.77
C GLY A 30 -9.16 -6.06 -10.04
N GLU A 31 -10.16 -5.39 -10.60
CA GLU A 31 -11.48 -5.32 -9.97
C GLU A 31 -12.09 -6.70 -9.82
N LYS A 32 -11.86 -7.56 -10.81
CA LYS A 32 -12.36 -8.92 -10.78
C LYS A 32 -11.43 -9.84 -9.99
N ASP A 33 -10.89 -9.28 -8.92
CA ASP A 33 -10.01 -10.02 -8.02
C ASP A 33 -9.88 -9.29 -6.70
N CYS A 34 -9.58 -8.00 -6.78
CA CYS A 34 -9.49 -7.15 -5.61
C CYS A 34 -10.87 -6.99 -4.99
N LYS A 35 -10.99 -7.30 -3.71
CA LYS A 35 -12.27 -7.20 -3.03
C LYS A 35 -12.40 -5.83 -2.38
N SER A 36 -13.57 -5.22 -2.52
CA SER A 36 -13.81 -3.89 -1.96
C SER A 36 -13.66 -3.86 -0.44
N PRO A 37 -14.29 -4.79 0.33
CA PRO A 37 -14.14 -4.83 1.78
C PRO A 37 -12.69 -5.11 2.19
N ASP A 38 -11.98 -5.83 1.33
CA ASP A 38 -10.60 -6.19 1.59
C ASP A 38 -9.65 -5.04 1.25
N CYS A 39 -9.91 -4.38 0.13
CA CYS A 39 -9.10 -3.24 -0.32
C CYS A 39 -10.01 -2.22 -0.99
N LYS A 40 -9.82 -0.95 -0.64
CA LYS A 40 -10.68 0.10 -1.16
C LYS A 40 -10.50 0.28 -2.65
N TRP A 41 -11.57 -0.01 -3.40
CA TRP A 41 -11.58 0.26 -4.82
C TRP A 41 -11.99 1.71 -5.04
N GLU A 42 -11.12 2.49 -5.64
CA GLU A 42 -11.38 3.92 -5.82
C GLU A 42 -10.63 4.46 -7.01
N GLY A 43 -11.35 5.11 -7.92
CA GLY A 43 -10.75 5.64 -9.12
C GLY A 43 -10.31 4.53 -10.06
N GLY A 44 -11.04 3.43 -10.06
CA GLY A 44 -10.71 2.31 -10.92
C GLY A 44 -9.37 1.70 -10.57
N THR A 45 -9.08 1.62 -9.29
CA THR A 45 -7.82 1.06 -8.82
C THR A 45 -7.91 0.76 -7.33
N CYS A 46 -7.27 -0.30 -6.90
CA CYS A 46 -7.35 -0.73 -5.51
C CYS A 46 -6.32 -0.02 -4.65
N LYS A 47 -6.75 0.44 -3.48
CA LYS A 47 -5.88 1.17 -2.56
C LYS A 47 -6.00 0.58 -1.17
N ASP A 48 -4.87 0.47 -0.47
CA ASP A 48 -4.88 -0.06 0.88
C ASP A 48 -5.45 0.98 1.84
N GLY A 1 35.34 25.71 5.90
CA GLY A 1 35.32 25.53 7.37
C GLY A 1 36.30 24.46 7.82
N THR A 2 37.05 24.76 8.89
CA THR A 2 38.09 23.89 9.41
C THR A 2 38.96 23.32 8.28
N LYS A 3 39.16 22.01 8.23
CA LYS A 3 39.95 21.38 7.18
C LYS A 3 39.30 21.60 5.82
N ALA A 4 40.10 22.02 4.85
CA ALA A 4 39.63 22.38 3.51
C ALA A 4 38.88 23.72 3.53
N SER A 5 39.17 24.55 2.54
CA SER A 5 38.60 25.89 2.47
C SER A 5 37.07 25.82 2.31
N LYS A 6 36.61 24.94 1.43
CA LYS A 6 35.18 24.75 1.23
C LYS A 6 34.90 23.31 0.81
N SER A 7 33.87 22.72 1.39
CA SER A 7 33.54 21.33 1.15
C SER A 7 32.09 21.05 1.48
N GLY A 8 31.22 21.99 1.12
CA GLY A 8 29.80 21.81 1.34
C GLY A 8 29.21 20.76 0.40
N VAL A 9 28.38 19.89 0.94
CA VAL A 9 27.77 18.83 0.17
C VAL A 9 26.29 18.69 0.52
N PRO A 10 25.41 18.64 -0.49
CA PRO A 10 23.96 18.63 -0.28
C PRO A 10 23.49 17.45 0.58
N VAL A 11 23.85 16.24 0.17
CA VAL A 11 23.42 15.01 0.85
C VAL A 11 21.89 14.96 0.91
N THR A 12 21.26 15.32 -0.20
CA THR A 12 19.82 15.40 -0.27
C THR A 12 19.21 14.09 -0.78
N GLN A 13 19.70 12.99 -0.24
CA GLN A 13 19.18 11.67 -0.59
C GLN A 13 17.99 11.31 0.29
N THR A 14 16.90 10.90 -0.34
CA THR A 14 15.71 10.54 0.41
C THR A 14 14.75 9.74 -0.48
N GLN A 15 14.39 8.55 -0.02
CA GLN A 15 13.47 7.68 -0.73
C GLN A 15 12.70 6.83 0.26
N THR A 16 11.39 6.74 0.08
CA THR A 16 10.56 5.94 0.95
C THR A 16 10.84 4.46 0.71
N ALA A 17 11.27 3.76 1.76
CA ALA A 17 11.68 2.37 1.62
C ALA A 17 10.51 1.47 1.24
N GLY A 18 9.42 1.56 2.00
CA GLY A 18 8.26 0.74 1.72
C GLY A 18 7.06 1.16 2.53
N ALA A 19 6.64 2.40 2.37
CA ALA A 19 5.50 2.94 3.11
C ALA A 19 4.97 4.21 2.45
N ASP A 20 5.00 4.22 1.12
CA ASP A 20 4.47 5.34 0.36
C ASP A 20 2.95 5.23 0.21
N THR A 21 2.24 6.16 0.83
CA THR A 21 0.77 6.15 0.90
C THR A 21 0.25 5.01 1.80
N THR A 22 0.64 3.79 1.46
CA THR A 22 0.23 2.61 2.18
C THR A 22 0.94 1.40 1.60
N ALA A 23 1.12 0.36 2.41
CA ALA A 23 1.75 -0.87 1.95
C ALA A 23 0.93 -1.48 0.82
N GLU A 24 1.52 -1.58 -0.35
CA GLU A 24 0.80 -2.09 -1.52
C GLU A 24 0.61 -3.59 -1.43
N LYS A 25 -0.63 -4.00 -1.32
CA LYS A 25 -1.00 -5.40 -1.30
C LYS A 25 -2.23 -5.58 -2.17
N CYS A 26 -3.18 -4.67 -2.00
CA CYS A 26 -4.38 -4.63 -2.82
C CYS A 26 -4.15 -3.82 -4.09
N LYS A 27 -3.27 -2.83 -4.00
CA LYS A 27 -3.04 -1.92 -5.12
C LYS A 27 -2.49 -2.66 -6.33
N GLY A 28 -3.06 -2.38 -7.50
CA GLY A 28 -2.58 -2.97 -8.74
C GLY A 28 -2.96 -4.42 -8.89
N LYS A 29 -4.26 -4.71 -8.78
CA LYS A 29 -4.75 -6.08 -8.95
C LYS A 29 -5.78 -6.16 -10.06
N GLY A 30 -6.76 -5.29 -9.98
CA GLY A 30 -7.90 -5.36 -10.87
C GLY A 30 -9.19 -5.39 -10.07
N GLU A 31 -10.28 -4.98 -10.68
CA GLU A 31 -11.55 -4.83 -9.95
C GLU A 31 -12.01 -6.16 -9.38
N LYS A 32 -11.90 -7.22 -10.16
CA LYS A 32 -12.30 -8.56 -9.71
C LYS A 32 -11.31 -9.09 -8.66
N ASP A 33 -10.04 -8.75 -8.83
CA ASP A 33 -8.99 -9.21 -7.93
C ASP A 33 -9.02 -8.45 -6.60
N CYS A 34 -9.26 -7.13 -6.70
CA CYS A 34 -9.34 -6.28 -5.53
C CYS A 34 -10.46 -6.75 -4.60
N LYS A 35 -10.10 -7.12 -3.38
CA LYS A 35 -11.09 -7.56 -2.40
C LYS A 35 -11.85 -6.34 -1.88
N SER A 36 -13.16 -6.35 -2.01
CA SER A 36 -13.95 -5.17 -1.67
C SER A 36 -14.02 -4.91 -0.16
N PRO A 37 -14.38 -5.91 0.67
CA PRO A 37 -14.47 -5.71 2.12
C PRO A 37 -13.11 -5.37 2.73
N ASP A 38 -12.06 -5.83 2.07
CA ASP A 38 -10.71 -5.70 2.59
C ASP A 38 -9.97 -4.51 1.98
N CYS A 39 -10.25 -4.20 0.73
CA CYS A 39 -9.48 -3.18 0.01
C CYS A 39 -10.41 -2.16 -0.65
N LYS A 40 -9.93 -0.94 -0.79
CA LYS A 40 -10.73 0.13 -1.39
C LYS A 40 -10.57 0.14 -2.91
N TRP A 41 -11.68 0.36 -3.59
CA TRP A 41 -11.67 0.55 -5.03
C TRP A 41 -12.05 2.00 -5.34
N GLU A 42 -11.17 2.71 -6.04
CA GLU A 42 -11.39 4.12 -6.32
C GLU A 42 -10.58 4.58 -7.52
N GLY A 43 -11.23 5.33 -8.40
CA GLY A 43 -10.57 5.83 -9.60
C GLY A 43 -10.15 4.71 -10.54
N GLY A 44 -10.94 3.64 -10.55
CA GLY A 44 -10.64 2.51 -11.40
C GLY A 44 -9.35 1.83 -11.02
N THR A 45 -9.08 1.75 -9.73
CA THR A 45 -7.87 1.12 -9.23
C THR A 45 -7.98 0.84 -7.74
N CYS A 46 -7.36 -0.25 -7.32
CA CYS A 46 -7.44 -0.73 -5.94
C CYS A 46 -6.37 -0.06 -5.10
N LYS A 47 -6.66 0.17 -3.83
CA LYS A 47 -5.71 0.78 -2.91
C LYS A 47 -5.91 0.25 -1.51
N ASP A 48 -4.80 0.06 -0.81
CA ASP A 48 -4.83 -0.46 0.55
C ASP A 48 -5.20 0.63 1.53
N GLY A 1 30.01 15.43 1.10
CA GLY A 1 28.67 15.37 1.73
C GLY A 1 27.81 14.28 1.13
N THR A 2 27.18 13.49 1.98
CA THR A 2 26.35 12.39 1.53
C THR A 2 25.05 12.89 0.91
N LYS A 3 24.84 12.55 -0.36
CA LYS A 3 23.61 12.92 -1.05
C LYS A 3 22.51 11.93 -0.72
N ALA A 4 22.87 10.65 -0.71
CA ALA A 4 21.94 9.55 -0.48
C ALA A 4 20.97 9.40 -1.64
N SER A 5 19.96 10.27 -1.69
CA SER A 5 19.02 10.27 -2.80
C SER A 5 19.54 11.19 -3.91
N LYS A 6 19.30 10.79 -5.15
CA LYS A 6 19.72 11.57 -6.31
C LYS A 6 18.85 11.21 -7.51
N SER A 7 18.76 12.13 -8.47
CA SER A 7 17.97 11.95 -9.70
C SER A 7 16.47 12.06 -9.41
N GLY A 8 16.02 11.40 -8.37
CA GLY A 8 14.62 11.43 -8.02
C GLY A 8 14.36 10.55 -6.81
N VAL A 9 13.22 10.78 -6.16
CA VAL A 9 12.85 10.01 -4.98
C VAL A 9 12.75 8.51 -5.33
N PRO A 10 13.36 7.64 -4.49
CA PRO A 10 13.40 6.19 -4.74
C PRO A 10 12.03 5.52 -4.56
N VAL A 11 10.99 6.20 -5.00
CA VAL A 11 9.64 5.64 -4.99
C VAL A 11 9.42 4.78 -6.24
N THR A 12 10.20 3.72 -6.35
CA THR A 12 10.17 2.83 -7.51
C THR A 12 8.92 1.95 -7.51
N GLN A 13 7.76 2.59 -7.44
CA GLN A 13 6.49 1.89 -7.37
C GLN A 13 5.38 2.83 -7.85
N THR A 14 5.62 3.46 -9.00
CA THR A 14 4.72 4.47 -9.57
C THR A 14 4.42 5.58 -8.54
N GLN A 15 3.28 6.25 -8.69
CA GLN A 15 2.92 7.35 -7.79
C GLN A 15 1.42 7.42 -7.63
N THR A 16 0.97 7.77 -6.43
CA THR A 16 -0.44 7.86 -6.15
C THR A 16 -0.90 9.32 -6.17
N ALA A 17 -0.21 10.16 -5.39
CA ALA A 17 -0.47 11.60 -5.35
C ALA A 17 0.41 12.28 -4.31
N GLY A 18 0.34 11.77 -3.08
CA GLY A 18 1.14 12.29 -1.99
C GLY A 18 1.21 11.31 -0.85
N ALA A 19 1.15 10.04 -1.20
CA ALA A 19 1.22 8.95 -0.26
C ALA A 19 1.50 7.66 -1.03
N ASP A 20 2.43 7.80 -1.97
CA ASP A 20 2.74 6.73 -2.91
C ASP A 20 3.30 5.53 -2.17
N THR A 21 4.10 5.82 -1.16
CA THR A 21 4.73 4.81 -0.33
C THR A 21 3.76 4.17 0.67
N THR A 22 2.53 3.94 0.23
CA THR A 22 1.54 3.29 1.09
C THR A 22 1.97 1.85 1.38
N ALA A 23 2.06 1.06 0.31
CA ALA A 23 2.55 -0.32 0.38
C ALA A 23 2.29 -1.00 -0.94
N GLU A 24 1.11 -0.75 -1.49
CA GLU A 24 0.65 -1.39 -2.72
C GLU A 24 0.56 -2.90 -2.53
N LYS A 25 0.07 -3.29 -1.37
CA LYS A 25 -0.22 -4.69 -1.11
C LYS A 25 -1.37 -5.13 -2.01
N CYS A 26 -2.40 -4.31 -2.09
CA CYS A 26 -3.52 -4.57 -2.96
C CYS A 26 -3.40 -3.82 -4.28
N LYS A 27 -2.97 -2.55 -4.22
CA LYS A 27 -2.94 -1.72 -5.42
C LYS A 27 -2.07 -2.36 -6.47
N GLY A 28 -2.63 -2.55 -7.65
CA GLY A 28 -1.92 -3.21 -8.71
C GLY A 28 -2.75 -4.30 -9.37
N LYS A 29 -3.78 -4.78 -8.66
CA LYS A 29 -4.60 -5.85 -9.21
C LYS A 29 -5.82 -5.27 -9.93
N GLY A 30 -6.90 -6.04 -9.99
CA GLY A 30 -8.12 -5.55 -10.62
C GLY A 30 -9.32 -5.69 -9.70
N GLU A 31 -10.37 -4.94 -10.01
CA GLU A 31 -11.58 -4.87 -9.17
C GLU A 31 -12.03 -6.23 -8.64
N LYS A 32 -12.01 -7.25 -9.47
CA LYS A 32 -12.45 -8.58 -9.05
C LYS A 32 -11.55 -9.15 -7.96
N ASP A 33 -10.24 -8.97 -8.12
CA ASP A 33 -9.28 -9.37 -7.09
C ASP A 33 -9.35 -8.40 -5.92
N CYS A 34 -9.27 -7.12 -6.26
CA CYS A 34 -9.36 -6.02 -5.35
C CYS A 34 -10.80 -5.83 -4.85
N LYS A 35 -11.39 -6.88 -4.32
CA LYS A 35 -12.77 -6.86 -3.86
C LYS A 35 -12.93 -5.87 -2.72
N SER A 36 -14.06 -5.18 -2.73
CA SER A 36 -14.31 -4.08 -1.80
C SER A 36 -14.04 -4.44 -0.32
N PRO A 37 -14.55 -5.58 0.19
CA PRO A 37 -14.33 -5.97 1.59
C PRO A 37 -12.84 -6.07 1.95
N ASP A 38 -12.05 -6.56 1.01
CA ASP A 38 -10.61 -6.74 1.23
C ASP A 38 -9.86 -5.45 0.90
N CYS A 39 -10.32 -4.74 -0.12
CA CYS A 39 -9.62 -3.58 -0.63
C CYS A 39 -10.58 -2.45 -0.95
N LYS A 40 -10.22 -1.26 -0.54
CA LYS A 40 -11.00 -0.08 -0.89
C LYS A 40 -10.81 0.23 -2.36
N TRP A 41 -11.85 0.70 -3.02
CA TRP A 41 -11.77 0.95 -4.45
C TRP A 41 -11.97 2.44 -4.72
N GLU A 42 -11.04 3.03 -5.46
CA GLU A 42 -11.13 4.46 -5.76
C GLU A 42 -11.76 4.69 -7.13
N GLY A 43 -11.08 4.25 -8.17
CA GLY A 43 -11.57 4.45 -9.52
C GLY A 43 -10.63 3.85 -10.53
N GLY A 44 -10.81 2.57 -10.82
CA GLY A 44 -9.92 1.85 -11.71
C GLY A 44 -8.55 1.66 -11.09
N THR A 45 -8.52 1.54 -9.78
CA THR A 45 -7.29 1.36 -9.03
C THR A 45 -7.61 0.90 -7.61
N CYS A 46 -6.95 -0.16 -7.18
CA CYS A 46 -7.22 -0.71 -5.87
C CYS A 46 -6.54 0.14 -4.79
N LYS A 47 -7.21 0.34 -3.68
CA LYS A 47 -6.59 1.04 -2.58
C LYS A 47 -5.96 0.05 -1.63
N ASP A 48 -5.20 0.54 -0.66
CA ASP A 48 -4.37 -0.30 0.15
C ASP A 48 -4.16 0.31 1.53
N GLY A 1 27.81 16.30 29.24
CA GLY A 1 27.96 14.83 29.19
C GLY A 1 26.78 14.18 28.48
N THR A 2 27.07 13.23 27.61
CA THR A 2 26.03 12.55 26.84
C THR A 2 25.09 11.78 27.78
N LYS A 3 25.67 11.00 28.69
CA LYS A 3 24.90 10.22 29.66
C LYS A 3 23.92 9.30 28.94
N ALA A 4 22.68 9.25 29.44
CA ALA A 4 21.62 8.43 28.84
C ALA A 4 22.04 6.97 28.74
N SER A 5 22.70 6.47 29.78
CA SER A 5 23.16 5.08 29.83
C SER A 5 24.17 4.79 28.71
N LYS A 6 25.37 5.35 28.86
CA LYS A 6 26.43 5.18 27.88
C LYS A 6 26.66 3.69 27.61
N SER A 7 26.63 3.34 26.33
CA SER A 7 26.82 1.96 25.90
C SER A 7 26.91 1.90 24.38
N GLY A 8 26.07 2.67 23.71
CA GLY A 8 26.05 2.72 22.26
C GLY A 8 25.36 1.52 21.65
N VAL A 9 25.88 0.33 21.96
CA VAL A 9 25.33 -0.95 21.49
C VAL A 9 24.75 -0.84 20.06
N PRO A 10 25.60 -0.57 19.07
CA PRO A 10 25.17 -0.37 17.68
C PRO A 10 24.85 -1.70 16.97
N VAL A 11 24.13 -2.57 17.67
CA VAL A 11 23.70 -3.83 17.08
C VAL A 11 22.59 -3.57 16.06
N THR A 12 22.83 -3.98 14.83
CA THR A 12 21.92 -3.68 13.72
C THR A 12 22.11 -4.69 12.59
N GLN A 13 22.11 -5.97 12.95
CA GLN A 13 22.30 -7.03 11.96
C GLN A 13 21.02 -7.19 11.13
N THR A 14 19.89 -7.12 11.80
CA THR A 14 18.59 -7.18 11.14
C THR A 14 18.18 -5.81 10.62
N GLN A 15 19.14 -5.09 10.02
CA GLN A 15 18.90 -3.74 9.53
C GLN A 15 17.97 -3.75 8.32
N THR A 16 17.03 -2.82 8.30
CA THR A 16 16.09 -2.69 7.21
C THR A 16 15.23 -1.45 7.43
N ALA A 17 14.83 -0.81 6.35
CA ALA A 17 14.02 0.41 6.42
C ALA A 17 12.56 0.08 6.74
N GLY A 18 11.66 0.97 6.37
CA GLY A 18 10.25 0.76 6.60
C GLY A 18 9.43 1.92 6.10
N ALA A 19 8.55 2.42 6.96
CA ALA A 19 7.68 3.55 6.63
C ALA A 19 6.80 3.22 5.42
N ASP A 20 6.07 2.13 5.53
CA ASP A 20 5.20 1.67 4.46
C ASP A 20 4.07 0.83 5.02
N THR A 21 2.85 1.32 4.85
CA THR A 21 1.68 0.64 5.39
C THR A 21 0.87 -0.03 4.29
N THR A 22 0.99 0.52 3.08
CA THR A 22 0.26 0.00 1.94
C THR A 22 0.69 -1.43 1.61
N ALA A 23 2.00 -1.64 1.44
CA ALA A 23 2.57 -2.96 1.11
C ALA A 23 2.17 -3.43 -0.30
N GLU A 24 1.21 -2.73 -0.91
CA GLU A 24 0.69 -3.08 -2.21
C GLU A 24 0.12 -4.49 -2.22
N LYS A 25 -0.64 -4.79 -1.17
CA LYS A 25 -1.36 -6.05 -1.08
C LYS A 25 -2.48 -6.04 -2.11
N CYS A 26 -3.11 -4.89 -2.26
CA CYS A 26 -4.18 -4.71 -3.21
C CYS A 26 -3.84 -3.68 -4.26
N LYS A 27 -2.98 -2.73 -3.92
CA LYS A 27 -2.65 -1.65 -4.82
C LYS A 27 -2.14 -2.20 -6.16
N GLY A 28 -2.94 -2.01 -7.20
CA GLY A 28 -2.58 -2.52 -8.51
C GLY A 28 -3.47 -3.65 -8.98
N LYS A 29 -4.18 -4.29 -8.05
CA LYS A 29 -5.06 -5.41 -8.40
C LYS A 29 -6.26 -4.96 -9.21
N GLY A 30 -6.66 -5.79 -10.17
CA GLY A 30 -7.85 -5.50 -10.95
C GLY A 30 -9.11 -5.60 -10.12
N GLU A 31 -10.20 -5.04 -10.62
CA GLU A 31 -11.46 -4.98 -9.89
C GLU A 31 -11.94 -6.36 -9.41
N LYS A 32 -11.86 -7.33 -10.30
CA LYS A 32 -12.30 -8.69 -9.96
C LYS A 32 -11.42 -9.29 -8.88
N ASP A 33 -10.12 -9.12 -9.04
CA ASP A 33 -9.13 -9.62 -8.08
C ASP A 33 -9.24 -8.89 -6.75
N CYS A 34 -9.35 -7.58 -6.85
CA CYS A 34 -9.37 -6.71 -5.67
C CYS A 34 -10.59 -6.97 -4.80
N LYS A 35 -10.35 -7.31 -3.55
CA LYS A 35 -11.43 -7.49 -2.59
C LYS A 35 -11.94 -6.13 -2.15
N SER A 36 -13.23 -5.89 -2.34
CA SER A 36 -13.81 -4.58 -2.06
C SER A 36 -13.85 -4.25 -0.57
N PRO A 37 -14.35 -5.14 0.30
CA PRO A 37 -14.37 -4.86 1.74
C PRO A 37 -12.96 -4.76 2.31
N ASP A 38 -12.08 -5.61 1.79
CA ASP A 38 -10.69 -5.66 2.22
C ASP A 38 -9.91 -4.43 1.75
N CYS A 39 -10.17 -3.98 0.52
CA CYS A 39 -9.39 -2.90 -0.06
C CYS A 39 -10.25 -1.91 -0.83
N LYS A 40 -9.92 -0.63 -0.69
CA LYS A 40 -10.68 0.44 -1.32
C LYS A 40 -10.46 0.47 -2.84
N TRP A 41 -11.55 0.64 -3.57
CA TRP A 41 -11.48 0.80 -5.02
C TRP A 41 -11.62 2.28 -5.36
N GLU A 42 -10.53 2.90 -5.78
CA GLU A 42 -10.53 4.32 -6.09
C GLU A 42 -11.07 4.57 -7.51
N GLY A 43 -12.22 3.98 -7.81
CA GLY A 43 -12.87 4.16 -9.10
C GLY A 43 -11.98 3.81 -10.28
N GLY A 44 -11.08 2.85 -10.09
CA GLY A 44 -10.21 2.43 -11.16
C GLY A 44 -9.00 1.68 -10.64
N THR A 45 -8.45 2.16 -9.55
CA THR A 45 -7.30 1.52 -8.95
C THR A 45 -7.64 0.96 -7.57
N CYS A 46 -7.21 -0.26 -7.33
CA CYS A 46 -7.36 -0.88 -6.02
C CYS A 46 -6.24 -0.39 -5.13
N LYS A 47 -6.56 -0.13 -3.88
CA LYS A 47 -5.58 0.46 -2.98
C LYS A 47 -5.79 -0.02 -1.57
N ASP A 48 -4.69 -0.13 -0.86
CA ASP A 48 -4.70 -0.59 0.52
C ASP A 48 -4.99 0.57 1.45
N GLY A 1 13.15 -30.00 14.32
CA GLY A 1 12.53 -28.68 14.58
C GLY A 1 11.76 -28.16 13.37
N THR A 2 10.97 -29.03 12.77
CA THR A 2 10.17 -28.63 11.62
C THR A 2 8.96 -27.82 12.09
N LYS A 3 8.62 -26.79 11.34
CA LYS A 3 7.51 -25.92 11.70
C LYS A 3 6.19 -26.47 11.18
N ALA A 4 5.73 -27.54 11.82
CA ALA A 4 4.51 -28.27 11.43
C ALA A 4 4.72 -29.06 10.14
N SER A 5 5.17 -28.38 9.10
CA SER A 5 5.50 -29.03 7.84
C SER A 5 6.53 -28.20 7.08
N LYS A 6 7.74 -28.74 6.98
CA LYS A 6 8.86 -28.05 6.35
C LYS A 6 9.10 -26.67 6.99
N SER A 7 9.53 -25.72 6.19
CA SER A 7 9.77 -24.37 6.68
C SER A 7 8.48 -23.54 6.72
N GLY A 8 7.51 -24.00 7.51
CA GLY A 8 6.24 -23.30 7.62
C GLY A 8 6.41 -21.92 8.22
N VAL A 9 5.93 -20.90 7.51
CA VAL A 9 6.06 -19.51 7.93
C VAL A 9 7.53 -19.16 8.18
N PRO A 10 8.33 -19.09 7.10
CA PRO A 10 9.77 -18.81 7.21
C PRO A 10 10.04 -17.40 7.71
N VAL A 11 10.75 -17.30 8.81
CA VAL A 11 11.12 -16.01 9.37
C VAL A 11 12.16 -15.33 8.48
N THR A 12 11.89 -14.09 8.12
CA THR A 12 12.75 -13.35 7.20
C THR A 12 12.93 -11.92 7.67
N GLN A 13 13.23 -11.78 8.96
CA GLN A 13 13.36 -10.48 9.62
C GLN A 13 11.99 -9.84 9.82
N THR A 14 11.80 -9.22 10.98
CA THR A 14 10.51 -8.63 11.38
C THR A 14 9.38 -9.65 11.18
N GLN A 15 9.61 -10.85 11.71
CA GLN A 15 8.73 -11.99 11.49
C GLN A 15 8.85 -12.47 10.03
N THR A 16 8.15 -11.80 9.14
CA THR A 16 8.24 -12.08 7.72
C THR A 16 7.31 -11.16 6.95
N ALA A 17 7.83 -10.56 5.88
CA ALA A 17 7.08 -9.57 5.10
C ALA A 17 6.62 -8.41 5.98
N GLY A 18 5.38 -7.99 5.81
CA GLY A 18 4.85 -6.91 6.61
C GLY A 18 3.36 -6.78 6.43
N ALA A 19 2.64 -6.65 7.55
CA ALA A 19 1.19 -6.53 7.53
C ALA A 19 0.57 -7.74 6.84
N ASP A 20 0.84 -8.93 7.38
CA ASP A 20 0.35 -10.18 6.79
C ASP A 20 -1.18 -10.16 6.72
N THR A 21 -1.69 -10.21 5.50
CA THR A 21 -3.12 -10.17 5.23
C THR A 21 -3.33 -9.90 3.74
N THR A 22 -2.37 -9.19 3.14
CA THR A 22 -2.38 -8.89 1.73
C THR A 22 -0.98 -8.50 1.27
N ALA A 23 -0.57 -9.04 0.13
CA ALA A 23 0.80 -8.87 -0.35
C ALA A 23 1.12 -7.40 -0.64
N GLU A 24 0.34 -6.79 -1.51
CA GLU A 24 0.62 -5.43 -1.93
C GLU A 24 -0.50 -4.48 -1.53
N LYS A 25 -1.33 -4.96 -0.62
CA LYS A 25 -2.49 -4.24 -0.15
C LYS A 25 -3.45 -4.02 -1.30
N CYS A 26 -3.43 -4.99 -2.21
CA CYS A 26 -4.32 -5.02 -3.36
C CYS A 26 -3.97 -3.94 -4.36
N LYS A 27 -2.81 -3.33 -4.19
CA LYS A 27 -2.39 -2.24 -5.05
C LYS A 27 -2.35 -2.62 -6.52
N GLY A 28 -3.18 -1.94 -7.30
CA GLY A 28 -3.17 -2.11 -8.75
C GLY A 28 -3.38 -3.54 -9.19
N LYS A 29 -4.37 -4.22 -8.63
CA LYS A 29 -4.65 -5.59 -9.00
C LYS A 29 -5.66 -5.69 -10.14
N GLY A 30 -6.70 -4.87 -10.08
CA GLY A 30 -7.73 -4.90 -11.11
C GLY A 30 -9.10 -5.13 -10.52
N GLU A 31 -10.12 -4.63 -11.20
CA GLU A 31 -11.49 -4.70 -10.71
C GLU A 31 -11.98 -6.15 -10.66
N LYS A 32 -11.55 -6.95 -11.62
CA LYS A 32 -11.90 -8.37 -11.66
C LYS A 32 -11.05 -9.16 -10.68
N ASP A 33 -10.80 -8.57 -9.53
CA ASP A 33 -9.98 -9.17 -8.49
C ASP A 33 -10.17 -8.40 -7.18
N CYS A 34 -10.17 -7.07 -7.30
CA CYS A 34 -10.25 -6.19 -6.15
C CYS A 34 -11.57 -6.33 -5.41
N LYS A 35 -11.47 -6.86 -4.20
CA LYS A 35 -12.57 -6.86 -3.27
C LYS A 35 -12.11 -7.32 -1.92
N SER A 36 -12.60 -6.63 -0.91
CA SER A 36 -12.24 -6.84 0.47
C SER A 36 -12.82 -5.71 1.29
N PRO A 37 -13.29 -5.99 2.50
CA PRO A 37 -13.72 -4.93 3.42
C PRO A 37 -12.50 -4.17 3.93
N ASP A 38 -11.35 -4.47 3.34
CA ASP A 38 -10.10 -3.83 3.65
C ASP A 38 -9.59 -3.06 2.44
N CYS A 39 -9.52 -3.73 1.30
CA CYS A 39 -9.06 -3.11 0.07
C CYS A 39 -10.20 -2.35 -0.60
N LYS A 40 -9.92 -1.10 -0.98
CA LYS A 40 -10.93 -0.25 -1.61
C LYS A 40 -10.60 0.00 -3.08
N TRP A 41 -11.63 0.02 -3.92
CA TRP A 41 -11.46 0.32 -5.32
C TRP A 41 -11.51 1.84 -5.53
N GLU A 42 -10.48 2.39 -6.12
CA GLU A 42 -10.37 3.82 -6.30
C GLU A 42 -10.68 4.22 -7.75
N GLY A 43 -11.85 3.82 -8.23
CA GLY A 43 -12.25 4.16 -9.58
C GLY A 43 -11.58 3.30 -10.63
N GLY A 44 -10.26 3.23 -10.59
CA GLY A 44 -9.52 2.45 -11.56
C GLY A 44 -8.21 1.94 -11.00
N THR A 45 -8.21 1.64 -9.71
CA THR A 45 -7.03 1.11 -9.05
C THR A 45 -7.38 0.67 -7.63
N CYS A 46 -6.94 -0.51 -7.25
CA CYS A 46 -7.26 -1.07 -5.95
C CYS A 46 -6.18 -0.69 -4.94
N LYS A 47 -6.61 -0.37 -3.71
CA LYS A 47 -5.66 0.01 -2.67
C LYS A 47 -6.33 0.04 -1.29
N ASP A 48 -5.64 -0.50 -0.31
CA ASP A 48 -6.11 -0.47 1.07
C ASP A 48 -5.70 0.85 1.71
N GLY A 1 39.78 6.03 4.15
CA GLY A 1 38.45 5.49 4.56
C GLY A 1 38.15 4.17 3.88
N THR A 2 37.79 3.18 4.66
CA THR A 2 37.49 1.86 4.13
C THR A 2 36.03 1.78 3.66
N LYS A 3 35.15 2.45 4.38
CA LYS A 3 33.73 2.47 4.04
C LYS A 3 33.43 3.55 2.99
N ALA A 4 34.16 3.51 1.88
CA ALA A 4 33.95 4.47 0.82
C ALA A 4 33.14 3.85 -0.31
N SER A 5 32.01 4.49 -0.64
CA SER A 5 31.13 4.03 -1.71
C SER A 5 30.64 2.60 -1.43
N LYS A 6 30.34 2.30 -0.18
CA LYS A 6 29.84 0.99 0.19
C LYS A 6 28.32 0.95 0.06
N SER A 7 27.69 2.10 0.31
CA SER A 7 26.23 2.25 0.26
C SER A 7 25.58 1.55 1.45
N GLY A 8 24.49 2.12 1.95
CA GLY A 8 23.86 1.58 3.14
C GLY A 8 23.28 0.20 2.92
N VAL A 9 22.36 0.08 1.97
CA VAL A 9 21.73 -1.19 1.67
C VAL A 9 21.47 -1.32 0.18
N PRO A 10 22.03 -2.36 -0.47
CA PRO A 10 21.78 -2.63 -1.89
C PRO A 10 20.35 -3.12 -2.10
N VAL A 11 19.65 -2.49 -3.03
CA VAL A 11 18.24 -2.77 -3.26
C VAL A 11 18.02 -4.23 -3.68
N THR A 12 17.13 -4.89 -2.98
CA THR A 12 16.78 -6.27 -3.29
C THR A 12 15.67 -6.31 -4.33
N GLN A 13 14.65 -5.48 -4.12
CA GLN A 13 13.53 -5.38 -5.04
C GLN A 13 13.19 -3.91 -5.29
N THR A 14 11.90 -3.61 -5.40
CA THR A 14 11.46 -2.25 -5.61
C THR A 14 11.46 -1.46 -4.29
N GLN A 15 12.03 -0.27 -4.31
CA GLN A 15 12.16 0.55 -3.12
C GLN A 15 10.79 1.07 -2.66
N THR A 16 10.73 1.46 -1.39
CA THR A 16 9.50 1.95 -0.77
C THR A 16 8.90 3.13 -1.55
N ALA A 17 7.59 3.09 -1.75
CA ALA A 17 6.90 4.12 -2.51
C ALA A 17 6.79 5.42 -1.71
N GLY A 18 6.38 5.30 -0.47
CA GLY A 18 6.26 6.48 0.39
C GLY A 18 5.79 6.12 1.78
N ALA A 19 4.66 5.42 1.87
CA ALA A 19 4.15 4.95 3.14
C ALA A 19 3.83 3.47 3.06
N ASP A 20 4.45 2.69 3.94
CA ASP A 20 4.33 1.25 3.90
C ASP A 20 2.95 0.81 4.38
N THR A 21 2.30 -0.03 3.57
CA THR A 21 0.98 -0.53 3.88
C THR A 21 0.60 -1.67 2.93
N THR A 22 0.35 -2.85 3.51
CA THR A 22 -0.02 -4.05 2.76
C THR A 22 1.15 -4.59 1.92
N ALA A 23 1.57 -3.81 0.93
CA ALA A 23 2.71 -4.12 0.07
C ALA A 23 2.90 -2.97 -0.91
N GLU A 24 1.78 -2.54 -1.49
CA GLU A 24 1.75 -1.42 -2.39
C GLU A 24 0.34 -0.84 -2.37
N LYS A 25 -0.18 -0.69 -1.13
CA LYS A 25 -1.55 -0.30 -0.86
C LYS A 25 -2.50 -1.45 -1.16
N CYS A 26 -2.38 -1.96 -2.38
CA CYS A 26 -3.13 -3.12 -2.87
C CYS A 26 -3.19 -3.08 -4.40
N LYS A 27 -2.45 -2.14 -4.98
CA LYS A 27 -2.49 -1.91 -6.43
C LYS A 27 -1.98 -3.13 -7.19
N GLY A 28 -2.74 -3.53 -8.20
CA GLY A 28 -2.36 -4.67 -9.00
C GLY A 28 -3.56 -5.52 -9.31
N LYS A 29 -4.44 -5.67 -8.33
CA LYS A 29 -5.67 -6.45 -8.48
C LYS A 29 -6.60 -5.78 -9.48
N GLY A 30 -7.30 -6.61 -10.25
CA GLY A 30 -8.30 -6.10 -11.16
C GLY A 30 -9.51 -5.56 -10.42
N GLU A 31 -10.38 -4.83 -11.11
CA GLU A 31 -11.51 -4.19 -10.50
C GLU A 31 -12.40 -5.17 -9.74
N LYS A 32 -12.88 -6.19 -10.44
CA LYS A 32 -13.70 -7.22 -9.81
C LYS A 32 -12.87 -8.09 -8.89
N ASP A 33 -11.64 -8.36 -9.31
CA ASP A 33 -10.73 -9.22 -8.54
C ASP A 33 -10.40 -8.60 -7.19
N CYS A 34 -10.34 -7.27 -7.16
CA CYS A 34 -10.11 -6.51 -5.93
C CYS A 34 -11.20 -6.83 -4.90
N LYS A 35 -10.82 -7.43 -3.78
CA LYS A 35 -11.78 -7.81 -2.76
C LYS A 35 -12.07 -6.64 -1.84
N SER A 36 -13.35 -6.34 -1.66
CA SER A 36 -13.78 -5.13 -0.95
C SER A 36 -13.28 -5.06 0.51
N PRO A 37 -13.55 -6.09 1.34
CA PRO A 37 -13.11 -6.07 2.75
C PRO A 37 -11.59 -5.91 2.86
N ASP A 38 -10.89 -6.47 1.89
CA ASP A 38 -9.45 -6.38 1.83
C ASP A 38 -9.00 -5.02 1.31
N CYS A 39 -9.58 -4.58 0.20
CA CYS A 39 -9.17 -3.34 -0.45
C CYS A 39 -10.34 -2.71 -1.20
N LYS A 40 -10.51 -1.40 -1.07
CA LYS A 40 -11.54 -0.71 -1.81
C LYS A 40 -11.04 -0.32 -3.19
N TRP A 41 -11.91 -0.43 -4.19
CA TRP A 41 -11.57 -0.07 -5.55
C TRP A 41 -11.83 1.41 -5.77
N GLU A 42 -10.80 2.18 -6.08
CA GLU A 42 -10.96 3.61 -6.30
C GLU A 42 -9.94 4.12 -7.30
N GLY A 43 -10.42 4.89 -8.27
CA GLY A 43 -9.55 5.44 -9.30
C GLY A 43 -8.83 4.38 -10.09
N GLY A 44 -9.52 3.27 -10.36
CA GLY A 44 -8.91 2.18 -11.08
C GLY A 44 -7.74 1.58 -10.34
N THR A 45 -7.84 1.50 -9.02
CA THR A 45 -6.77 1.01 -8.20
C THR A 45 -7.30 0.35 -6.93
N CYS A 46 -6.83 -0.86 -6.67
CA CYS A 46 -7.17 -1.59 -5.46
C CYS A 46 -6.34 -1.02 -4.32
N LYS A 47 -6.98 -0.61 -3.22
CA LYS A 47 -6.25 0.02 -2.13
C LYS A 47 -7.09 0.10 -0.87
N ASP A 48 -6.42 0.05 0.28
CA ASP A 48 -7.11 0.24 1.55
C ASP A 48 -7.47 1.70 1.74
N GLY A 1 42.14 14.82 12.48
CA GLY A 1 41.65 14.49 11.11
C GLY A 1 40.16 14.63 10.99
N THR A 2 39.70 15.27 9.92
CA THR A 2 38.28 15.48 9.70
C THR A 2 37.93 15.36 8.22
N LYS A 3 38.57 14.42 7.54
CA LYS A 3 38.33 14.19 6.12
C LYS A 3 37.04 13.39 5.89
N ALA A 4 35.95 13.85 6.48
CA ALA A 4 34.66 13.20 6.31
C ALA A 4 33.54 14.13 6.78
N SER A 5 32.60 14.38 5.88
CA SER A 5 31.47 15.25 6.17
C SER A 5 30.42 15.14 5.07
N LYS A 6 29.16 14.99 5.45
CA LYS A 6 28.07 14.84 4.50
C LYS A 6 27.59 16.19 4.00
N SER A 7 28.52 17.08 3.70
CA SER A 7 28.18 18.39 3.19
C SER A 7 28.09 18.37 1.67
N GLY A 8 26.95 18.81 1.15
CA GLY A 8 26.75 18.85 -0.28
C GLY A 8 26.60 17.47 -0.89
N VAL A 9 25.92 16.58 -0.19
CA VAL A 9 25.67 15.23 -0.69
C VAL A 9 24.25 15.14 -1.24
N PRO A 10 24.10 14.97 -2.56
CA PRO A 10 22.79 14.85 -3.20
C PRO A 10 22.09 13.56 -2.82
N VAL A 11 20.87 13.68 -2.31
CA VAL A 11 20.08 12.51 -1.95
C VAL A 11 19.40 11.92 -3.18
N THR A 12 19.65 10.65 -3.44
CA THR A 12 19.06 9.97 -4.58
C THR A 12 17.59 9.66 -4.31
N GLN A 13 17.33 9.15 -3.12
CA GLN A 13 15.97 8.88 -2.68
C GLN A 13 15.95 8.68 -1.18
N THR A 14 15.22 9.53 -0.48
CA THR A 14 15.14 9.47 0.97
C THR A 14 14.38 8.23 1.41
N GLN A 15 13.10 8.17 1.03
CA GLN A 15 12.25 7.03 1.33
C GLN A 15 10.86 7.25 0.75
N THR A 16 10.34 6.22 0.09
CA THR A 16 9.01 6.30 -0.50
C THR A 16 7.96 5.76 0.47
N ALA A 17 8.29 4.65 1.11
CA ALA A 17 7.43 4.00 2.10
C ALA A 17 6.06 3.67 1.51
N GLY A 18 6.04 3.27 0.23
CA GLY A 18 4.80 2.90 -0.41
C GLY A 18 3.80 4.04 -0.42
N ALA A 19 4.20 5.17 -0.99
CA ALA A 19 3.38 6.38 -1.03
C ALA A 19 3.15 6.93 0.37
N ASP A 20 4.26 7.25 1.04
CA ASP A 20 4.27 7.79 2.41
C ASP A 20 3.92 6.74 3.44
N THR A 21 2.75 6.14 3.30
CA THR A 21 2.31 5.10 4.21
C THR A 21 1.07 4.40 3.67
N THR A 22 0.93 4.39 2.35
CA THR A 22 -0.16 3.66 1.73
C THR A 22 0.12 2.16 1.77
N ALA A 23 1.34 1.78 1.39
CA ALA A 23 1.70 0.37 1.28
C ALA A 23 0.76 -0.30 0.28
N GLU A 24 0.71 0.27 -0.91
CA GLU A 24 -0.25 -0.12 -1.95
C GLU A 24 0.07 -1.51 -2.51
N LYS A 25 0.10 -2.50 -1.64
CA LYS A 25 0.35 -3.88 -2.02
C LYS A 25 -0.79 -4.40 -2.89
N CYS A 26 -2.00 -3.95 -2.58
CA CYS A 26 -3.20 -4.39 -3.29
C CYS A 26 -3.29 -3.74 -4.67
N LYS A 27 -2.53 -2.66 -4.87
CA LYS A 27 -2.61 -1.91 -6.11
C LYS A 27 -2.37 -2.82 -7.32
N GLY A 28 -3.31 -2.81 -8.24
CA GLY A 28 -3.15 -3.50 -9.50
C GLY A 28 -3.48 -4.98 -9.45
N LYS A 29 -4.36 -5.40 -8.53
CA LYS A 29 -4.85 -6.78 -8.58
C LYS A 29 -6.00 -6.87 -9.56
N GLY A 30 -6.68 -5.74 -9.75
CA GLY A 30 -7.84 -5.68 -10.63
C GLY A 30 -9.13 -5.82 -9.84
N GLU A 31 -10.15 -5.06 -10.23
CA GLU A 31 -11.40 -4.97 -9.47
C GLU A 31 -11.92 -6.33 -8.99
N LYS A 32 -11.90 -7.32 -9.86
CA LYS A 32 -12.38 -8.66 -9.50
C LYS A 32 -11.61 -9.21 -8.30
N ASP A 33 -10.30 -9.04 -8.31
CA ASP A 33 -9.44 -9.50 -7.23
C ASP A 33 -9.46 -8.49 -6.08
N CYS A 34 -9.34 -7.22 -6.44
CA CYS A 34 -9.43 -6.10 -5.53
C CYS A 34 -10.86 -5.88 -5.06
N LYS A 35 -11.38 -6.85 -4.33
CA LYS A 35 -12.75 -6.81 -3.83
C LYS A 35 -12.90 -5.67 -2.84
N SER A 36 -14.06 -5.04 -2.83
CA SER A 36 -14.29 -3.87 -1.97
C SER A 36 -14.02 -4.16 -0.49
N PRO A 37 -14.55 -5.26 0.09
CA PRO A 37 -14.29 -5.60 1.49
C PRO A 37 -12.80 -5.86 1.74
N ASP A 38 -12.14 -6.41 0.72
CA ASP A 38 -10.72 -6.75 0.81
C ASP A 38 -9.85 -5.52 0.60
N CYS A 39 -10.23 -4.67 -0.35
CA CYS A 39 -9.45 -3.49 -0.72
C CYS A 39 -10.38 -2.36 -1.13
N LYS A 40 -10.00 -1.14 -0.76
CA LYS A 40 -10.80 0.03 -1.11
C LYS A 40 -10.61 0.39 -2.57
N TRP A 41 -11.72 0.47 -3.29
CA TRP A 41 -11.69 0.83 -4.70
C TRP A 41 -11.95 2.32 -4.85
N GLU A 42 -10.96 3.04 -5.35
CA GLU A 42 -11.10 4.49 -5.52
C GLU A 42 -11.69 4.82 -6.88
N GLY A 43 -11.16 4.20 -7.91
CA GLY A 43 -11.61 4.48 -9.25
C GLY A 43 -10.71 3.81 -10.28
N GLY A 44 -10.73 2.49 -10.28
CA GLY A 44 -9.83 1.74 -11.12
C GLY A 44 -8.47 1.59 -10.48
N THR A 45 -8.46 1.41 -9.17
CA THR A 45 -7.22 1.22 -8.43
C THR A 45 -7.52 0.72 -7.01
N CYS A 46 -6.74 -0.26 -6.57
CA CYS A 46 -6.95 -0.88 -5.28
C CYS A 46 -5.95 -0.36 -4.24
N LYS A 47 -6.43 -0.13 -3.03
CA LYS A 47 -5.57 0.31 -1.93
C LYS A 47 -6.35 0.33 -0.62
N ASP A 48 -5.70 0.85 0.42
CA ASP A 48 -6.32 1.02 1.72
C ASP A 48 -5.50 2.01 2.54
N GLY A 1 41.38 -13.29 12.91
CA GLY A 1 40.22 -13.41 13.82
C GLY A 1 40.15 -12.27 14.80
N THR A 2 39.72 -12.57 16.03
CA THR A 2 39.60 -11.56 17.08
C THR A 2 38.64 -10.45 16.64
N LYS A 3 37.57 -10.83 15.95
CA LYS A 3 36.59 -9.88 15.49
C LYS A 3 35.35 -9.91 16.38
N ALA A 4 34.83 -8.74 16.69
CA ALA A 4 33.67 -8.61 17.56
C ALA A 4 32.80 -7.44 17.10
N SER A 5 32.63 -7.36 15.78
CA SER A 5 31.85 -6.29 15.16
C SER A 5 32.49 -4.93 15.44
N LYS A 6 31.67 -3.88 15.50
CA LYS A 6 32.16 -2.53 15.71
C LYS A 6 31.01 -1.60 16.08
N SER A 7 31.24 -0.78 17.10
CA SER A 7 30.23 0.16 17.61
C SER A 7 29.04 -0.56 18.24
N GLY A 8 28.55 -0.02 19.34
CA GLY A 8 27.45 -0.64 20.06
C GLY A 8 26.16 -0.64 19.25
N VAL A 9 25.52 -1.80 19.18
CA VAL A 9 24.28 -1.95 18.45
C VAL A 9 23.63 -3.28 18.78
N PRO A 10 22.35 -3.27 19.21
CA PRO A 10 21.63 -4.48 19.57
C PRO A 10 21.21 -5.28 18.35
N VAL A 11 21.64 -6.53 18.29
CA VAL A 11 21.28 -7.40 17.17
C VAL A 11 19.84 -7.87 17.32
N THR A 12 19.08 -7.77 16.22
CA THR A 12 17.67 -8.15 16.20
C THR A 12 16.81 -7.13 16.96
N GLN A 13 15.77 -6.65 16.30
CA GLN A 13 14.84 -5.70 16.90
C GLN A 13 13.50 -5.78 16.18
N THR A 14 13.55 -5.64 14.86
CA THR A 14 12.38 -5.79 14.01
C THR A 14 12.79 -6.04 12.56
N GLN A 15 12.33 -7.15 11.99
CA GLN A 15 12.61 -7.48 10.61
C GLN A 15 11.84 -6.55 9.69
N THR A 16 10.68 -6.12 10.16
CA THR A 16 9.82 -5.20 9.42
C THR A 16 8.74 -4.67 10.36
N ALA A 17 8.51 -3.36 10.32
CA ALA A 17 7.57 -2.72 11.23
C ALA A 17 7.22 -1.33 10.74
N GLY A 18 5.95 -0.98 10.88
CA GLY A 18 5.51 0.33 10.47
C GLY A 18 4.00 0.41 10.33
N ALA A 19 3.43 -0.61 9.67
CA ALA A 19 2.00 -0.66 9.39
C ALA A 19 1.57 0.56 8.60
N ASP A 20 2.30 0.81 7.52
CA ASP A 20 2.08 1.98 6.69
C ASP A 20 2.63 1.73 5.29
N THR A 21 1.99 2.32 4.30
CA THR A 21 2.36 2.11 2.89
C THR A 21 1.98 0.69 2.44
N THR A 22 0.70 0.37 2.59
CA THR A 22 0.17 -0.90 2.12
C THR A 22 -0.13 -0.82 0.63
N ALA A 23 0.91 -0.53 -0.15
CA ALA A 23 0.77 -0.21 -1.56
C ALA A 23 0.36 -1.43 -2.38
N GLU A 24 1.34 -2.17 -2.89
CA GLU A 24 1.09 -3.25 -3.82
C GLU A 24 0.56 -4.51 -3.14
N LYS A 25 -0.06 -4.28 -2.00
CA LYS A 25 -0.91 -5.29 -1.41
C LYS A 25 -2.28 -5.19 -2.06
N CYS A 26 -2.65 -3.95 -2.36
CA CYS A 26 -3.89 -3.66 -3.06
C CYS A 26 -3.60 -3.24 -4.49
N LYS A 27 -2.51 -2.51 -4.68
CA LYS A 27 -2.16 -1.97 -5.99
C LYS A 27 -1.89 -3.08 -6.98
N GLY A 28 -2.54 -3.00 -8.12
CA GLY A 28 -2.33 -3.97 -9.19
C GLY A 28 -3.01 -5.30 -8.92
N LYS A 29 -4.23 -5.26 -8.42
CA LYS A 29 -5.01 -6.49 -8.25
C LYS A 29 -6.00 -6.63 -9.40
N GLY A 30 -6.73 -5.56 -9.67
CA GLY A 30 -7.76 -5.60 -10.67
C GLY A 30 -9.13 -5.70 -10.05
N GLU A 31 -10.14 -5.21 -10.74
CA GLU A 31 -11.51 -5.20 -10.22
C GLU A 31 -11.99 -6.60 -9.88
N LYS A 32 -11.66 -7.57 -10.71
CA LYS A 32 -12.05 -8.96 -10.48
C LYS A 32 -11.05 -9.68 -9.59
N ASP A 33 -10.54 -8.95 -8.62
CA ASP A 33 -9.61 -9.49 -7.64
C ASP A 33 -9.65 -8.64 -6.38
N CYS A 34 -9.62 -7.33 -6.58
CA CYS A 34 -9.77 -6.37 -5.50
C CYS A 34 -11.15 -6.49 -4.87
N LYS A 35 -11.16 -6.88 -3.60
CA LYS A 35 -12.42 -7.01 -2.86
C LYS A 35 -12.59 -5.81 -1.96
N SER A 36 -13.82 -5.32 -1.84
CA SER A 36 -14.08 -4.10 -1.08
C SER A 36 -13.58 -4.17 0.37
N PRO A 37 -13.92 -5.24 1.14
CA PRO A 37 -13.41 -5.38 2.51
C PRO A 37 -11.90 -5.52 2.52
N ASP A 38 -11.38 -6.12 1.46
CA ASP A 38 -9.96 -6.33 1.30
C ASP A 38 -9.22 -5.02 1.00
N CYS A 39 -9.69 -4.29 0.00
CA CYS A 39 -9.07 -3.03 -0.41
C CYS A 39 -10.11 -2.17 -1.14
N LYS A 40 -10.02 -0.86 -1.01
CA LYS A 40 -11.02 0.01 -1.60
C LYS A 40 -10.73 0.22 -3.08
N TRP A 41 -11.72 -0.11 -3.91
CA TRP A 41 -11.64 0.15 -5.34
C TRP A 41 -12.16 1.56 -5.61
N GLU A 42 -11.27 2.48 -5.91
CA GLU A 42 -11.66 3.87 -6.06
C GLU A 42 -10.80 4.54 -7.13
N GLY A 43 -11.45 5.22 -8.06
CA GLY A 43 -10.76 5.81 -9.19
C GLY A 43 -10.11 4.76 -10.07
N GLY A 44 -10.75 3.60 -10.15
CA GLY A 44 -10.21 2.50 -10.92
C GLY A 44 -8.90 1.98 -10.35
N THR A 45 -8.70 2.22 -9.06
CA THR A 45 -7.47 1.84 -8.39
C THR A 45 -7.78 1.13 -7.08
N CYS A 46 -7.11 0.01 -6.85
CA CYS A 46 -7.29 -0.75 -5.62
C CYS A 46 -6.32 -0.23 -4.57
N LYS A 47 -6.85 0.28 -3.46
CA LYS A 47 -6.01 0.92 -2.44
C LYS A 47 -6.74 1.01 -1.10
N ASP A 48 -5.96 0.85 -0.03
CA ASP A 48 -6.47 0.89 1.35
C ASP A 48 -7.28 -0.36 1.68
N GLY A 1 0.85 -16.38 -40.25
CA GLY A 1 0.42 -15.84 -41.55
C GLY A 1 1.56 -15.18 -42.31
N THR A 2 1.59 -15.38 -43.61
CA THR A 2 2.63 -14.80 -44.45
C THR A 2 2.49 -13.28 -44.50
N LYS A 3 1.27 -12.81 -44.75
CA LYS A 3 0.98 -11.38 -44.76
C LYS A 3 0.93 -10.84 -43.34
N ALA A 4 1.48 -9.65 -43.15
CA ALA A 4 1.54 -9.02 -41.83
C ALA A 4 0.18 -8.46 -41.42
N SER A 5 -0.83 -9.32 -41.40
CA SER A 5 -2.17 -8.93 -41.00
C SER A 5 -2.20 -8.56 -39.52
N LYS A 6 -2.82 -7.43 -39.20
CA LYS A 6 -2.87 -6.97 -37.82
C LYS A 6 -3.80 -7.84 -36.99
N SER A 7 -3.26 -8.38 -35.91
CA SER A 7 -4.02 -9.22 -35.01
C SER A 7 -4.64 -8.35 -33.90
N GLY A 8 -4.71 -8.87 -32.69
CA GLY A 8 -5.14 -8.06 -31.56
C GLY A 8 -4.09 -7.05 -31.21
N VAL A 9 -4.39 -5.78 -31.45
CA VAL A 9 -3.40 -4.72 -31.28
C VAL A 9 -2.96 -4.61 -29.83
N PRO A 10 -1.63 -4.54 -29.60
CA PRO A 10 -1.07 -4.45 -28.26
C PRO A 10 -1.34 -3.11 -27.61
N VAL A 11 -1.69 -3.13 -26.34
CA VAL A 11 -1.92 -1.91 -25.58
C VAL A 11 -0.61 -1.15 -25.40
N THR A 12 -0.71 0.18 -25.35
CA THR A 12 0.48 1.02 -25.21
C THR A 12 1.26 0.63 -23.94
N GLN A 13 2.58 0.56 -24.08
CA GLN A 13 3.44 0.11 -22.99
C GLN A 13 3.27 0.98 -21.76
N THR A 14 3.03 0.35 -20.62
CA THR A 14 2.80 1.06 -19.38
C THR A 14 3.57 0.40 -18.24
N GLN A 15 4.15 1.23 -17.37
CA GLN A 15 5.00 0.73 -16.28
C GLN A 15 4.30 -0.34 -15.46
N THR A 16 3.14 -0.01 -14.92
CA THR A 16 2.40 -0.90 -14.05
C THR A 16 1.06 -0.29 -13.67
N ALA A 17 0.20 -0.14 -14.68
CA ALA A 17 -1.11 0.50 -14.51
C ALA A 17 -0.93 1.94 -14.03
N GLY A 18 -1.63 2.31 -12.98
CA GLY A 18 -1.51 3.66 -12.44
C GLY A 18 -0.36 3.79 -11.45
N ALA A 19 0.75 3.11 -11.75
CA ALA A 19 1.95 3.10 -10.91
C ALA A 19 1.73 2.34 -9.60
N ASP A 20 2.72 1.57 -9.19
CA ASP A 20 2.66 0.84 -7.94
C ASP A 20 3.05 1.71 -6.76
N THR A 21 2.54 2.95 -6.77
CA THR A 21 2.72 3.85 -5.64
C THR A 21 2.00 3.28 -4.44
N THR A 22 0.81 2.77 -4.70
CA THR A 22 0.06 2.01 -3.72
C THR A 22 0.72 0.66 -3.49
N ALA A 23 0.88 0.28 -2.22
CA ALA A 23 1.49 -1.00 -1.87
C ALA A 23 0.69 -2.15 -2.48
N GLU A 24 1.40 -3.16 -2.97
CA GLU A 24 0.73 -4.26 -3.65
C GLU A 24 0.11 -5.25 -2.67
N LYS A 25 -0.25 -4.72 -1.51
CA LYS A 25 -1.08 -5.47 -0.57
C LYS A 25 -2.48 -5.51 -1.15
N CYS A 26 -2.82 -4.43 -1.83
CA CYS A 26 -4.05 -4.34 -2.58
C CYS A 26 -3.73 -4.25 -4.07
N LYS A 27 -2.82 -3.32 -4.41
CA LYS A 27 -2.34 -3.12 -5.78
C LYS A 27 -3.46 -2.78 -6.77
N GLY A 28 -3.14 -1.94 -7.74
CA GLY A 28 -4.10 -1.54 -8.75
C GLY A 28 -4.39 -2.64 -9.75
N LYS A 29 -4.72 -3.82 -9.25
CA LYS A 29 -5.03 -4.99 -10.07
C LYS A 29 -6.41 -4.83 -10.71
N GLY A 30 -7.07 -5.95 -10.99
CA GLY A 30 -8.42 -5.92 -11.48
C GLY A 30 -9.41 -5.79 -10.35
N GLU A 31 -10.59 -5.27 -10.64
CA GLU A 31 -11.62 -5.05 -9.62
C GLU A 31 -12.07 -6.36 -9.00
N LYS A 32 -12.24 -7.38 -9.83
CA LYS A 32 -12.67 -8.69 -9.36
C LYS A 32 -11.58 -9.34 -8.53
N ASP A 33 -10.32 -9.09 -8.89
CA ASP A 33 -9.19 -9.60 -8.14
C ASP A 33 -9.10 -8.88 -6.80
N CYS A 34 -9.10 -7.54 -6.86
CA CYS A 34 -9.12 -6.70 -5.67
C CYS A 34 -10.29 -7.08 -4.75
N LYS A 35 -9.99 -7.27 -3.48
CA LYS A 35 -11.04 -7.51 -2.51
C LYS A 35 -11.57 -6.17 -2.02
N SER A 36 -12.83 -5.90 -2.28
CA SER A 36 -13.46 -4.66 -1.89
C SER A 36 -13.54 -4.51 -0.36
N PRO A 37 -14.01 -5.54 0.39
CA PRO A 37 -14.06 -5.47 1.85
C PRO A 37 -12.68 -5.20 2.45
N ASP A 38 -11.66 -5.81 1.86
CA ASP A 38 -10.29 -5.64 2.32
C ASP A 38 -9.72 -4.30 1.86
N CYS A 39 -9.88 -3.98 0.58
CA CYS A 39 -9.30 -2.77 0.01
C CYS A 39 -10.33 -1.96 -0.76
N LYS A 40 -10.24 -0.65 -0.67
CA LYS A 40 -11.16 0.22 -1.38
C LYS A 40 -10.80 0.31 -2.85
N TRP A 41 -11.82 0.19 -3.69
CA TRP A 41 -11.63 0.33 -5.13
C TRP A 41 -12.13 1.70 -5.57
N GLU A 42 -11.25 2.49 -6.15
CA GLU A 42 -11.63 3.81 -6.64
C GLU A 42 -10.62 4.32 -7.66
N GLY A 43 -11.12 5.01 -8.66
CA GLY A 43 -10.26 5.52 -9.71
C GLY A 43 -9.56 4.42 -10.46
N GLY A 44 -10.22 3.27 -10.57
CA GLY A 44 -9.66 2.14 -11.28
C GLY A 44 -8.38 1.62 -10.63
N THR A 45 -8.38 1.54 -9.31
CA THR A 45 -7.22 1.03 -8.59
C THR A 45 -7.63 0.60 -7.18
N CYS A 46 -6.95 -0.43 -6.70
CA CYS A 46 -7.24 -1.03 -5.40
C CYS A 46 -6.29 -0.47 -4.35
N LYS A 47 -6.84 0.15 -3.31
CA LYS A 47 -6.01 0.80 -2.31
C LYS A 47 -6.46 0.44 -0.90
N ASP A 48 -5.50 0.26 -0.01
CA ASP A 48 -5.78 0.03 1.40
C ASP A 48 -6.18 1.33 2.06
N GLY A 1 -1.46 -2.87 33.67
CA GLY A 1 -1.89 -4.13 34.34
C GLY A 1 -1.67 -5.35 33.46
N THR A 2 -1.11 -6.40 34.05
CA THR A 2 -0.86 -7.63 33.32
C THR A 2 -2.14 -8.48 33.25
N LYS A 3 -3.20 -7.87 32.76
CA LYS A 3 -4.49 -8.54 32.66
C LYS A 3 -4.48 -9.58 31.55
N ALA A 4 -3.96 -9.18 30.39
CA ALA A 4 -3.87 -10.07 29.25
C ALA A 4 -2.62 -10.94 29.32
N SER A 5 -2.77 -12.20 28.94
CA SER A 5 -1.66 -13.13 28.91
C SER A 5 -1.56 -13.78 27.53
N LYS A 6 -2.33 -14.85 27.33
CA LYS A 6 -2.41 -15.53 26.04
C LYS A 6 -1.01 -15.96 25.58
N SER A 7 -0.38 -16.81 26.38
CA SER A 7 0.99 -17.24 26.14
C SER A 7 1.09 -18.15 24.91
N GLY A 8 -0.03 -18.74 24.52
CA GLY A 8 -0.04 -19.60 23.36
C GLY A 8 0.31 -18.86 22.08
N VAL A 9 0.50 -19.61 21.00
CA VAL A 9 0.82 -19.01 19.72
C VAL A 9 -0.38 -18.21 19.20
N PRO A 10 -0.16 -16.93 18.87
CA PRO A 10 -1.22 -16.04 18.41
C PRO A 10 -1.84 -16.50 17.09
N VAL A 11 -3.13 -16.24 16.92
CA VAL A 11 -3.83 -16.59 15.69
C VAL A 11 -3.50 -15.58 14.59
N THR A 12 -2.22 -15.48 14.27
CA THR A 12 -1.72 -14.51 13.31
C THR A 12 -2.16 -14.87 11.90
N GLN A 13 -2.35 -16.17 11.65
CA GLN A 13 -2.67 -16.71 10.33
C GLN A 13 -1.76 -16.12 9.25
N THR A 14 -2.34 -15.72 8.11
CA THR A 14 -1.60 -15.12 6.99
C THR A 14 -0.33 -15.91 6.66
N GLN A 15 -0.44 -17.24 6.75
CA GLN A 15 0.66 -18.13 6.43
C GLN A 15 0.87 -18.20 4.92
N THR A 16 -0.22 -18.34 4.19
CA THR A 16 -0.16 -18.47 2.73
C THR A 16 0.38 -17.20 2.08
N ALA A 17 -0.19 -16.06 2.42
CA ALA A 17 0.24 -14.79 1.86
C ALA A 17 -0.40 -13.61 2.58
N GLY A 18 0.36 -12.54 2.74
CA GLY A 18 -0.15 -11.35 3.38
C GLY A 18 0.82 -10.20 3.26
N ALA A 19 0.31 -9.05 2.83
CA ALA A 19 1.12 -7.85 2.63
C ALA A 19 2.25 -8.11 1.63
N ASP A 20 1.90 -8.81 0.56
CA ASP A 20 2.86 -9.13 -0.50
C ASP A 20 3.14 -7.91 -1.38
N THR A 21 4.26 -7.94 -2.08
CA THR A 21 4.70 -6.82 -2.91
C THR A 21 3.61 -6.41 -3.91
N THR A 22 3.20 -5.15 -3.85
CA THR A 22 2.16 -4.64 -4.73
C THR A 22 1.96 -3.15 -4.52
N ALA A 23 2.32 -2.67 -3.32
CA ALA A 23 2.08 -1.28 -2.89
C ALA A 23 0.62 -1.08 -2.53
N GLU A 24 0.40 -0.47 -1.36
CA GLU A 24 -0.92 -0.26 -0.81
C GLU A 24 -1.67 -1.59 -0.63
N LYS A 25 -0.89 -2.64 -0.45
CA LYS A 25 -1.39 -4.00 -0.20
C LYS A 25 -2.44 -4.43 -1.23
N CYS A 26 -2.46 -3.80 -2.40
CA CYS A 26 -3.50 -4.08 -3.36
C CYS A 26 -3.29 -3.43 -4.73
N LYS A 27 -2.57 -2.30 -4.77
CA LYS A 27 -2.42 -1.55 -6.01
C LYS A 27 -1.87 -2.44 -7.13
N GLY A 28 -2.70 -2.68 -8.13
CA GLY A 28 -2.34 -3.60 -9.18
C GLY A 28 -3.46 -4.57 -9.48
N LYS A 29 -4.24 -4.88 -8.45
CA LYS A 29 -5.38 -5.78 -8.58
C LYS A 29 -6.43 -5.18 -9.50
N GLY A 30 -7.03 -6.02 -10.33
CA GLY A 30 -8.17 -5.60 -11.12
C GLY A 30 -9.39 -5.43 -10.26
N GLU A 31 -10.47 -4.90 -10.82
CA GLU A 31 -11.69 -4.67 -10.06
C GLU A 31 -12.20 -5.96 -9.42
N LYS A 32 -12.13 -7.05 -10.18
CA LYS A 32 -12.61 -8.34 -9.70
C LYS A 32 -11.67 -8.90 -8.63
N ASP A 33 -10.37 -8.76 -8.87
CA ASP A 33 -9.36 -9.20 -7.90
C ASP A 33 -9.47 -8.40 -6.62
N CYS A 34 -9.82 -7.12 -6.77
CA CYS A 34 -9.96 -6.22 -5.65
C CYS A 34 -11.18 -6.61 -4.81
N LYS A 35 -10.93 -7.14 -3.62
CA LYS A 35 -12.01 -7.42 -2.69
C LYS A 35 -12.33 -6.17 -1.90
N SER A 36 -13.59 -5.76 -1.90
CA SER A 36 -13.99 -4.52 -1.25
C SER A 36 -13.65 -4.51 0.25
N PRO A 37 -14.01 -5.56 1.02
CA PRO A 37 -13.69 -5.61 2.45
C PRO A 37 -12.18 -5.57 2.69
N ASP A 38 -11.44 -6.17 1.75
CA ASP A 38 -9.99 -6.22 1.85
C ASP A 38 -9.34 -4.90 1.43
N CYS A 39 -9.82 -4.33 0.33
CA CYS A 39 -9.27 -3.07 -0.18
C CYS A 39 -10.37 -2.26 -0.85
N LYS A 40 -10.32 -0.95 -0.68
CA LYS A 40 -11.30 -0.08 -1.32
C LYS A 40 -10.88 0.27 -2.74
N TRP A 41 -11.82 0.20 -3.65
CA TRP A 41 -11.58 0.42 -5.07
C TRP A 41 -11.89 1.87 -5.45
N GLU A 42 -10.89 2.56 -5.98
CA GLU A 42 -11.07 3.95 -6.40
C GLU A 42 -11.71 4.00 -7.80
N GLY A 43 -11.18 4.87 -8.67
CA GLY A 43 -11.67 4.94 -10.02
C GLY A 43 -11.10 3.83 -10.88
N GLY A 44 -9.80 3.60 -10.72
CA GLY A 44 -9.13 2.56 -11.46
C GLY A 44 -7.89 2.07 -10.74
N THR A 45 -8.03 1.85 -9.44
CA THR A 45 -6.93 1.35 -8.63
C THR A 45 -7.45 0.77 -7.33
N CYS A 46 -6.91 -0.37 -6.95
CA CYS A 46 -7.28 -1.03 -5.72
C CYS A 46 -6.26 -0.67 -4.65
N LYS A 47 -6.72 -0.34 -3.46
CA LYS A 47 -5.78 0.06 -2.42
C LYS A 47 -6.35 -0.22 -1.02
N ASP A 48 -5.50 -0.79 -0.17
CA ASP A 48 -5.89 -1.13 1.20
C ASP A 48 -6.10 0.14 2.01
N GLY A 1 16.92 16.73 33.16
CA GLY A 1 17.48 16.48 31.81
C GLY A 1 16.71 17.20 30.74
N THR A 2 17.42 17.95 29.91
CA THR A 2 16.80 18.68 28.80
C THR A 2 16.31 17.69 27.74
N LYS A 3 15.03 17.81 27.40
CA LYS A 3 14.36 16.89 26.48
C LYS A 3 14.18 15.51 27.12
N ALA A 4 12.98 14.96 27.00
CA ALA A 4 12.70 13.65 27.57
C ALA A 4 13.61 12.59 26.94
N SER A 5 13.65 12.60 25.61
CA SER A 5 14.53 11.71 24.83
C SER A 5 14.49 10.27 25.35
N LYS A 6 13.28 9.75 25.55
CA LYS A 6 13.09 8.38 26.01
C LYS A 6 11.60 8.02 26.00
N SER A 7 10.78 8.93 26.51
CA SER A 7 9.34 8.70 26.58
C SER A 7 8.70 8.85 25.21
N GLY A 8 8.16 7.74 24.70
CA GLY A 8 7.45 7.77 23.43
C GLY A 8 8.38 7.84 22.23
N VAL A 9 9.17 8.92 22.16
CA VAL A 9 10.14 9.22 21.09
C VAL A 9 9.50 9.24 19.68
N PRO A 10 9.86 10.25 18.87
CA PRO A 10 9.33 10.42 17.52
C PRO A 10 9.95 9.45 16.51
N VAL A 11 10.25 8.25 16.98
CA VAL A 11 10.77 7.20 16.10
C VAL A 11 9.63 6.33 15.60
N THR A 12 9.39 6.37 14.30
CA THR A 12 8.27 5.66 13.71
C THR A 12 8.41 5.61 12.19
N GLN A 13 8.11 4.47 11.60
CA GLN A 13 8.21 4.31 10.16
C GLN A 13 7.09 3.42 9.65
N THR A 14 5.92 3.57 10.25
CA THR A 14 4.72 2.84 9.84
C THR A 14 4.10 3.45 8.58
N GLN A 15 4.94 3.65 7.57
CA GLN A 15 4.50 4.15 6.28
C GLN A 15 5.14 3.31 5.18
N THR A 16 6.45 3.13 5.29
CA THR A 16 7.16 2.20 4.42
C THR A 16 6.96 0.79 4.95
N ALA A 17 7.23 0.62 6.24
CA ALA A 17 6.96 -0.63 6.92
C ALA A 17 5.50 -0.67 7.37
N GLY A 18 4.83 -1.77 7.08
CA GLY A 18 3.43 -1.88 7.44
C GLY A 18 2.89 -3.27 7.23
N ALA A 19 3.71 -4.27 7.56
CA ALA A 19 3.36 -5.68 7.41
C ALA A 19 3.27 -6.11 5.94
N ASP A 20 3.71 -7.32 5.66
CA ASP A 20 3.74 -7.85 4.31
C ASP A 20 2.40 -8.42 3.88
N THR A 21 1.32 -7.88 4.44
CA THR A 21 -0.02 -8.24 4.00
C THR A 21 -0.51 -7.23 2.98
N THR A 22 -0.47 -5.96 3.36
CA THR A 22 -0.78 -4.87 2.47
C THR A 22 0.53 -4.25 1.96
N ALA A 23 1.41 -5.09 1.43
CA ALA A 23 2.74 -4.66 1.01
C ALA A 23 2.67 -3.62 -0.09
N GLU A 24 2.01 -3.95 -1.19
CA GLU A 24 1.85 -3.01 -2.29
C GLU A 24 0.50 -2.32 -2.20
N LYS A 25 -0.01 -2.25 -0.98
CA LYS A 25 -1.27 -1.59 -0.67
C LYS A 25 -2.42 -2.09 -1.54
N CYS A 26 -2.36 -3.37 -1.93
CA CYS A 26 -3.42 -4.03 -2.69
C CYS A 26 -3.55 -3.42 -4.08
N LYS A 27 -2.61 -2.54 -4.41
CA LYS A 27 -2.57 -1.88 -5.69
C LYS A 27 -2.05 -2.81 -6.79
N GLY A 28 -2.81 -2.91 -7.87
CA GLY A 28 -2.41 -3.75 -8.98
C GLY A 28 -3.55 -4.62 -9.48
N LYS A 29 -4.36 -5.11 -8.56
CA LYS A 29 -5.48 -5.99 -8.89
C LYS A 29 -6.61 -5.23 -9.56
N GLY A 30 -7.25 -5.89 -10.52
CA GLY A 30 -8.42 -5.33 -11.20
C GLY A 30 -9.62 -5.27 -10.28
N GLU A 31 -10.74 -4.76 -10.78
CA GLU A 31 -11.93 -4.59 -9.94
C GLU A 31 -12.47 -5.93 -9.45
N LYS A 32 -12.52 -6.91 -10.34
CA LYS A 32 -13.01 -8.24 -9.99
C LYS A 32 -12.08 -8.90 -8.99
N ASP A 33 -10.78 -8.72 -9.21
CA ASP A 33 -9.76 -9.29 -8.35
C ASP A 33 -9.74 -8.61 -6.99
N CYS A 34 -9.90 -7.29 -7.01
CA CYS A 34 -9.85 -6.48 -5.81
C CYS A 34 -10.95 -6.88 -4.83
N LYS A 35 -10.54 -7.41 -3.68
CA LYS A 35 -11.49 -7.76 -2.63
C LYS A 35 -12.00 -6.48 -1.98
N SER A 36 -13.30 -6.25 -2.10
CA SER A 36 -13.90 -5.01 -1.65
C SER A 36 -13.80 -4.83 -0.12
N PRO A 37 -14.18 -5.84 0.69
CA PRO A 37 -14.07 -5.74 2.15
C PRO A 37 -12.62 -5.56 2.59
N ASP A 38 -11.72 -6.11 1.80
CA ASP A 38 -10.31 -6.12 2.11
C ASP A 38 -9.61 -4.83 1.65
N CYS A 39 -9.97 -4.36 0.46
CA CYS A 39 -9.28 -3.21 -0.12
C CYS A 39 -10.29 -2.26 -0.77
N LYS A 40 -10.01 -0.97 -0.68
CA LYS A 40 -10.88 0.04 -1.28
C LYS A 40 -10.60 0.17 -2.77
N TRP A 41 -11.63 0.49 -3.52
CA TRP A 41 -11.50 0.67 -4.96
C TRP A 41 -11.60 2.15 -5.33
N GLU A 42 -10.58 2.66 -5.98
CA GLU A 42 -10.59 4.05 -6.44
C GLU A 42 -11.29 4.16 -7.80
N GLY A 43 -10.72 4.92 -8.73
CA GLY A 43 -11.27 4.99 -10.07
C GLY A 43 -10.96 3.72 -10.84
N GLY A 44 -9.74 3.26 -10.69
CA GLY A 44 -9.30 2.03 -11.31
C GLY A 44 -8.09 1.47 -10.62
N THR A 45 -8.12 1.51 -9.30
CA THR A 45 -7.01 1.07 -8.48
C THR A 45 -7.49 0.49 -7.17
N CYS A 46 -7.01 -0.70 -6.85
CA CYS A 46 -7.27 -1.34 -5.58
C CYS A 46 -6.27 -0.81 -4.57
N LYS A 47 -6.73 -0.48 -3.36
CA LYS A 47 -5.82 0.05 -2.35
C LYS A 47 -6.40 -0.10 -0.94
N ASP A 48 -5.56 -0.56 -0.04
CA ASP A 48 -5.93 -0.72 1.36
C ASP A 48 -5.00 0.11 2.23
N GLY A 1 7.18 -16.10 29.49
CA GLY A 1 5.91 -16.22 28.73
C GLY A 1 4.79 -16.74 29.60
N THR A 2 4.06 -17.72 29.08
CA THR A 2 2.96 -18.34 29.82
C THR A 2 1.93 -17.30 30.26
N LYS A 3 1.59 -16.40 29.34
CA LYS A 3 0.58 -15.38 29.60
C LYS A 3 0.15 -14.72 28.30
N ALA A 4 0.09 -15.52 27.24
CA ALA A 4 -0.33 -15.04 25.94
C ALA A 4 -0.64 -16.22 25.03
N SER A 5 -1.82 -16.18 24.40
CA SER A 5 -2.26 -17.27 23.53
C SER A 5 -3.20 -16.73 22.46
N LYS A 6 -4.03 -15.77 22.84
CA LYS A 6 -4.97 -15.14 21.93
C LYS A 6 -5.25 -13.71 22.36
N SER A 7 -6.52 -13.31 22.33
CA SER A 7 -6.93 -11.96 22.72
C SER A 7 -6.28 -10.94 21.80
N GLY A 8 -6.31 -11.22 20.51
CA GLY A 8 -5.71 -10.35 19.53
C GLY A 8 -5.81 -10.92 18.14
N VAL A 9 -6.17 -10.07 17.19
CA VAL A 9 -6.33 -10.50 15.81
C VAL A 9 -5.70 -9.49 14.85
N PRO A 10 -4.86 -9.96 13.92
CA PRO A 10 -4.12 -9.10 13.00
C PRO A 10 -5.02 -8.19 12.18
N VAL A 11 -6.20 -8.70 11.81
CA VAL A 11 -7.16 -7.92 11.04
C VAL A 11 -8.02 -7.03 11.95
N THR A 12 -7.40 -6.48 12.98
CA THR A 12 -8.10 -5.60 13.91
C THR A 12 -8.46 -4.27 13.23
N GLN A 13 -9.63 -3.73 13.58
CA GLN A 13 -10.15 -2.50 12.96
C GLN A 13 -10.43 -2.71 11.48
N THR A 14 -10.96 -3.89 11.15
CA THR A 14 -11.26 -4.26 9.77
C THR A 14 -9.97 -4.23 8.93
N GLN A 15 -8.84 -4.42 9.61
CA GLN A 15 -7.52 -4.35 9.01
C GLN A 15 -7.20 -2.94 8.51
N THR A 16 -6.10 -2.39 8.98
CA THR A 16 -5.67 -1.07 8.55
C THR A 16 -4.19 -0.87 8.86
N ALA A 17 -3.42 -1.95 8.67
CA ALA A 17 -1.98 -1.91 8.86
C ALA A 17 -1.32 -3.04 8.09
N GLY A 18 -1.89 -3.37 6.95
CA GLY A 18 -1.36 -4.44 6.12
C GLY A 18 -0.09 -4.02 5.42
N ALA A 19 -0.07 -2.80 4.90
CA ALA A 19 1.11 -2.26 4.25
C ALA A 19 1.07 -0.73 4.30
N ASP A 20 2.22 -0.13 4.57
CA ASP A 20 2.32 1.33 4.68
C ASP A 20 1.93 1.98 3.37
N THR A 21 1.07 3.00 3.46
CA THR A 21 0.58 3.74 2.29
C THR A 21 0.04 2.80 1.20
N THR A 22 -0.64 1.75 1.63
CA THR A 22 -1.25 0.76 0.73
C THR A 22 -0.19 -0.10 0.02
N ALA A 23 0.78 0.54 -0.62
CA ALA A 23 1.81 -0.16 -1.39
C ALA A 23 1.14 -1.06 -2.43
N GLU A 24 1.68 -2.25 -2.65
CA GLU A 24 1.05 -3.19 -3.56
C GLU A 24 0.34 -4.29 -2.78
N LYS A 25 -0.19 -3.91 -1.63
CA LYS A 25 -1.05 -4.81 -0.86
C LYS A 25 -2.37 -4.94 -1.58
N CYS A 26 -2.80 -3.83 -2.17
CA CYS A 26 -4.02 -3.79 -2.92
C CYS A 26 -3.77 -3.32 -4.34
N LYS A 27 -2.79 -2.43 -4.51
CA LYS A 27 -2.49 -1.87 -5.82
C LYS A 27 -1.85 -2.90 -6.72
N GLY A 28 -2.44 -3.11 -7.88
CA GLY A 28 -1.92 -4.09 -8.80
C GLY A 28 -2.99 -5.03 -9.30
N LYS A 29 -4.01 -5.27 -8.50
CA LYS A 29 -5.11 -6.13 -8.90
C LYS A 29 -6.28 -5.31 -9.42
N GLY A 30 -6.88 -5.80 -10.50
CA GLY A 30 -7.94 -5.06 -11.17
C GLY A 30 -9.23 -5.04 -10.39
N GLU A 31 -10.29 -4.59 -11.05
CA GLU A 31 -11.60 -4.44 -10.44
C GLU A 31 -12.19 -5.80 -10.08
N LYS A 32 -12.03 -6.79 -10.95
CA LYS A 32 -12.53 -8.13 -10.70
C LYS A 32 -11.82 -8.73 -9.48
N ASP A 33 -10.52 -8.49 -9.39
CA ASP A 33 -9.70 -8.98 -8.29
C ASP A 33 -9.97 -8.21 -7.00
N CYS A 34 -10.10 -6.89 -7.12
CA CYS A 34 -10.27 -6.02 -5.96
C CYS A 34 -11.58 -6.35 -5.22
N LYS A 35 -11.47 -6.75 -3.97
CA LYS A 35 -12.65 -7.11 -3.18
C LYS A 35 -12.37 -6.99 -1.69
N SER A 36 -13.44 -7.16 -0.91
CA SER A 36 -13.37 -7.19 0.55
C SER A 36 -13.00 -5.81 1.11
N PRO A 37 -13.51 -5.47 2.31
CA PRO A 37 -13.20 -4.19 2.97
C PRO A 37 -11.70 -4.08 3.27
N ASP A 38 -10.96 -5.12 2.93
CA ASP A 38 -9.52 -5.14 3.05
C ASP A 38 -8.90 -4.25 1.98
N CYS A 39 -9.50 -4.26 0.78
CA CYS A 39 -9.04 -3.41 -0.30
C CYS A 39 -10.22 -2.76 -1.00
N LYS A 40 -10.14 -1.47 -1.21
CA LYS A 40 -11.22 -0.70 -1.82
C LYS A 40 -10.88 -0.33 -3.26
N TRP A 41 -11.82 -0.55 -4.16
CA TRP A 41 -11.66 -0.12 -5.54
C TRP A 41 -12.10 1.32 -5.68
N GLU A 42 -11.29 2.13 -6.33
CA GLU A 42 -11.60 3.55 -6.49
C GLU A 42 -10.88 4.15 -7.69
N GLY A 43 -11.65 4.82 -8.54
CA GLY A 43 -11.10 5.45 -9.74
C GLY A 43 -10.64 4.45 -10.78
N GLY A 44 -9.55 3.77 -10.47
CA GLY A 44 -9.01 2.74 -11.32
C GLY A 44 -7.84 2.06 -10.67
N THR A 45 -7.87 1.99 -9.35
CA THR A 45 -6.79 1.42 -8.58
C THR A 45 -7.32 0.82 -7.28
N CYS A 46 -6.84 -0.38 -6.97
CA CYS A 46 -7.26 -1.05 -5.75
C CYS A 46 -6.39 -0.58 -4.59
N LYS A 47 -7.00 -0.10 -3.51
CA LYS A 47 -6.25 0.46 -2.39
C LYS A 47 -7.06 0.40 -1.11
N ASP A 48 -6.39 0.15 0.01
CA ASP A 48 -7.05 0.00 1.30
C ASP A 48 -7.74 1.30 1.70
N GLY A 1 8.09 33.50 -18.29
CA GLY A 1 7.81 32.04 -18.25
C GLY A 1 8.63 31.28 -19.28
N THR A 2 7.99 30.36 -19.98
CA THR A 2 8.66 29.58 -21.02
C THR A 2 8.73 30.35 -22.34
N LYS A 3 8.53 29.65 -23.45
CA LYS A 3 8.55 30.27 -24.77
C LYS A 3 7.79 29.41 -25.76
N ALA A 4 8.17 28.15 -25.85
CA ALA A 4 7.49 27.21 -26.71
C ALA A 4 6.35 26.54 -25.95
N SER A 5 6.66 26.17 -24.71
CA SER A 5 5.71 25.51 -23.81
C SER A 5 5.34 24.11 -24.31
N LYS A 6 5.45 23.14 -23.43
CA LYS A 6 5.11 21.77 -23.78
C LYS A 6 3.60 21.61 -23.89
N SER A 7 2.87 22.45 -23.16
CA SER A 7 1.41 22.50 -23.21
C SER A 7 0.78 21.17 -22.83
N GLY A 8 0.58 20.99 -21.52
CA GLY A 8 -0.04 19.79 -21.04
C GLY A 8 -0.21 19.82 -19.54
N VAL A 9 -1.42 19.58 -19.06
CA VAL A 9 -1.72 19.61 -17.64
C VAL A 9 -0.91 18.54 -16.89
N PRO A 10 -0.36 18.89 -15.73
CA PRO A 10 0.47 17.98 -14.95
C PRO A 10 -0.32 16.78 -14.42
N VAL A 11 0.32 15.62 -14.40
CA VAL A 11 -0.30 14.42 -13.87
C VAL A 11 -0.27 14.45 -12.35
N THR A 12 -1.02 15.38 -11.78
CA THR A 12 -1.03 15.64 -10.35
C THR A 12 -1.76 14.54 -9.58
N GLN A 13 -1.28 13.33 -9.70
CA GLN A 13 -1.85 12.20 -8.98
C GLN A 13 -0.74 11.23 -8.56
N THR A 14 0.15 10.93 -9.50
CA THR A 14 1.34 10.17 -9.17
C THR A 14 2.45 11.12 -8.72
N GLN A 15 3.09 10.80 -7.61
CA GLN A 15 4.09 11.67 -7.02
C GLN A 15 4.82 10.95 -5.88
N THR A 16 6.15 10.90 -6.01
CA THR A 16 7.05 10.28 -5.02
C THR A 16 6.49 8.96 -4.46
N ALA A 17 6.03 8.10 -5.38
CA ALA A 17 5.50 6.77 -5.06
C ALA A 17 4.15 6.83 -4.34
N GLY A 18 4.04 7.66 -3.31
CA GLY A 18 2.80 7.77 -2.57
C GLY A 18 2.51 6.54 -1.75
N ALA A 19 1.24 6.12 -1.71
CA ALA A 19 0.83 4.92 -1.00
C ALA A 19 1.33 4.91 0.44
N ASP A 20 1.00 5.97 1.19
CA ASP A 20 1.48 6.12 2.56
C ASP A 20 0.79 5.13 3.49
N THR A 21 -0.53 5.10 3.41
CA THR A 21 -1.30 4.25 4.30
C THR A 21 -1.27 2.79 3.85
N THR A 22 -1.63 2.56 2.59
CA THR A 22 -1.59 1.21 2.04
C THR A 22 -0.19 0.88 1.52
N ALA A 23 0.33 -0.26 1.92
CA ALA A 23 1.65 -0.70 1.48
C ALA A 23 1.56 -1.38 0.12
N GLU A 24 0.72 -0.81 -0.74
CA GLU A 24 0.49 -1.33 -2.08
C GLU A 24 0.06 -2.80 -2.02
N LYS A 25 -0.82 -3.09 -1.08
CA LYS A 25 -1.38 -4.43 -0.94
C LYS A 25 -2.20 -4.76 -2.17
N CYS A 26 -2.89 -3.75 -2.65
CA CYS A 26 -3.92 -3.96 -3.64
C CYS A 26 -3.69 -3.16 -4.91
N LYS A 27 -2.73 -2.23 -4.90
CA LYS A 27 -2.47 -1.45 -6.11
C LYS A 27 -1.90 -2.35 -7.19
N GLY A 28 -2.71 -2.66 -8.19
CA GLY A 28 -2.26 -3.51 -9.25
C GLY A 28 -3.27 -4.55 -9.67
N LYS A 29 -4.12 -4.97 -8.75
CA LYS A 29 -5.09 -6.02 -9.06
C LYS A 29 -6.36 -5.44 -9.67
N GLY A 30 -7.04 -6.28 -10.44
CA GLY A 30 -8.23 -5.84 -11.16
C GLY A 30 -9.40 -5.56 -10.25
N GLU A 31 -10.51 -5.11 -10.82
CA GLU A 31 -11.69 -4.77 -10.04
C GLU A 31 -12.27 -6.00 -9.35
N LYS A 32 -12.49 -7.06 -10.12
CA LYS A 32 -13.04 -8.30 -9.58
C LYS A 32 -12.03 -8.96 -8.64
N ASP A 33 -10.75 -8.77 -8.93
CA ASP A 33 -9.67 -9.32 -8.12
C ASP A 33 -9.61 -8.58 -6.80
N CYS A 34 -9.91 -7.28 -6.85
CA CYS A 34 -9.89 -6.43 -5.69
C CYS A 34 -10.88 -6.94 -4.64
N LYS A 35 -10.38 -7.34 -3.48
CA LYS A 35 -11.25 -7.79 -2.40
C LYS A 35 -11.81 -6.59 -1.67
N SER A 36 -13.13 -6.53 -1.58
CA SER A 36 -13.81 -5.35 -1.04
C SER A 36 -13.45 -5.06 0.42
N PRO A 37 -13.61 -6.05 1.34
CA PRO A 37 -13.27 -5.84 2.76
C PRO A 37 -11.79 -5.55 2.92
N ASP A 38 -10.99 -6.07 2.00
CA ASP A 38 -9.56 -5.84 2.01
C ASP A 38 -9.23 -4.44 1.53
N CYS A 39 -9.77 -4.05 0.38
CA CYS A 39 -9.45 -2.78 -0.24
C CYS A 39 -10.62 -2.22 -1.02
N LYS A 40 -10.71 -0.90 -1.06
CA LYS A 40 -11.75 -0.21 -1.81
C LYS A 40 -11.25 0.11 -3.21
N TRP A 41 -12.10 -0.05 -4.20
CA TRP A 41 -11.77 0.31 -5.57
C TRP A 41 -11.87 1.82 -5.72
N GLU A 42 -10.76 2.46 -6.08
CA GLU A 42 -10.74 3.92 -6.18
C GLU A 42 -9.75 4.37 -7.25
N GLY A 43 -10.22 5.24 -8.14
CA GLY A 43 -9.39 5.73 -9.22
C GLY A 43 -8.88 4.63 -10.11
N GLY A 44 -9.74 3.63 -10.36
CA GLY A 44 -9.36 2.49 -11.15
C GLY A 44 -8.20 1.72 -10.55
N THR A 45 -8.14 1.69 -9.23
CA THR A 45 -7.06 1.05 -8.52
C THR A 45 -7.54 0.52 -7.17
N CYS A 46 -7.14 -0.70 -6.84
CA CYS A 46 -7.53 -1.31 -5.58
C CYS A 46 -6.68 -0.74 -4.45
N LYS A 47 -7.32 -0.21 -3.41
CA LYS A 47 -6.60 0.46 -2.33
C LYS A 47 -7.45 0.59 -1.07
N ASP A 48 -6.88 0.25 0.07
CA ASP A 48 -7.58 0.37 1.33
C ASP A 48 -7.17 1.65 2.06
N GLY A 1 37.91 31.28 -3.33
CA GLY A 1 36.44 31.12 -3.22
C GLY A 1 35.87 30.36 -4.41
N THR A 2 36.29 30.74 -5.61
CA THR A 2 35.82 30.10 -6.82
C THR A 2 36.33 28.65 -6.90
N LYS A 3 35.42 27.72 -7.16
CA LYS A 3 35.76 26.31 -7.19
C LYS A 3 34.70 25.50 -7.94
N ALA A 4 34.13 26.13 -8.97
CA ALA A 4 33.09 25.53 -9.80
C ALA A 4 31.78 25.39 -9.02
N SER A 5 30.66 25.55 -9.74
CA SER A 5 29.34 25.48 -9.12
C SER A 5 29.15 24.15 -8.40
N LYS A 6 28.52 24.20 -7.23
CA LYS A 6 28.32 23.01 -6.41
C LYS A 6 27.61 21.92 -7.20
N SER A 7 28.23 20.74 -7.23
CA SER A 7 27.69 19.58 -7.94
C SER A 7 28.35 18.32 -7.39
N GLY A 8 27.54 17.34 -7.03
CA GLY A 8 28.08 16.12 -6.46
C GLY A 8 27.19 14.93 -6.72
N VAL A 9 26.59 14.91 -7.90
CA VAL A 9 25.75 13.81 -8.34
C VAL A 9 25.27 14.05 -9.76
N PRO A 10 25.48 13.09 -10.68
CA PRO A 10 25.11 13.23 -12.08
C PRO A 10 23.60 13.25 -12.27
N VAL A 11 22.92 12.47 -11.43
CA VAL A 11 21.47 12.32 -11.50
C VAL A 11 21.09 11.64 -12.81
N THR A 12 21.79 10.56 -13.11
CA THR A 12 21.51 9.77 -14.30
C THR A 12 20.18 9.05 -14.13
N GLN A 13 19.94 8.58 -12.91
CA GLN A 13 18.68 7.99 -12.55
C GLN A 13 18.26 8.54 -11.19
N THR A 14 17.13 9.21 -11.15
CA THR A 14 16.66 9.86 -9.94
C THR A 14 16.37 8.84 -8.86
N GLN A 15 17.12 8.91 -7.76
CA GLN A 15 16.98 7.95 -6.67
C GLN A 15 15.54 7.88 -6.19
N THR A 16 14.96 9.05 -5.92
CA THR A 16 13.55 9.16 -5.50
C THR A 16 13.35 8.67 -4.06
N ALA A 17 14.05 7.59 -3.68
CA ALA A 17 13.98 7.03 -2.34
C ALA A 17 12.57 6.57 -2.00
N GLY A 18 12.13 6.83 -0.77
CA GLY A 18 10.83 6.38 -0.34
C GLY A 18 10.84 4.95 0.16
N ALA A 19 10.12 4.68 1.22
CA ALA A 19 10.04 3.35 1.81
C ALA A 19 8.76 3.20 2.60
N ASP A 20 8.07 2.07 2.40
CA ASP A 20 6.78 1.82 3.03
C ASP A 20 5.76 2.87 2.62
N THR A 21 5.78 3.24 1.35
CA THR A 21 4.82 4.18 0.81
C THR A 21 3.47 3.48 0.63
N THR A 22 3.54 2.26 0.12
CA THR A 22 2.36 1.44 -0.12
C THR A 22 2.76 -0.03 -0.20
N ALA A 23 2.14 -0.87 0.62
CA ALA A 23 2.45 -2.30 0.64
C ALA A 23 2.07 -2.95 -0.68
N GLU A 24 0.95 -2.49 -1.24
CA GLU A 24 0.48 -2.92 -2.55
C GLU A 24 0.13 -4.39 -2.58
N LYS A 25 -0.52 -4.87 -1.54
CA LYS A 25 -1.09 -6.21 -1.56
C LYS A 25 -2.40 -6.19 -2.33
N CYS A 26 -3.12 -5.08 -2.22
CA CYS A 26 -4.32 -4.87 -2.99
C CYS A 26 -4.02 -4.00 -4.21
N LYS A 27 -3.26 -2.94 -3.99
CA LYS A 27 -2.89 -2.00 -5.06
C LYS A 27 -2.31 -2.74 -6.25
N GLY A 28 -2.85 -2.49 -7.42
CA GLY A 28 -2.39 -3.16 -8.62
C GLY A 28 -3.38 -4.17 -9.15
N LYS A 29 -4.18 -4.75 -8.26
CA LYS A 29 -5.15 -5.75 -8.64
C LYS A 29 -6.32 -5.13 -9.39
N GLY A 30 -6.85 -5.86 -10.37
CA GLY A 30 -8.01 -5.41 -11.11
C GLY A 30 -9.26 -5.44 -10.24
N GLU A 31 -10.37 -4.96 -10.76
CA GLU A 31 -11.62 -4.88 -9.98
C GLU A 31 -12.04 -6.26 -9.49
N LYS A 32 -11.83 -7.28 -10.31
CA LYS A 32 -12.19 -8.64 -9.95
C LYS A 32 -11.32 -9.18 -8.83
N ASP A 33 -10.02 -8.89 -8.90
CA ASP A 33 -9.09 -9.32 -7.86
C ASP A 33 -9.22 -8.46 -6.61
N CYS A 34 -9.47 -7.17 -6.83
CA CYS A 34 -9.64 -6.22 -5.74
C CYS A 34 -11.03 -6.36 -5.12
N LYS A 35 -11.48 -5.30 -4.47
CA LYS A 35 -12.75 -5.30 -3.73
C LYS A 35 -12.72 -6.32 -2.62
N SER A 36 -11.66 -6.26 -1.85
CA SER A 36 -11.50 -7.10 -0.69
C SER A 36 -12.46 -6.63 0.41
N PRO A 37 -12.60 -7.37 1.51
CA PRO A 37 -13.44 -6.94 2.63
C PRO A 37 -12.73 -5.88 3.47
N ASP A 38 -11.86 -5.12 2.80
CA ASP A 38 -11.08 -4.07 3.44
C ASP A 38 -10.61 -3.04 2.42
N CYS A 39 -10.02 -3.53 1.33
CA CYS A 39 -9.51 -2.66 0.27
C CYS A 39 -10.64 -2.18 -0.64
N LYS A 40 -10.61 -0.91 -0.99
CA LYS A 40 -11.65 -0.31 -1.82
C LYS A 40 -11.10 0.13 -3.18
N TRP A 41 -12.01 0.30 -4.13
CA TRP A 41 -11.67 0.72 -5.49
C TRP A 41 -11.77 2.26 -5.57
N GLU A 42 -10.80 2.89 -6.22
CA GLU A 42 -10.77 4.34 -6.30
C GLU A 42 -10.61 4.82 -7.75
N GLY A 43 -11.68 4.72 -8.52
CA GLY A 43 -11.66 5.24 -9.89
C GLY A 43 -10.62 4.57 -10.75
N GLY A 44 -10.73 3.25 -10.87
CA GLY A 44 -9.81 2.50 -11.70
C GLY A 44 -8.47 2.27 -11.03
N THR A 45 -8.51 1.95 -9.74
CA THR A 45 -7.30 1.60 -9.01
C THR A 45 -7.68 0.98 -7.67
N CYS A 46 -6.89 -0.01 -7.25
CA CYS A 46 -7.12 -0.69 -5.99
C CYS A 46 -6.19 -0.12 -4.93
N LYS A 47 -6.68 0.06 -3.72
CA LYS A 47 -5.87 0.63 -2.66
C LYS A 47 -6.35 0.17 -1.30
N ASP A 48 -5.44 0.12 -0.35
CA ASP A 48 -5.77 -0.19 1.03
C ASP A 48 -5.91 1.09 1.83
N GLY A 1 -4.90 -17.61 20.48
CA GLY A 1 -3.50 -17.96 20.82
C GLY A 1 -2.95 -17.05 21.90
N THR A 2 -1.66 -16.71 21.76
CA THR A 2 -0.95 -15.80 22.67
C THR A 2 -1.05 -16.24 24.14
N LYS A 3 0.09 -16.60 24.71
CA LYS A 3 0.16 -17.00 26.10
C LYS A 3 -0.13 -15.81 27.01
N ALA A 4 -0.93 -16.03 28.04
CA ALA A 4 -1.35 -14.97 28.94
C ALA A 4 -0.15 -14.33 29.63
N SER A 5 -0.06 -13.01 29.52
CA SER A 5 1.02 -12.23 30.11
C SER A 5 2.37 -12.73 29.59
N LYS A 6 2.49 -12.83 28.27
CA LYS A 6 3.71 -13.31 27.65
C LYS A 6 3.83 -12.74 26.24
N SER A 7 5.04 -12.35 25.88
CA SER A 7 5.32 -11.73 24.58
C SER A 7 5.08 -12.70 23.43
N GLY A 8 4.46 -12.20 22.38
CA GLY A 8 4.19 -13.01 21.21
C GLY A 8 3.60 -12.19 20.09
N VAL A 9 2.76 -12.82 19.28
CA VAL A 9 2.12 -12.14 18.17
C VAL A 9 0.60 -12.24 18.27
N PRO A 10 -0.07 -11.15 18.69
CA PRO A 10 -1.52 -11.13 18.86
C PRO A 10 -2.25 -11.19 17.52
N VAL A 11 -1.76 -10.43 16.55
CA VAL A 11 -2.35 -10.39 15.22
C VAL A 11 -2.10 -11.68 14.45
N THR A 12 -3.08 -12.09 13.67
CA THR A 12 -2.97 -13.30 12.87
C THR A 12 -2.02 -13.08 11.69
N GLN A 13 -2.12 -11.90 11.07
CA GLN A 13 -1.26 -11.54 9.96
C GLN A 13 0.19 -11.39 10.42
N THR A 14 1.10 -11.96 9.64
CA THR A 14 2.52 -11.86 9.93
C THR A 14 3.08 -10.51 9.48
N GLN A 15 2.75 -9.47 10.25
CA GLN A 15 3.14 -8.10 9.92
C GLN A 15 2.51 -7.67 8.60
N THR A 16 3.33 -7.12 7.72
CA THR A 16 2.87 -6.66 6.41
C THR A 16 2.78 -7.82 5.42
N ALA A 17 3.44 -8.93 5.75
CA ALA A 17 3.50 -10.11 4.89
C ALA A 17 4.20 -9.78 3.57
N GLY A 18 3.73 -10.36 2.48
CA GLY A 18 4.33 -10.10 1.18
C GLY A 18 4.05 -8.70 0.69
N ALA A 19 5.08 -8.03 0.19
CA ALA A 19 4.94 -6.67 -0.31
C ALA A 19 6.10 -6.30 -1.22
N ASP A 20 5.78 -5.80 -2.41
CA ASP A 20 6.78 -5.35 -3.37
C ASP A 20 7.41 -4.05 -2.90
N THR A 21 6.54 -3.19 -2.40
CA THR A 21 6.91 -1.88 -1.88
C THR A 21 5.73 -1.36 -1.08
N THR A 22 4.55 -1.58 -1.62
CA THR A 22 3.32 -1.29 -0.91
C THR A 22 2.87 -2.53 -0.13
N ALA A 23 2.64 -2.36 1.17
CA ALA A 23 2.22 -3.47 2.02
C ALA A 23 0.89 -4.02 1.55
N GLU A 24 0.00 -3.11 1.17
CA GLU A 24 -1.31 -3.47 0.69
C GLU A 24 -1.21 -4.33 -0.56
N LYS A 25 -1.53 -5.60 -0.40
CA LYS A 25 -1.54 -6.56 -1.50
C LYS A 25 -2.77 -6.35 -2.38
N CYS A 26 -2.98 -5.11 -2.75
CA CYS A 26 -4.14 -4.71 -3.54
C CYS A 26 -3.73 -3.64 -4.54
N LYS A 27 -2.66 -2.93 -4.21
CA LYS A 27 -2.23 -1.78 -5.00
C LYS A 27 -2.01 -2.16 -6.47
N GLY A 28 -2.92 -1.70 -7.32
CA GLY A 28 -2.80 -1.94 -8.73
C GLY A 28 -3.21 -3.34 -9.16
N LYS A 29 -4.44 -3.73 -8.84
CA LYS A 29 -4.97 -5.00 -9.33
C LYS A 29 -6.35 -4.80 -9.95
N GLY A 30 -6.82 -5.81 -10.66
CA GLY A 30 -8.08 -5.74 -11.35
C GLY A 30 -9.27 -5.80 -10.41
N GLU A 31 -10.44 -5.44 -10.93
CA GLU A 31 -11.67 -5.44 -10.15
C GLU A 31 -12.09 -6.87 -9.79
N LYS A 32 -11.84 -7.81 -10.69
CA LYS A 32 -12.12 -9.23 -10.42
C LYS A 32 -10.97 -9.87 -9.66
N ASP A 33 -10.42 -9.11 -8.74
CA ASP A 33 -9.30 -9.55 -7.93
C ASP A 33 -9.28 -8.76 -6.63
N CYS A 34 -9.50 -7.45 -6.77
CA CYS A 34 -9.60 -6.55 -5.63
C CYS A 34 -10.82 -6.89 -4.78
N LYS A 35 -10.60 -7.03 -3.48
CA LYS A 35 -11.69 -7.31 -2.55
C LYS A 35 -11.98 -6.06 -1.74
N SER A 36 -13.20 -5.54 -1.87
CA SER A 36 -13.58 -4.26 -1.26
C SER A 36 -13.40 -4.23 0.27
N PRO A 37 -13.87 -5.25 1.02
CA PRO A 37 -13.74 -5.25 2.48
C PRO A 37 -12.27 -5.17 2.93
N ASP A 38 -11.38 -5.70 2.09
CA ASP A 38 -9.96 -5.69 2.39
C ASP A 38 -9.30 -4.41 1.87
N CYS A 39 -9.63 -4.02 0.65
CA CYS A 39 -9.08 -2.80 0.05
C CYS A 39 -10.15 -2.13 -0.78
N LYS A 40 -10.19 -0.82 -0.77
CA LYS A 40 -11.25 -0.10 -1.48
C LYS A 40 -10.88 0.19 -2.91
N TRP A 41 -11.89 0.19 -3.76
CA TRP A 41 -11.73 0.46 -5.17
C TRP A 41 -12.01 1.93 -5.44
N GLU A 42 -11.02 2.64 -5.95
CA GLU A 42 -11.18 4.07 -6.23
C GLU A 42 -10.39 4.46 -7.47
N GLY A 43 -11.05 5.16 -8.39
CA GLY A 43 -10.41 5.57 -9.63
C GLY A 43 -9.89 4.40 -10.43
N GLY A 44 -10.69 3.33 -10.51
CA GLY A 44 -10.27 2.13 -11.19
C GLY A 44 -8.98 1.57 -10.61
N THR A 45 -8.81 1.71 -9.32
CA THR A 45 -7.58 1.32 -8.65
C THR A 45 -7.88 0.75 -7.26
N CYS A 46 -7.30 -0.40 -6.97
CA CYS A 46 -7.47 -1.04 -5.68
C CYS A 46 -6.40 -0.55 -4.72
N LYS A 47 -6.81 -0.21 -3.49
CA LYS A 47 -5.86 0.28 -2.50
C LYS A 47 -6.52 0.42 -1.13
N ASP A 48 -5.72 0.34 -0.09
CA ASP A 48 -6.19 0.56 1.27
C ASP A 48 -6.20 2.06 1.56
N GLY A 1 22.69 -17.27 23.22
CA GLY A 1 23.14 -18.16 22.13
C GLY A 1 24.30 -17.56 21.36
N THR A 2 25.27 -18.40 21.02
CA THR A 2 26.44 -17.93 20.28
C THR A 2 26.19 -17.93 18.77
N LYS A 3 27.22 -18.28 17.99
CA LYS A 3 27.16 -18.31 16.53
C LYS A 3 27.07 -16.90 15.94
N ALA A 4 27.80 -16.68 14.87
CA ALA A 4 27.82 -15.37 14.21
C ALA A 4 26.51 -15.13 13.46
N SER A 5 25.78 -16.20 13.17
CA SER A 5 24.54 -16.13 12.41
C SER A 5 23.37 -15.61 13.26
N LYS A 6 23.64 -14.64 14.12
CA LYS A 6 22.59 -13.99 14.89
C LYS A 6 22.12 -12.74 14.17
N SER A 7 20.81 -12.62 14.00
CA SER A 7 20.24 -11.47 13.33
C SER A 7 19.94 -10.37 14.34
N GLY A 8 20.61 -9.23 14.19
CA GLY A 8 20.34 -8.10 15.06
C GLY A 8 19.06 -7.40 14.66
N VAL A 9 18.93 -7.16 13.37
CA VAL A 9 17.71 -6.57 12.81
C VAL A 9 16.62 -7.62 12.74
N PRO A 10 15.41 -7.29 13.20
CA PRO A 10 14.25 -8.20 13.17
C PRO A 10 13.72 -8.40 11.75
N VAL A 11 14.56 -8.96 10.88
CA VAL A 11 14.22 -9.15 9.48
C VAL A 11 13.19 -10.27 9.27
N THR A 12 12.13 -10.22 10.05
CA THR A 12 11.04 -11.16 9.91
C THR A 12 10.17 -10.81 8.69
N GLN A 13 9.82 -11.83 7.91
CA GLN A 13 9.04 -11.66 6.69
C GLN A 13 9.87 -11.01 5.59
N THR A 14 9.64 -11.42 4.35
CA THR A 14 10.36 -10.88 3.20
C THR A 14 9.85 -9.50 2.81
N GLN A 15 9.76 -8.59 3.79
CA GLN A 15 9.22 -7.26 3.57
C GLN A 15 9.61 -6.33 4.73
N THR A 16 10.80 -6.56 5.28
CA THR A 16 11.31 -5.74 6.36
C THR A 16 11.94 -4.46 5.81
N ALA A 17 11.50 -3.32 6.31
CA ALA A 17 12.01 -2.03 5.86
C ALA A 17 11.61 -0.91 6.80
N GLY A 18 10.38 -0.98 7.30
CA GLY A 18 9.87 0.10 8.14
C GLY A 18 9.65 1.36 7.35
N ALA A 19 9.07 1.22 6.17
CA ALA A 19 8.87 2.34 5.27
C ALA A 19 7.63 2.14 4.41
N ASP A 20 7.49 0.95 3.85
CA ASP A 20 6.34 0.65 3.02
C ASP A 20 5.10 0.45 3.86
N THR A 21 4.10 1.28 3.63
CA THR A 21 2.83 1.18 4.33
C THR A 21 2.08 -0.08 3.93
N THR A 22 2.27 -0.48 2.67
CA THR A 22 1.67 -1.70 2.16
C THR A 22 2.57 -2.33 1.12
N ALA A 23 2.81 -3.63 1.26
CA ALA A 23 3.68 -4.37 0.36
C ALA A 23 2.92 -4.81 -0.89
N GLU A 24 2.19 -3.86 -1.49
CA GLU A 24 1.42 -4.10 -2.69
C GLU A 24 0.45 -5.28 -2.51
N LYS A 25 -0.25 -5.26 -1.39
CA LYS A 25 -1.26 -6.27 -1.13
C LYS A 25 -2.52 -5.95 -1.92
N CYS A 26 -2.76 -4.65 -2.08
CA CYS A 26 -3.91 -4.18 -2.82
C CYS A 26 -3.48 -3.51 -4.13
N LYS A 27 -2.28 -2.96 -4.13
CA LYS A 27 -1.80 -2.17 -5.26
C LYS A 27 -1.73 -3.02 -6.53
N GLY A 28 -2.29 -2.47 -7.60
CA GLY A 28 -2.22 -3.10 -8.90
C GLY A 28 -3.13 -4.31 -9.07
N LYS A 29 -4.11 -4.48 -8.19
CA LYS A 29 -5.08 -5.54 -8.37
C LYS A 29 -6.29 -5.03 -9.14
N GLY A 30 -6.77 -5.83 -10.07
CA GLY A 30 -7.95 -5.46 -10.84
C GLY A 30 -9.21 -5.49 -10.01
N GLU A 31 -10.29 -4.91 -10.51
CA GLU A 31 -11.54 -4.82 -9.77
C GLU A 31 -12.08 -6.20 -9.41
N LYS A 32 -11.87 -7.17 -10.28
CA LYS A 32 -12.31 -8.53 -10.01
C LYS A 32 -11.49 -9.16 -8.89
N ASP A 33 -10.17 -8.96 -8.95
CA ASP A 33 -9.26 -9.53 -7.96
C ASP A 33 -9.31 -8.74 -6.65
N CYS A 34 -9.31 -7.42 -6.75
CA CYS A 34 -9.35 -6.56 -5.57
C CYS A 34 -10.78 -6.46 -5.05
N LYS A 35 -11.01 -6.95 -3.83
CA LYS A 35 -12.33 -6.88 -3.23
C LYS A 35 -12.48 -5.57 -2.47
N SER A 36 -13.70 -5.06 -2.42
CA SER A 36 -13.97 -3.80 -1.73
C SER A 36 -13.68 -3.91 -0.22
N PRO A 37 -14.23 -4.93 0.50
CA PRO A 37 -13.92 -5.12 1.91
C PRO A 37 -12.44 -5.39 2.14
N ASP A 38 -11.82 -6.02 1.15
CA ASP A 38 -10.39 -6.32 1.19
C ASP A 38 -9.57 -5.06 1.02
N CYS A 39 -9.92 -4.27 0.02
CA CYS A 39 -9.14 -3.10 -0.36
C CYS A 39 -10.05 -2.02 -0.91
N LYS A 40 -9.75 -0.77 -0.61
CA LYS A 40 -10.57 0.35 -1.06
C LYS A 40 -10.45 0.53 -2.56
N TRP A 41 -11.58 0.50 -3.24
CA TRP A 41 -11.62 0.71 -4.68
C TRP A 41 -12.20 2.07 -5.00
N GLU A 42 -11.47 2.87 -5.77
CA GLU A 42 -11.93 4.20 -6.11
C GLU A 42 -12.75 4.17 -7.40
N GLY A 43 -12.11 3.72 -8.47
CA GLY A 43 -12.78 3.61 -9.75
C GLY A 43 -11.83 3.16 -10.82
N GLY A 44 -10.96 2.22 -10.47
CA GLY A 44 -9.93 1.76 -11.37
C GLY A 44 -8.68 1.37 -10.61
N THR A 45 -8.33 2.19 -9.63
CA THR A 45 -7.18 1.94 -8.79
C THR A 45 -7.58 1.43 -7.41
N CYS A 46 -6.91 0.39 -6.95
CA CYS A 46 -7.16 -0.19 -5.64
C CYS A 46 -6.11 0.29 -4.64
N LYS A 47 -6.50 0.49 -3.40
CA LYS A 47 -5.59 0.95 -2.37
C LYS A 47 -5.94 0.41 -1.00
N ASP A 48 -4.92 0.05 -0.25
CA ASP A 48 -5.07 -0.50 1.09
C ASP A 48 -5.57 0.59 2.05
#